data_1G9D
#
_entry.id   1G9D
#
_cell.length_a   76.650
_cell.length_b   123.280
_cell.length_c   95.690
_cell.angle_alpha   90.00
_cell.angle_beta   112.92
_cell.angle_gamma   90.00
#
_symmetry.space_group_name_H-M   'P 1 21 1'
#
loop_
_entity.id
_entity.type
_entity.pdbx_description
1 polymer 'BOTULINUM NEUROTOXIN TYPE B'
2 non-polymer 'ZINC ION'
3 non-polymer BIS(5-AMIDINO-BENZIMIDAZOLYL)METHANE
4 water water
#
_entity_poly.entity_id   1
_entity_poly.type   'polypeptide(L)'
_entity_poly.pdbx_seq_one_letter_code
;PVTINNFNYNDPIDNNNIIMMEPPFARGTGRYYKAFKITDRIWIIPERYTFGYKPEDFNKSSGIFNRDVCEYYDPDYLNT
NDKKNIFLQTMIKLFNRIKSKPLGEKLLEMIINGIPYLGDRRVPLEEFNTNIASVTVNKLISNPGEVERKKGIFANLIIF
GPGPVLNENETIDIGIQNHFASREGFGGIMQMKFCPEYVSVFNNVQENKGASIFNRRGYFSDPALILMHELIHVLHGLYG
IKVDDLPIVPNEKKFFMQSTDAIQAEELYTFGGQDPSIITPSTDKSIYDKVLQNFRGIVDRLNKVLVCISDPNININIYK
NKFKDKYKFVEDSEGKYSIDVESFDKLYKSLMFGFTETNIAENYKIKTRASYFSDSLPPVKIKNLLDNEIYTIEEGFNIS
DKDMEKEYRGQNKAINKQAYEEISKEHLAVYKIQMCKSVKAPGICIDVDNEDLFFIADKNSFSDDLSKNERIEYNTQSNY
IENDFPINELILDTDLISKIELPSENTESLTDFNVDVPVYEKQPAIKKIFTDENTIFQYLYSQTFPLDIRDISLTSSFDD
ALLFSNKVYSFFSMDYIKTANKVVEAGLFAGWVKQIVNDFVIEANKSNTMDKIADISLIVPYIGLALNVGNETAKGNFEN
AFEIAGASILLEFIPELLIPVVGAFLLESYIDNKNKIIKTIDNALTKRNEKWSDMYGLIVAQWLSTVNTQFYTIKEGMYK
ALNYQAQALEEIIKYRYNIYSEKEKSNINIDFNDINSKLNEGINQAIDNINNFINGCSVSYLMKKMIPLAVEKLLDFDNT
LKKNLLNYIDENKLYLIGSAEYEKSKVNKYLKTIMPFDLSIYTNDTILIEMFNKYNSEILNNIILNLRYKDNNLIDLSGY
GAKVEVYDGVELNDKNQFKLTSSANSKIRVTQNQNIIFNSVFLDFSVSFWIRIPKYKNDGIQNYIHNEYTIINCMKNNSG
WKISIRGNRIIWTLIDINGKTKSVFFEYNIREDISEYINRWFFVTITNNLNNAKIYINGKLESNTDIKDIREVIANGEII
FKLDGDIDRTQFIWMKYFSIFNTELSQSNIEERYKIQSYSEYLKDFWGNPLMYNKEYYMFNAGNKNSYIKLKKDSPVGEI
LTRSKYNQNSKYINYRDLYIGEKFIIRRKSNSQSINDDIVRKEDYIYLDFFNLNQEWRVYTYKYFKKEEEKLFLAPISDS
DEFYNTIQIKEYDEQPTYSCQLLFKKDEESTDEIGLIGIHRFYESGIVFEEYKDYFCISKWYLKEVKRKPYNLKLGCNWQ
FIPKDEGWTE
;
_entity_poly.pdbx_strand_id   A
#
loop_
_chem_comp.id
_chem_comp.type
_chem_comp.name
_chem_comp.formula
BAB non-polymer BIS(5-AMIDINO-BENZIMIDAZOLYL)METHANE 'C17 H19 N8 3'
ZN non-polymer 'ZINC ION' 'Zn 2'
#
# COMPACT_ATOMS: atom_id res chain seq x y z
N PRO A 1 -42.40 5.82 -19.65
CA PRO A 1 -40.97 5.88 -20.08
C PRO A 1 -40.48 7.31 -20.33
N VAL A 2 -39.23 7.45 -20.74
CA VAL A 2 -38.63 8.75 -21.00
C VAL A 2 -38.54 9.05 -22.49
N THR A 3 -39.29 10.04 -22.93
CA THR A 3 -39.32 10.44 -24.32
C THR A 3 -38.32 11.57 -24.63
N ILE A 4 -37.47 11.34 -25.63
CA ILE A 4 -36.49 12.34 -26.05
C ILE A 4 -37.04 13.03 -27.30
N ASN A 5 -37.29 14.33 -27.22
CA ASN A 5 -37.82 15.07 -28.36
C ASN A 5 -36.78 15.25 -29.46
N ASN A 6 -37.26 15.65 -30.63
CA ASN A 6 -36.41 15.89 -31.80
C ASN A 6 -36.68 17.27 -32.39
N PHE A 7 -35.63 17.90 -32.91
CA PHE A 7 -35.75 19.23 -33.49
C PHE A 7 -34.41 19.71 -34.03
N ASN A 8 -34.45 20.80 -34.79
CA ASN A 8 -33.25 21.36 -35.38
C ASN A 8 -33.15 22.77 -34.87
N TYR A 9 -31.95 23.33 -34.86
CA TYR A 9 -31.80 24.69 -34.35
C TYR A 9 -32.67 25.71 -35.06
N ASN A 10 -32.73 25.63 -36.38
CA ASN A 10 -33.51 26.58 -37.17
C ASN A 10 -35.02 26.41 -37.11
N ASP A 11 -35.49 25.41 -36.37
CA ASP A 11 -36.92 25.20 -36.26
C ASP A 11 -37.54 26.44 -35.60
N PRO A 12 -38.78 26.75 -35.97
CA PRO A 12 -39.55 27.89 -35.46
C PRO A 12 -39.92 27.84 -33.98
N ILE A 13 -39.93 29.01 -33.36
CA ILE A 13 -40.28 29.15 -31.96
C ILE A 13 -41.79 28.93 -31.85
N ASP A 14 -42.20 27.90 -31.11
CA ASP A 14 -43.62 27.62 -30.96
C ASP A 14 -44.17 27.99 -29.58
N ASN A 15 -43.30 28.50 -28.71
CA ASN A 15 -43.68 28.89 -27.36
C ASN A 15 -44.05 27.71 -26.47
N ASN A 16 -43.79 26.50 -26.94
CA ASN A 16 -44.09 25.31 -26.16
C ASN A 16 -42.84 24.46 -25.95
N ASN A 17 -42.36 23.82 -27.01
CA ASN A 17 -41.17 22.97 -26.91
C ASN A 17 -39.93 23.65 -27.46
N ILE A 18 -40.13 24.81 -28.05
CA ILE A 18 -39.03 25.61 -28.60
C ILE A 18 -39.42 27.02 -28.25
N ILE A 19 -38.88 27.51 -27.15
CA ILE A 19 -39.21 28.84 -26.65
C ILE A 19 -38.07 29.85 -26.74
N MET A 20 -38.35 31.03 -26.21
CA MET A 20 -37.38 32.11 -26.10
C MET A 20 -37.31 32.30 -24.60
N MET A 21 -36.31 31.67 -23.99
CA MET A 21 -36.15 31.72 -22.55
C MET A 21 -35.38 32.90 -22.02
N GLU A 22 -35.74 33.28 -20.79
CA GLU A 22 -35.06 34.35 -20.06
C GLU A 22 -34.39 33.57 -18.93
N PRO A 23 -33.07 33.27 -19.08
CA PRO A 23 -32.27 32.51 -18.10
C PRO A 23 -32.31 33.12 -16.71
N PRO A 24 -32.27 32.25 -15.67
CA PRO A 24 -32.31 32.65 -14.26
C PRO A 24 -31.29 33.70 -13.86
N PHE A 25 -30.09 33.64 -14.44
CA PHE A 25 -29.05 34.59 -14.08
C PHE A 25 -29.08 35.90 -14.86
N ALA A 26 -30.11 36.06 -15.69
CA ALA A 26 -30.24 37.28 -16.50
C ALA A 26 -30.85 38.43 -15.69
N ARG A 27 -31.41 38.09 -14.52
CA ARG A 27 -32.04 39.08 -13.64
C ARG A 27 -33.22 39.79 -14.32
N GLY A 28 -33.99 39.02 -15.07
CA GLY A 28 -35.14 39.57 -15.77
C GLY A 28 -34.83 40.57 -16.85
N THR A 29 -33.57 40.68 -17.23
CA THR A 29 -33.16 41.63 -18.26
C THR A 29 -32.31 40.96 -19.35
N GLY A 30 -31.60 41.79 -20.13
CA GLY A 30 -30.78 41.25 -21.19
C GLY A 30 -31.61 40.51 -22.22
N ARG A 31 -30.96 39.92 -23.22
CA ARG A 31 -31.69 39.22 -24.25
C ARG A 31 -32.08 37.78 -23.90
N TYR A 32 -32.96 37.22 -24.72
CA TYR A 32 -33.44 35.87 -24.52
C TYR A 32 -32.61 34.85 -25.31
N TYR A 33 -32.79 33.58 -24.98
CA TYR A 33 -32.04 32.50 -25.62
C TYR A 33 -32.94 31.43 -26.22
N LYS A 34 -32.68 31.07 -27.46
CA LYS A 34 -33.47 30.04 -28.09
C LYS A 34 -33.19 28.75 -27.30
N ALA A 35 -34.21 28.25 -26.60
CA ALA A 35 -34.07 27.04 -25.80
C ALA A 35 -34.96 25.93 -26.35
N PHE A 36 -34.48 24.70 -26.26
CA PHE A 36 -35.20 23.53 -26.75
C PHE A 36 -35.47 22.52 -25.62
N LYS A 37 -36.69 22.01 -25.58
CA LYS A 37 -37.10 21.06 -24.54
C LYS A 37 -36.77 19.63 -24.93
N ILE A 38 -35.57 19.19 -24.64
CA ILE A 38 -35.19 17.84 -24.98
C ILE A 38 -36.09 16.79 -24.29
N THR A 39 -36.60 17.11 -23.11
CA THR A 39 -37.52 16.23 -22.38
C THR A 39 -38.29 17.09 -21.40
N ASP A 40 -39.35 16.55 -20.83
CA ASP A 40 -40.14 17.30 -19.86
C ASP A 40 -39.22 17.86 -18.80
N ARG A 41 -39.48 19.10 -18.41
CA ARG A 41 -38.73 19.81 -17.38
C ARG A 41 -37.23 20.01 -17.64
N ILE A 42 -36.75 19.61 -18.83
CA ILE A 42 -35.34 19.76 -19.16
C ILE A 42 -35.07 20.50 -20.47
N TRP A 43 -34.33 21.61 -20.40
CA TRP A 43 -34.02 22.41 -21.58
C TRP A 43 -32.57 22.47 -21.98
N ILE A 44 -32.33 22.56 -23.28
CA ILE A 44 -30.98 22.68 -23.82
C ILE A 44 -30.84 24.03 -24.48
N ILE A 45 -29.85 24.82 -24.08
CA ILE A 45 -29.62 26.11 -24.72
C ILE A 45 -28.21 26.04 -25.32
N PRO A 46 -28.11 25.75 -26.62
CA PRO A 46 -26.82 25.63 -27.34
C PRO A 46 -26.03 26.91 -27.54
N GLU A 47 -25.65 27.52 -26.42
CA GLU A 47 -24.88 28.74 -26.42
C GLU A 47 -23.91 28.70 -25.26
N ARG A 48 -22.84 29.46 -25.38
CA ARG A 48 -21.83 29.54 -24.35
C ARG A 48 -22.43 30.10 -23.07
N TYR A 49 -21.95 29.59 -21.94
CA TYR A 49 -22.38 30.05 -20.64
C TYR A 49 -21.54 31.30 -20.46
N THR A 50 -22.16 32.44 -20.22
CA THR A 50 -21.39 33.66 -20.07
C THR A 50 -21.58 34.32 -18.71
N PHE A 51 -22.57 33.85 -17.96
CA PHE A 51 -22.86 34.40 -16.65
C PHE A 51 -21.71 34.33 -15.67
N GLY A 52 -21.24 35.51 -15.25
CA GLY A 52 -20.16 35.61 -14.29
C GLY A 52 -18.80 35.74 -14.94
N TYR A 53 -18.77 35.56 -16.26
CA TYR A 53 -17.52 35.65 -17.03
C TYR A 53 -17.42 36.89 -17.91
N LYS A 54 -16.19 37.36 -18.12
CA LYS A 54 -15.96 38.50 -18.98
C LYS A 54 -15.67 37.98 -20.38
N PRO A 55 -16.19 38.67 -21.40
CA PRO A 55 -15.98 38.28 -22.81
C PRO A 55 -14.55 37.85 -23.15
N GLU A 56 -13.56 38.56 -22.62
CA GLU A 56 -12.16 38.25 -22.90
C GLU A 56 -11.68 36.96 -22.22
N ASP A 57 -12.32 36.60 -21.11
CA ASP A 57 -11.94 35.38 -20.41
C ASP A 57 -12.02 34.17 -21.32
N PHE A 58 -12.80 34.29 -22.40
CA PHE A 58 -12.96 33.17 -23.34
C PHE A 58 -11.74 32.91 -24.21
N ASN A 59 -10.76 33.80 -24.15
CA ASN A 59 -9.53 33.64 -24.91
C ASN A 59 -8.45 33.07 -23.97
N LYS A 60 -7.53 32.28 -24.51
CA LYS A 60 -6.45 31.72 -23.71
C LYS A 60 -5.61 32.90 -23.22
N SER A 61 -5.23 32.87 -21.94
CA SER A 61 -4.41 33.95 -21.39
C SER A 61 -3.32 33.36 -20.49
N SER A 62 -2.69 34.21 -19.69
CA SER A 62 -1.63 33.76 -18.80
C SER A 62 -2.23 33.42 -17.45
N GLY A 63 -3.56 33.38 -17.41
CA GLY A 63 -4.25 33.06 -16.18
C GLY A 63 -5.00 31.76 -16.37
N ILE A 64 -5.69 31.32 -15.32
CA ILE A 64 -6.48 30.11 -15.36
C ILE A 64 -7.59 30.24 -14.35
N PHE A 65 -8.67 29.49 -14.53
CA PHE A 65 -9.75 29.58 -13.58
C PHE A 65 -9.57 28.56 -12.45
N ASN A 66 -9.32 27.31 -12.82
CA ASN A 66 -9.15 26.23 -11.85
C ASN A 66 -7.71 25.73 -11.83
N ARG A 67 -7.08 25.76 -10.66
CA ARG A 67 -5.69 25.35 -10.49
C ARG A 67 -5.38 23.88 -10.77
N ASP A 68 -6.39 23.02 -10.73
CA ASP A 68 -6.18 21.59 -10.94
C ASP A 68 -6.70 21.05 -12.26
N VAL A 69 -6.69 21.87 -13.29
CA VAL A 69 -7.20 21.43 -14.57
C VAL A 69 -6.36 21.93 -15.74
N CYS A 70 -6.22 21.09 -16.75
CA CYS A 70 -5.49 21.51 -17.94
C CYS A 70 -6.61 22.15 -18.77
N GLU A 71 -6.71 23.47 -18.70
CA GLU A 71 -7.78 24.21 -19.37
C GLU A 71 -7.64 24.52 -20.84
N TYR A 72 -8.65 24.14 -21.61
CA TYR A 72 -8.65 24.40 -23.03
C TYR A 72 -9.57 25.58 -23.34
N TYR A 73 -9.12 26.50 -24.18
CA TYR A 73 -9.89 27.68 -24.54
C TYR A 73 -10.07 27.77 -26.04
N ASP A 74 -11.29 28.10 -26.47
CA ASP A 74 -11.62 28.23 -27.88
C ASP A 74 -12.93 29.01 -28.01
N PRO A 75 -12.82 30.34 -28.15
CA PRO A 75 -13.99 31.23 -28.27
C PRO A 75 -14.89 31.03 -29.49
N ASP A 76 -14.45 30.22 -30.45
CA ASP A 76 -15.23 29.98 -31.66
C ASP A 76 -16.20 28.82 -31.54
N TYR A 77 -16.10 28.06 -30.48
CA TYR A 77 -17.00 26.93 -30.28
C TYR A 77 -18.43 27.49 -30.22
N LEU A 78 -19.34 26.87 -30.96
CA LEU A 78 -20.73 27.31 -31.02
C LEU A 78 -20.96 28.72 -31.57
N ASN A 79 -20.09 29.23 -32.44
CA ASN A 79 -20.29 30.57 -32.96
C ASN A 79 -21.05 30.67 -34.28
N THR A 80 -21.67 29.57 -34.70
CA THR A 80 -22.47 29.57 -35.93
C THR A 80 -23.70 28.71 -35.68
N ASN A 81 -24.75 28.96 -36.48
CA ASN A 81 -25.99 28.21 -36.34
C ASN A 81 -25.77 26.72 -36.52
N ASP A 82 -24.97 26.36 -37.52
CA ASP A 82 -24.70 24.94 -37.76
C ASP A 82 -23.99 24.33 -36.55
N LYS A 83 -23.13 25.11 -35.90
CA LYS A 83 -22.42 24.59 -34.73
C LYS A 83 -23.41 24.37 -33.60
N LYS A 84 -24.41 25.25 -33.50
CA LYS A 84 -25.42 25.12 -32.46
C LYS A 84 -26.26 23.87 -32.69
N ASN A 85 -26.64 23.63 -33.94
CA ASN A 85 -27.43 22.47 -34.28
C ASN A 85 -26.68 21.18 -34.02
N ILE A 86 -25.38 21.15 -34.33
CA ILE A 86 -24.58 19.95 -34.12
C ILE A 86 -24.60 19.66 -32.63
N PHE A 87 -24.64 20.72 -31.82
CA PHE A 87 -24.69 20.60 -30.37
C PHE A 87 -26.01 19.91 -29.98
N LEU A 88 -27.12 20.43 -30.49
CA LEU A 88 -28.44 19.86 -30.21
C LEU A 88 -28.50 18.38 -30.56
N GLN A 89 -28.03 18.05 -31.75
CA GLN A 89 -28.02 16.67 -32.23
C GLN A 89 -27.16 15.77 -31.36
N THR A 90 -26.09 16.33 -30.81
CA THR A 90 -25.22 15.55 -29.96
C THR A 90 -25.91 15.35 -28.61
N MET A 91 -26.45 16.41 -28.04
CA MET A 91 -27.15 16.30 -26.77
C MET A 91 -28.28 15.26 -26.85
N ILE A 92 -29.05 15.32 -27.93
CA ILE A 92 -30.14 14.38 -28.15
C ILE A 92 -29.58 12.96 -28.18
N LYS A 93 -28.44 12.77 -28.86
CA LYS A 93 -27.87 11.45 -28.95
C LYS A 93 -27.33 10.97 -27.61
N LEU A 94 -26.78 11.88 -26.81
CA LEU A 94 -26.26 11.51 -25.50
C LEU A 94 -27.38 11.12 -24.55
N PHE A 95 -28.51 11.82 -24.64
CA PHE A 95 -29.64 11.48 -23.79
C PHE A 95 -30.16 10.11 -24.20
N ASN A 96 -30.26 9.84 -25.50
CA ASN A 96 -30.74 8.54 -25.95
C ASN A 96 -29.82 7.44 -25.45
N ARG A 97 -28.52 7.67 -25.49
CA ARG A 97 -27.59 6.66 -25.01
C ARG A 97 -27.84 6.43 -23.53
N ILE A 98 -28.10 7.52 -22.81
CA ILE A 98 -28.35 7.46 -21.37
C ILE A 98 -29.54 6.59 -21.02
N LYS A 99 -30.68 6.84 -21.65
CA LYS A 99 -31.87 6.07 -21.34
C LYS A 99 -31.85 4.69 -21.99
N SER A 100 -30.76 4.37 -22.67
CA SER A 100 -30.64 3.08 -23.35
C SER A 100 -30.55 1.93 -22.35
N LYS A 101 -30.31 2.26 -21.08
CA LYS A 101 -30.23 1.25 -20.03
C LYS A 101 -31.12 1.67 -18.87
N PRO A 102 -31.73 0.69 -18.18
CA PRO A 102 -32.61 0.94 -17.04
C PRO A 102 -32.05 1.97 -16.06
N LEU A 103 -30.82 1.74 -15.62
CA LEU A 103 -30.17 2.65 -14.69
C LEU A 103 -30.23 4.10 -15.16
N GLY A 104 -29.68 4.38 -16.34
CA GLY A 104 -29.68 5.72 -16.88
C GLY A 104 -31.05 6.33 -17.03
N GLU A 105 -32.02 5.54 -17.48
CA GLU A 105 -33.36 6.05 -17.65
C GLU A 105 -33.97 6.45 -16.32
N LYS A 106 -33.81 5.60 -15.31
CA LYS A 106 -34.36 5.91 -13.99
C LYS A 106 -33.74 7.19 -13.46
N LEU A 107 -32.47 7.42 -13.76
CA LEU A 107 -31.81 8.65 -13.33
C LEU A 107 -32.56 9.80 -14.00
N LEU A 108 -32.85 9.65 -15.29
CA LEU A 108 -33.57 10.67 -16.02
C LEU A 108 -34.99 10.83 -15.47
N GLU A 109 -35.64 9.73 -15.14
CA GLU A 109 -36.99 9.78 -14.60
C GLU A 109 -37.04 10.47 -13.23
N MET A 110 -36.00 10.23 -12.42
CA MET A 110 -35.94 10.87 -11.10
C MET A 110 -35.76 12.37 -11.27
N ILE A 111 -34.98 12.77 -12.27
CA ILE A 111 -34.73 14.18 -12.52
C ILE A 111 -35.96 14.90 -13.06
N ILE A 112 -36.66 14.28 -14.01
CA ILE A 112 -37.86 14.88 -14.58
C ILE A 112 -38.96 15.02 -13.52
N ASN A 113 -39.10 14.01 -12.68
CA ASN A 113 -40.13 14.01 -11.64
C ASN A 113 -39.73 14.78 -10.37
N GLY A 114 -38.43 15.00 -10.17
CA GLY A 114 -37.96 15.71 -9.00
C GLY A 114 -38.13 17.21 -9.12
N ILE A 115 -39.38 17.65 -9.33
CA ILE A 115 -39.69 19.06 -9.46
C ILE A 115 -39.39 19.83 -8.16
N PRO A 116 -38.79 21.02 -8.26
CA PRO A 116 -38.47 21.82 -7.08
C PRO A 116 -39.73 22.11 -6.26
N TYR A 117 -39.59 22.22 -4.96
CA TYR A 117 -40.73 22.55 -4.12
C TYR A 117 -41.09 23.95 -4.54
N LEU A 118 -42.36 24.33 -4.41
CA LEU A 118 -42.78 25.67 -4.78
C LEU A 118 -42.45 26.69 -3.67
N GLY A 119 -41.24 27.23 -3.71
CA GLY A 119 -40.83 28.19 -2.70
C GLY A 119 -39.59 27.73 -1.97
N ASP A 120 -39.07 28.57 -1.08
CA ASP A 120 -37.88 28.22 -0.31
C ASP A 120 -38.03 28.54 1.18
N ARG A 121 -36.90 28.71 1.86
CA ARG A 121 -36.87 29.00 3.29
C ARG A 121 -37.69 30.24 3.67
N ARG A 122 -37.63 31.28 2.83
CA ARG A 122 -38.38 32.51 3.07
C ARG A 122 -39.90 32.34 3.07
N VAL A 123 -40.40 31.56 2.12
CA VAL A 123 -41.83 31.32 2.01
C VAL A 123 -42.45 30.78 3.30
N PRO A 124 -43.57 31.38 3.75
CA PRO A 124 -44.26 30.97 4.97
C PRO A 124 -44.65 29.50 4.85
N LEU A 125 -44.59 28.77 5.95
CA LEU A 125 -44.93 27.34 5.93
C LEU A 125 -46.24 27.05 5.21
N GLU A 126 -47.23 27.90 5.47
CA GLU A 126 -48.58 27.76 4.92
C GLU A 126 -48.75 28.00 3.42
N GLU A 127 -47.76 28.65 2.81
CA GLU A 127 -47.81 28.99 1.38
C GLU A 127 -47.03 28.16 0.36
N PHE A 128 -47.32 28.48 -0.90
CA PHE A 128 -46.67 27.93 -2.08
C PHE A 128 -46.40 29.24 -2.81
N ASN A 129 -45.13 29.54 -3.08
CA ASN A 129 -44.81 30.76 -3.80
C ASN A 129 -43.99 30.38 -5.01
N THR A 130 -44.56 30.59 -6.20
CA THR A 130 -43.86 30.24 -7.42
C THR A 130 -43.09 31.42 -7.98
N ASN A 131 -43.30 32.60 -7.41
CA ASN A 131 -42.62 33.78 -7.93
C ASN A 131 -41.21 34.00 -7.37
N ILE A 132 -40.37 32.97 -7.50
CA ILE A 132 -39.00 33.06 -7.05
C ILE A 132 -38.13 32.50 -8.16
N ALA A 133 -36.91 33.02 -8.31
CA ALA A 133 -36.00 32.59 -9.37
C ALA A 133 -35.59 31.12 -9.42
N SER A 134 -35.81 30.38 -8.34
CA SER A 134 -35.41 28.97 -8.33
C SER A 134 -36.56 28.02 -8.66
N VAL A 135 -37.75 28.58 -8.91
CA VAL A 135 -38.92 27.77 -9.22
C VAL A 135 -39.48 28.10 -10.60
N THR A 136 -39.52 29.39 -10.93
CA THR A 136 -40.07 29.85 -12.18
C THR A 136 -39.06 30.55 -13.07
N VAL A 137 -39.24 30.37 -14.38
CA VAL A 137 -38.38 30.98 -15.38
C VAL A 137 -39.29 31.45 -16.53
N ASN A 138 -39.02 32.63 -17.06
CA ASN A 138 -39.84 33.20 -18.13
C ASN A 138 -39.47 32.88 -19.56
N LYS A 139 -40.49 32.85 -20.41
CA LYS A 139 -40.30 32.62 -21.83
C LYS A 139 -41.02 33.79 -22.51
N LEU A 140 -40.41 34.33 -23.56
CA LEU A 140 -41.02 35.44 -24.30
C LEU A 140 -41.99 34.92 -25.36
N ILE A 141 -43.27 35.17 -25.15
CA ILE A 141 -44.29 34.70 -26.09
C ILE A 141 -44.48 35.65 -27.25
N SER A 142 -44.55 36.93 -26.91
CA SER A 142 -44.77 37.98 -27.89
C SER A 142 -43.83 37.98 -29.10
N ASN A 143 -44.26 38.69 -30.14
CA ASN A 143 -43.54 38.84 -31.39
C ASN A 143 -42.09 39.30 -31.17
N PRO A 144 -41.19 38.99 -32.13
CA PRO A 144 -39.77 39.36 -32.09
C PRO A 144 -39.49 40.86 -31.98
N GLY A 145 -38.56 41.19 -31.07
CA GLY A 145 -38.17 42.57 -30.87
C GLY A 145 -38.86 43.25 -29.69
N GLU A 146 -39.97 42.66 -29.24
CA GLU A 146 -40.73 43.22 -28.14
C GLU A 146 -41.00 42.20 -27.04
N VAL A 147 -40.58 42.53 -25.83
CA VAL A 147 -40.77 41.68 -24.66
C VAL A 147 -42.15 42.00 -24.07
N GLU A 148 -43.03 42.48 -24.94
CA GLU A 148 -44.39 42.88 -24.57
C GLU A 148 -45.21 41.80 -23.89
N ARG A 149 -44.91 40.54 -24.15
CA ARG A 149 -45.67 39.46 -23.54
C ARG A 149 -44.79 38.30 -23.04
N LYS A 150 -44.99 37.93 -21.78
CA LYS A 150 -44.21 36.85 -21.16
C LYS A 150 -45.11 35.77 -20.56
N LYS A 151 -44.61 34.54 -20.56
CA LYS A 151 -45.32 33.42 -19.98
C LYS A 151 -44.34 32.69 -19.07
N GLY A 152 -44.81 32.30 -17.90
CA GLY A 152 -43.94 31.62 -16.98
C GLY A 152 -44.00 30.12 -17.13
N ILE A 153 -42.94 29.44 -16.75
CA ILE A 153 -42.94 27.99 -16.83
C ILE A 153 -42.13 27.40 -15.69
N PHE A 154 -42.43 26.14 -15.37
CA PHE A 154 -41.71 25.42 -14.34
C PHE A 154 -40.60 24.65 -15.07
N ALA A 155 -39.45 24.49 -14.41
CA ALA A 155 -38.33 23.78 -15.00
C ALA A 155 -37.46 23.10 -13.95
N ASN A 156 -36.81 22.00 -14.35
CA ASN A 156 -35.93 21.26 -13.46
C ASN A 156 -34.47 21.41 -13.88
N LEU A 157 -34.22 21.52 -15.17
CA LEU A 157 -32.84 21.63 -15.65
C LEU A 157 -32.63 22.36 -16.97
N ILE A 158 -31.66 23.28 -16.97
CA ILE A 158 -31.31 24.01 -18.18
C ILE A 158 -29.83 23.74 -18.43
N ILE A 159 -29.52 23.17 -19.60
CA ILE A 159 -28.13 22.85 -19.94
C ILE A 159 -27.55 23.79 -20.98
N PHE A 160 -26.55 24.58 -20.59
CA PHE A 160 -25.91 25.47 -21.55
C PHE A 160 -24.66 24.79 -22.12
N GLY A 161 -23.97 25.50 -23.01
CA GLY A 161 -22.75 24.98 -23.58
C GLY A 161 -21.64 25.40 -22.65
N PRO A 162 -20.37 25.16 -22.99
CA PRO A 162 -19.27 25.55 -22.12
C PRO A 162 -19.03 27.04 -21.90
N GLY A 163 -18.46 27.34 -20.74
CA GLY A 163 -18.10 28.70 -20.41
C GLY A 163 -16.73 28.84 -21.03
N PRO A 164 -15.83 29.68 -20.50
CA PRO A 164 -14.50 29.82 -21.09
C PRO A 164 -13.77 28.51 -21.34
N VAL A 165 -13.57 27.72 -20.30
CA VAL A 165 -12.86 26.44 -20.43
C VAL A 165 -13.84 25.37 -20.88
N LEU A 166 -13.62 24.84 -22.07
CA LEU A 166 -14.51 23.85 -22.64
C LEU A 166 -14.60 22.55 -21.85
N ASN A 167 -13.48 22.02 -21.41
CA ASN A 167 -13.48 20.76 -20.66
C ASN A 167 -13.82 20.91 -19.18
N GLU A 168 -14.32 22.08 -18.79
CA GLU A 168 -14.66 22.33 -17.40
C GLU A 168 -16.18 22.33 -17.15
N ASN A 169 -16.80 21.15 -17.24
CA ASN A 169 -18.23 21.00 -17.04
C ASN A 169 -18.62 21.28 -15.59
N GLU A 170 -19.78 21.89 -15.40
CA GLU A 170 -20.23 22.21 -14.05
C GLU A 170 -21.74 22.30 -13.90
N THR A 171 -22.25 21.74 -12.80
CA THR A 171 -23.67 21.83 -12.49
C THR A 171 -23.71 23.00 -11.50
N ILE A 172 -24.57 23.97 -11.79
CA ILE A 172 -24.70 25.18 -10.98
C ILE A 172 -26.08 25.29 -10.35
N ASP A 173 -26.15 25.73 -9.09
CA ASP A 173 -27.44 25.86 -8.42
C ASP A 173 -27.79 27.32 -8.12
N ILE A 174 -29.06 27.56 -7.89
CA ILE A 174 -29.56 28.92 -7.66
C ILE A 174 -29.63 29.35 -6.21
N GLY A 175 -28.81 30.34 -5.87
CA GLY A 175 -28.81 30.85 -4.52
C GLY A 175 -29.54 32.18 -4.52
N ILE A 176 -30.37 32.40 -3.50
CA ILE A 176 -31.14 33.64 -3.38
C ILE A 176 -31.09 34.13 -1.94
N GLN A 177 -30.49 35.29 -1.76
CA GLN A 177 -30.32 35.88 -0.43
C GLN A 177 -29.41 34.99 0.40
N ASN A 178 -28.25 34.66 -0.17
CA ASN A 178 -27.24 33.85 0.49
C ASN A 178 -27.69 32.45 0.88
N HIS A 179 -28.78 31.99 0.30
CA HIS A 179 -29.25 30.63 0.60
C HIS A 179 -29.63 29.85 -0.65
N PHE A 180 -29.50 28.54 -0.56
CA PHE A 180 -29.80 27.68 -1.69
C PHE A 180 -30.93 26.71 -1.38
N ALA A 181 -32.04 26.86 -2.08
CA ALA A 181 -33.17 25.96 -1.88
C ALA A 181 -32.71 24.54 -2.20
N SER A 182 -31.78 24.42 -3.14
CA SER A 182 -31.24 23.11 -3.54
C SER A 182 -30.42 22.45 -2.44
N ARG A 183 -30.19 23.16 -1.34
CA ARG A 183 -29.42 22.63 -0.23
C ARG A 183 -30.24 22.53 1.04
N GLU A 184 -31.54 22.77 0.95
CA GLU A 184 -32.35 22.74 2.14
C GLU A 184 -33.64 21.94 2.00
N GLY A 185 -33.63 20.96 1.10
CA GLY A 185 -34.80 20.11 0.90
C GLY A 185 -35.81 20.54 -0.15
N PHE A 186 -35.80 21.81 -0.52
CA PHE A 186 -36.76 22.28 -1.51
C PHE A 186 -36.38 21.84 -2.92
N GLY A 187 -35.17 22.21 -3.30
CA GLY A 187 -34.70 21.90 -4.63
C GLY A 187 -34.85 23.19 -5.39
N GLY A 188 -34.46 23.20 -6.65
CA GLY A 188 -34.59 24.41 -7.41
C GLY A 188 -34.06 24.16 -8.79
N ILE A 189 -34.36 25.08 -9.70
CA ILE A 189 -33.89 24.95 -11.07
C ILE A 189 -32.38 24.79 -11.06
N MET A 190 -31.90 23.75 -11.74
CA MET A 190 -30.47 23.49 -11.83
C MET A 190 -29.96 23.84 -13.25
N GLN A 191 -28.75 24.39 -13.32
CA GLN A 191 -28.12 24.73 -14.59
C GLN A 191 -26.80 23.99 -14.74
N MET A 192 -26.32 23.90 -15.97
CA MET A 192 -25.08 23.20 -16.27
C MET A 192 -24.37 23.83 -17.46
N LYS A 193 -23.05 23.69 -17.50
CA LYS A 193 -22.25 24.17 -18.63
C LYS A 193 -21.68 22.82 -19.08
N PHE A 194 -21.89 22.45 -20.34
CA PHE A 194 -21.43 21.14 -20.76
C PHE A 194 -20.89 21.14 -22.18
N CYS A 195 -19.88 20.31 -22.42
CA CYS A 195 -19.25 20.20 -23.73
C CYS A 195 -19.02 18.74 -24.09
N PRO A 196 -19.78 18.22 -25.06
CA PRO A 196 -19.64 16.82 -25.46
C PRO A 196 -18.38 16.50 -26.26
N GLU A 197 -17.91 17.45 -27.06
CA GLU A 197 -16.75 17.26 -27.93
C GLU A 197 -15.38 17.13 -27.25
N TYR A 198 -15.05 18.07 -26.38
CA TYR A 198 -13.75 18.05 -25.73
C TYR A 198 -13.88 17.36 -24.39
N VAL A 199 -13.42 16.11 -24.36
CA VAL A 199 -13.50 15.26 -23.17
C VAL A 199 -12.16 15.05 -22.48
N SER A 200 -12.23 14.70 -21.20
CA SER A 200 -11.05 14.50 -20.38
C SER A 200 -10.36 13.17 -20.62
N VAL A 201 -9.07 13.12 -20.28
CA VAL A 201 -8.26 11.91 -20.45
C VAL A 201 -7.68 11.44 -19.12
N PHE A 202 -7.51 10.13 -19.00
CA PHE A 202 -6.97 9.53 -17.77
C PHE A 202 -6.31 8.18 -18.09
N ASN A 203 -5.57 7.64 -17.13
CA ASN A 203 -4.91 6.34 -17.32
C ASN A 203 -4.74 5.58 -16.01
N ASN A 204 -5.14 4.31 -16.01
CA ASN A 204 -5.03 3.46 -14.82
C ASN A 204 -3.57 3.37 -14.36
N VAL A 205 -3.28 4.04 -13.25
CA VAL A 205 -1.94 4.10 -12.65
C VAL A 205 -1.24 2.75 -12.48
N GLN A 206 -1.88 1.85 -11.73
CA GLN A 206 -1.34 0.51 -11.49
C GLN A 206 -1.59 -0.43 -12.67
N GLU A 207 -1.41 0.09 -13.88
CA GLU A 207 -1.63 -0.68 -15.12
C GLU A 207 -1.05 0.04 -16.34
N ASN A 208 -0.96 -0.66 -17.46
CA ASN A 208 -0.43 -0.10 -18.70
C ASN A 208 -1.52 0.05 -19.78
N LYS A 209 -1.73 1.28 -20.23
CA LYS A 209 -2.72 1.56 -21.28
C LYS A 209 -2.15 1.06 -22.61
N GLY A 210 -2.52 -0.18 -22.97
CA GLY A 210 -2.04 -0.82 -24.19
C GLY A 210 -0.55 -1.18 -24.06
N ALA A 211 -0.10 -1.39 -22.83
CA ALA A 211 1.30 -1.73 -22.56
C ALA A 211 2.21 -0.89 -23.44
N SER A 212 2.03 0.42 -23.41
CA SER A 212 2.81 1.32 -24.25
C SER A 212 3.20 2.66 -23.61
N ILE A 213 4.46 3.03 -23.82
CA ILE A 213 5.06 4.27 -23.32
C ILE A 213 5.52 5.13 -24.49
N PHE A 214 6.18 4.48 -25.47
CA PHE A 214 6.66 5.16 -26.67
C PHE A 214 5.46 5.36 -27.62
N ASN A 215 4.32 4.82 -27.20
CA ASN A 215 3.06 4.88 -27.93
C ASN A 215 2.12 5.80 -27.15
N ARG A 216 1.00 6.22 -27.76
CA ARG A 216 0.03 7.06 -27.06
C ARG A 216 -0.55 6.22 -25.92
N ARG A 217 -0.73 6.81 -24.75
CA ARG A 217 -1.25 6.04 -23.63
C ARG A 217 -2.33 6.75 -22.82
N GLY A 218 -3.18 5.95 -22.19
CA GLY A 218 -4.28 6.50 -21.40
C GLY A 218 -5.57 6.25 -22.15
N TYR A 219 -6.70 6.62 -21.56
CA TYR A 219 -7.99 6.44 -22.20
C TYR A 219 -8.75 7.75 -22.18
N PHE A 220 -9.64 7.95 -23.14
CA PHE A 220 -10.42 9.18 -23.16
C PHE A 220 -11.84 8.88 -22.70
N SER A 221 -12.49 9.88 -22.13
CA SER A 221 -13.84 9.76 -21.59
C SER A 221 -14.99 9.68 -22.55
N ASP A 222 -16.02 8.97 -22.12
CA ASP A 222 -17.25 8.83 -22.88
C ASP A 222 -18.16 10.00 -22.41
N PRO A 223 -18.43 10.96 -23.30
CA PRO A 223 -19.27 12.11 -22.96
C PRO A 223 -20.62 11.81 -22.33
N ALA A 224 -21.13 10.59 -22.51
CA ALA A 224 -22.41 10.20 -21.90
C ALA A 224 -22.24 9.97 -20.39
N LEU A 225 -21.05 9.55 -19.96
CA LEU A 225 -20.78 9.31 -18.54
C LEU A 225 -20.48 10.65 -17.90
N ILE A 226 -19.88 11.55 -18.67
CA ILE A 226 -19.55 12.87 -18.19
C ILE A 226 -20.88 13.57 -17.93
N LEU A 227 -21.80 13.42 -18.86
CA LEU A 227 -23.11 14.01 -18.74
C LEU A 227 -23.85 13.44 -17.52
N MET A 228 -23.84 12.12 -17.36
CA MET A 228 -24.52 11.52 -16.23
C MET A 228 -23.89 11.94 -14.91
N HIS A 229 -22.59 12.23 -14.94
CA HIS A 229 -21.92 12.67 -13.72
C HIS A 229 -22.52 14.00 -13.28
N GLU A 230 -22.75 14.90 -14.23
CA GLU A 230 -23.34 16.20 -13.94
C GLU A 230 -24.82 16.00 -13.59
N LEU A 231 -25.46 15.06 -14.28
CA LEU A 231 -26.85 14.78 -14.02
C LEU A 231 -27.04 14.28 -12.59
N ILE A 232 -26.02 13.68 -11.99
CA ILE A 232 -26.15 13.23 -10.62
C ILE A 232 -26.20 14.45 -9.69
N HIS A 233 -25.38 15.47 -9.98
CA HIS A 233 -25.38 16.69 -9.18
C HIS A 233 -26.74 17.34 -9.27
N VAL A 234 -27.32 17.32 -10.48
CA VAL A 234 -28.65 17.88 -10.72
C VAL A 234 -29.65 17.13 -9.85
N LEU A 235 -29.58 15.81 -9.90
CA LEU A 235 -30.46 14.98 -9.09
C LEU A 235 -30.38 15.43 -7.62
N HIS A 236 -29.16 15.58 -7.11
CA HIS A 236 -28.98 16.01 -5.73
C HIS A 236 -29.60 17.37 -5.49
N GLY A 237 -29.33 18.31 -6.40
CA GLY A 237 -29.88 19.64 -6.29
C GLY A 237 -31.39 19.70 -6.35
N LEU A 238 -31.99 18.88 -7.22
CA LEU A 238 -33.44 18.84 -7.38
C LEU A 238 -34.12 18.33 -6.12
N TYR A 239 -33.48 17.40 -5.42
CA TYR A 239 -34.05 16.84 -4.21
C TYR A 239 -33.67 17.62 -2.95
N GLY A 240 -32.95 18.73 -3.15
CA GLY A 240 -32.53 19.57 -2.04
C GLY A 240 -31.64 18.87 -1.03
N ILE A 241 -30.79 17.97 -1.52
CA ILE A 241 -29.91 17.25 -0.62
C ILE A 241 -28.46 17.52 -0.93
N LYS A 242 -28.22 18.58 -1.70
CA LYS A 242 -26.89 18.97 -2.09
C LYS A 242 -26.22 19.73 -0.95
N VAL A 243 -26.49 19.29 0.28
CA VAL A 243 -25.96 19.96 1.44
C VAL A 243 -24.46 20.08 1.51
N ASP A 244 -24.02 21.09 2.25
CA ASP A 244 -22.62 21.34 2.47
C ASP A 244 -22.35 20.89 3.90
N ASP A 245 -21.12 20.44 4.15
CA ASP A 245 -20.71 20.01 5.48
C ASP A 245 -19.19 20.20 5.55
N LEU A 246 -18.54 19.55 6.51
CA LEU A 246 -17.09 19.68 6.68
C LEU A 246 -16.41 19.18 5.41
N PRO A 247 -15.65 20.05 4.73
CA PRO A 247 -14.97 19.68 3.49
C PRO A 247 -13.54 19.14 3.61
N ILE A 248 -13.08 18.44 2.58
CA ILE A 248 -11.72 17.94 2.54
C ILE A 248 -10.90 19.07 1.94
N VAL A 249 -10.13 19.75 2.79
CA VAL A 249 -9.28 20.87 2.38
C VAL A 249 -7.82 20.41 2.32
N PRO A 250 -7.09 20.81 1.27
CA PRO A 250 -5.69 20.39 1.19
C PRO A 250 -4.74 21.27 1.96
N ASN A 251 -3.69 20.65 2.50
CA ASN A 251 -2.66 21.37 3.24
C ASN A 251 -1.87 22.06 2.13
N GLU A 252 -1.47 23.30 2.36
CA GLU A 252 -0.72 24.03 1.35
C GLU A 252 0.45 24.76 1.98
N LYS A 253 0.85 24.33 3.17
CA LYS A 253 1.96 24.96 3.88
C LYS A 253 3.35 24.71 3.30
N LYS A 254 3.48 23.66 2.49
CA LYS A 254 4.78 23.34 1.89
C LYS A 254 4.74 23.42 0.37
N PHE A 255 5.86 23.81 -0.22
CA PHE A 255 5.98 23.97 -1.66
C PHE A 255 5.65 22.72 -2.49
N PHE A 256 5.69 21.55 -1.86
CA PHE A 256 5.42 20.34 -2.60
C PHE A 256 3.97 19.89 -2.46
N MET A 257 3.17 20.65 -1.70
CA MET A 257 1.79 20.29 -1.53
C MET A 257 0.93 20.89 -2.64
N GLN A 258 -0.05 20.12 -3.10
CA GLN A 258 -0.94 20.54 -4.17
C GLN A 258 -2.03 21.48 -3.70
N SER A 259 -2.15 22.62 -4.37
CA SER A 259 -3.16 23.63 -4.04
C SER A 259 -4.46 23.34 -4.79
N THR A 260 -5.59 23.40 -4.09
CA THR A 260 -6.86 23.12 -4.73
C THR A 260 -8.06 23.62 -3.92
N ASP A 261 -9.23 23.67 -4.56
CA ASP A 261 -10.45 24.13 -3.89
C ASP A 261 -10.87 23.09 -2.87
N ALA A 262 -11.64 23.52 -1.88
CA ALA A 262 -12.12 22.60 -0.87
C ALA A 262 -13.00 21.59 -1.62
N ILE A 263 -12.99 20.34 -1.17
CA ILE A 263 -13.78 19.31 -1.82
C ILE A 263 -14.88 18.88 -0.87
N GLN A 264 -16.13 19.04 -1.29
CA GLN A 264 -17.27 18.66 -0.45
C GLN A 264 -17.57 17.18 -0.58
N ALA A 265 -18.18 16.61 0.46
CA ALA A 265 -18.52 15.19 0.45
C ALA A 265 -19.48 14.83 -0.68
N GLU A 266 -20.41 15.73 -0.99
CA GLU A 266 -21.37 15.48 -2.05
C GLU A 266 -20.67 15.13 -3.36
N GLU A 267 -19.52 15.76 -3.60
CA GLU A 267 -18.71 15.53 -4.79
C GLU A 267 -18.15 14.12 -4.78
N LEU A 268 -17.56 13.73 -3.65
CA LEU A 268 -16.98 12.41 -3.53
C LEU A 268 -18.05 11.31 -3.62
N TYR A 269 -19.26 11.57 -3.10
CA TYR A 269 -20.32 10.58 -3.19
C TYR A 269 -20.66 10.40 -4.68
N THR A 270 -20.77 11.50 -5.39
CA THR A 270 -21.08 11.48 -6.81
C THR A 270 -20.07 10.66 -7.60
N PHE A 271 -18.78 10.87 -7.33
CA PHE A 271 -17.77 10.09 -8.05
C PHE A 271 -17.89 8.63 -7.68
N GLY A 272 -18.06 8.37 -6.38
CA GLY A 272 -18.18 7.01 -5.90
C GLY A 272 -16.84 6.34 -5.76
N GLY A 273 -16.84 5.01 -5.86
CA GLY A 273 -15.60 4.25 -5.73
C GLY A 273 -15.10 4.35 -4.31
N GLN A 274 -13.83 4.69 -4.14
CA GLN A 274 -13.22 4.81 -2.81
C GLN A 274 -13.37 6.19 -2.16
N ASP A 275 -13.56 7.21 -2.98
CA ASP A 275 -13.66 8.57 -2.48
C ASP A 275 -14.58 8.75 -1.30
N PRO A 276 -15.71 8.03 -1.28
CA PRO A 276 -16.64 8.16 -0.14
C PRO A 276 -15.90 7.85 1.17
N SER A 277 -14.98 6.89 1.12
CA SER A 277 -14.20 6.50 2.30
C SER A 277 -13.34 7.64 2.83
N ILE A 278 -13.12 8.66 2.02
CA ILE A 278 -12.34 9.82 2.47
C ILE A 278 -13.23 10.71 3.37
N ILE A 279 -14.53 10.38 3.37
CA ILE A 279 -15.49 11.08 4.22
C ILE A 279 -15.68 10.18 5.42
N THR A 280 -15.16 10.60 6.57
CA THR A 280 -15.25 9.81 7.80
C THR A 280 -16.68 9.44 8.12
N PRO A 281 -16.88 8.38 8.92
CA PRO A 281 -18.24 7.97 9.28
C PRO A 281 -18.93 9.07 10.08
N SER A 282 -18.15 9.93 10.72
CA SER A 282 -18.73 11.02 11.50
C SER A 282 -19.47 11.98 10.59
N THR A 283 -18.77 12.51 9.59
CA THR A 283 -19.39 13.43 8.67
C THR A 283 -20.50 12.78 7.84
N ASP A 284 -20.42 11.47 7.60
CA ASP A 284 -21.48 10.79 6.85
C ASP A 284 -22.80 10.98 7.60
N LYS A 285 -22.79 10.71 8.90
CA LYS A 285 -23.98 10.84 9.73
C LYS A 285 -24.42 12.29 9.85
N SER A 286 -23.47 13.21 9.87
CA SER A 286 -23.81 14.61 9.96
C SER A 286 -24.67 14.95 8.74
N ILE A 287 -24.09 14.76 7.55
CA ILE A 287 -24.78 15.02 6.30
C ILE A 287 -26.12 14.34 6.27
N TYR A 288 -26.18 13.10 6.72
CA TYR A 288 -27.44 12.38 6.75
C TYR A 288 -28.42 13.15 7.62
N ASP A 289 -27.99 13.45 8.84
CA ASP A 289 -28.82 14.20 9.78
C ASP A 289 -29.31 15.54 9.22
N LYS A 290 -28.47 16.26 8.50
CA LYS A 290 -28.91 17.53 7.90
C LYS A 290 -30.01 17.29 6.88
N VAL A 291 -29.81 16.32 5.99
CA VAL A 291 -30.80 16.02 4.96
C VAL A 291 -32.13 15.60 5.57
N LEU A 292 -32.10 14.66 6.50
CA LEU A 292 -33.33 14.20 7.16
C LEU A 292 -34.07 15.39 7.78
N GLN A 293 -33.32 16.26 8.46
CA GLN A 293 -33.90 17.44 9.07
C GLN A 293 -34.57 18.29 7.99
N ASN A 294 -33.92 18.36 6.82
CA ASN A 294 -34.43 19.14 5.69
C ASN A 294 -35.78 18.61 5.21
N PHE A 295 -35.93 17.29 5.24
CA PHE A 295 -37.15 16.64 4.81
C PHE A 295 -38.24 16.78 5.86
N ARG A 296 -37.84 16.94 7.13
CA ARG A 296 -38.83 17.12 8.18
C ARG A 296 -39.55 18.44 7.91
N GLY A 297 -38.76 19.47 7.57
CA GLY A 297 -39.34 20.77 7.28
C GLY A 297 -40.35 20.67 6.14
N ILE A 298 -39.95 20.01 5.05
CA ILE A 298 -40.82 19.85 3.89
C ILE A 298 -42.08 19.07 4.27
N VAL A 299 -41.91 17.98 5.00
CA VAL A 299 -43.07 17.18 5.40
C VAL A 299 -44.00 17.98 6.32
N ASP A 300 -43.44 18.93 7.08
CA ASP A 300 -44.26 19.74 7.95
C ASP A 300 -45.12 20.70 7.11
N ARG A 301 -44.45 21.35 6.14
CA ARG A 301 -45.11 22.28 5.22
C ARG A 301 -46.25 21.61 4.47
N LEU A 302 -46.03 20.41 3.96
CA LEU A 302 -47.09 19.72 3.25
C LEU A 302 -48.34 19.59 4.12
N ASN A 303 -48.16 19.60 5.44
CA ASN A 303 -49.28 19.50 6.36
C ASN A 303 -49.91 20.86 6.63
N LYS A 304 -49.19 21.93 6.29
CA LYS A 304 -49.69 23.28 6.51
C LYS A 304 -50.04 24.07 5.24
N VAL A 305 -49.55 23.62 4.09
CA VAL A 305 -49.83 24.31 2.84
C VAL A 305 -51.35 24.46 2.64
N LEU A 306 -51.78 25.67 2.32
CA LEU A 306 -53.20 25.95 2.13
C LEU A 306 -53.47 26.73 0.84
N VAL A 307 -52.54 27.60 0.44
CA VAL A 307 -52.73 28.40 -0.75
C VAL A 307 -51.45 28.69 -1.53
N CYS A 308 -51.61 29.37 -2.66
CA CYS A 308 -50.49 29.75 -3.50
C CYS A 308 -50.77 31.18 -3.97
N ILE A 309 -50.24 32.16 -3.26
CA ILE A 309 -50.49 33.55 -3.64
C ILE A 309 -50.06 33.91 -5.06
N SER A 310 -48.85 33.52 -5.42
CA SER A 310 -48.29 33.85 -6.73
C SER A 310 -49.12 33.40 -7.94
N ASP A 311 -49.83 32.29 -7.81
CA ASP A 311 -50.62 31.78 -8.92
C ASP A 311 -51.88 31.08 -8.45
N PRO A 312 -53.03 31.75 -8.56
CA PRO A 312 -54.34 31.23 -8.15
C PRO A 312 -54.76 29.98 -8.93
N ASN A 313 -54.11 29.72 -10.05
CA ASN A 313 -54.45 28.56 -10.87
C ASN A 313 -53.75 27.26 -10.45
N ILE A 314 -52.82 27.35 -9.51
CA ILE A 314 -52.10 26.18 -9.01
C ILE A 314 -53.08 25.29 -8.23
N ASN A 315 -53.03 23.99 -8.50
CA ASN A 315 -53.90 23.03 -7.81
C ASN A 315 -53.16 22.44 -6.62
N ILE A 316 -53.42 22.99 -5.44
CA ILE A 316 -52.77 22.55 -4.20
C ILE A 316 -52.70 21.03 -3.98
N ASN A 317 -53.80 20.32 -4.19
CA ASN A 317 -53.80 18.88 -4.00
C ASN A 317 -52.81 18.16 -4.90
N ILE A 318 -52.92 18.39 -6.22
CA ILE A 318 -52.05 17.76 -7.21
C ILE A 318 -50.58 17.90 -6.79
N TYR A 319 -50.24 19.07 -6.26
CA TYR A 319 -48.87 19.32 -5.82
C TYR A 319 -48.53 18.62 -4.50
N LYS A 320 -49.48 18.52 -3.58
CA LYS A 320 -49.20 17.85 -2.32
C LYS A 320 -49.00 16.37 -2.66
N ASN A 321 -49.73 15.89 -3.66
CA ASN A 321 -49.60 14.51 -4.09
C ASN A 321 -48.23 14.28 -4.73
N LYS A 322 -47.83 15.20 -5.61
CA LYS A 322 -46.54 15.07 -6.28
C LYS A 322 -45.38 15.03 -5.28
N PHE A 323 -45.33 16.03 -4.41
CA PHE A 323 -44.30 16.12 -3.40
C PHE A 323 -44.29 14.90 -2.48
N LYS A 324 -45.46 14.41 -2.11
CA LYS A 324 -45.52 13.24 -1.26
C LYS A 324 -44.81 12.07 -1.91
N ASP A 325 -44.95 11.97 -3.23
CA ASP A 325 -44.29 10.89 -3.96
C ASP A 325 -42.79 11.17 -4.11
N LYS A 326 -42.45 12.42 -4.38
CA LYS A 326 -41.07 12.83 -4.55
C LYS A 326 -40.24 12.40 -3.33
N TYR A 327 -40.57 12.98 -2.17
CA TYR A 327 -39.85 12.70 -0.92
C TYR A 327 -40.26 11.39 -0.22
N LYS A 328 -41.03 10.55 -0.90
CA LYS A 328 -41.45 9.28 -0.35
C LYS A 328 -42.05 9.37 1.06
N PHE A 329 -42.80 10.44 1.33
CA PHE A 329 -43.48 10.65 2.61
C PHE A 329 -44.67 9.68 2.65
N VAL A 330 -45.14 9.34 3.84
CA VAL A 330 -46.30 8.45 3.96
C VAL A 330 -47.53 9.23 4.42
N GLU A 331 -48.70 8.72 4.11
CA GLU A 331 -49.94 9.41 4.46
C GLU A 331 -50.98 8.47 5.05
N ASP A 332 -51.53 8.84 6.20
CA ASP A 332 -52.56 8.01 6.83
C ASP A 332 -53.91 8.22 6.14
N SER A 333 -54.92 7.51 6.62
CA SER A 333 -56.27 7.60 6.04
C SER A 333 -56.89 9.00 6.16
N GLU A 334 -56.19 9.91 6.83
CA GLU A 334 -56.68 11.28 7.01
C GLU A 334 -56.01 12.26 6.07
N GLY A 335 -54.75 11.97 5.72
CA GLY A 335 -54.03 12.86 4.84
C GLY A 335 -52.89 13.51 5.60
N LYS A 336 -52.55 12.92 6.73
CA LYS A 336 -51.46 13.41 7.55
C LYS A 336 -50.17 12.84 6.98
N TYR A 337 -49.30 13.73 6.53
CA TYR A 337 -48.02 13.33 5.97
C TYR A 337 -46.96 13.22 7.07
N SER A 338 -46.20 12.14 7.02
CA SER A 338 -45.13 11.90 7.99
C SER A 338 -43.99 11.14 7.32
N ILE A 339 -42.80 11.22 7.92
CA ILE A 339 -41.64 10.53 7.40
C ILE A 339 -41.57 9.09 7.89
N ASP A 340 -41.39 8.18 6.94
CA ASP A 340 -41.26 6.75 7.23
C ASP A 340 -39.75 6.53 7.16
N VAL A 341 -39.13 6.15 8.27
CA VAL A 341 -37.69 5.96 8.27
C VAL A 341 -37.21 4.97 7.22
N GLU A 342 -37.90 3.85 7.06
CA GLU A 342 -37.51 2.88 6.04
C GLU A 342 -37.41 3.61 4.70
N SER A 343 -38.56 3.94 4.12
CA SER A 343 -38.61 4.60 2.82
C SER A 343 -37.60 5.75 2.67
N PHE A 344 -37.42 6.57 3.70
CA PHE A 344 -36.47 7.67 3.63
C PHE A 344 -35.04 7.13 3.45
N ASP A 345 -34.70 6.15 4.28
CA ASP A 345 -33.38 5.55 4.21
C ASP A 345 -33.04 5.06 2.82
N LYS A 346 -33.91 4.24 2.26
CA LYS A 346 -33.70 3.70 0.93
C LYS A 346 -33.57 4.82 -0.13
N LEU A 347 -34.36 5.89 0.00
CA LEU A 347 -34.27 6.98 -0.97
C LEU A 347 -32.95 7.70 -0.83
N TYR A 348 -32.54 7.96 0.40
CA TYR A 348 -31.28 8.65 0.67
C TYR A 348 -30.11 7.89 0.10
N LYS A 349 -30.05 6.60 0.41
CA LYS A 349 -28.95 5.76 -0.07
C LYS A 349 -28.92 5.67 -1.60
N SER A 350 -30.12 5.62 -2.19
CA SER A 350 -30.24 5.57 -3.64
C SER A 350 -29.54 6.78 -4.26
N LEU A 351 -29.94 7.97 -3.83
CA LEU A 351 -29.41 9.23 -4.34
C LEU A 351 -27.94 9.55 -4.06
N MET A 352 -27.44 9.13 -2.90
CA MET A 352 -26.05 9.41 -2.55
C MET A 352 -25.09 8.26 -2.86
N PHE A 353 -25.58 7.03 -2.89
CA PHE A 353 -24.72 5.87 -3.13
C PHE A 353 -25.10 4.92 -4.27
N GLY A 354 -26.30 5.08 -4.81
CA GLY A 354 -26.72 4.21 -5.89
C GLY A 354 -26.30 4.84 -7.21
N PHE A 355 -26.75 6.08 -7.41
CA PHE A 355 -26.41 6.84 -8.60
C PHE A 355 -25.05 7.49 -8.41
N THR A 356 -24.00 6.81 -8.85
CA THR A 356 -22.65 7.36 -8.77
C THR A 356 -21.98 7.13 -10.11
N GLU A 357 -20.92 7.88 -10.36
CA GLU A 357 -20.17 7.78 -11.61
C GLU A 357 -19.63 6.35 -11.74
N THR A 358 -19.03 5.84 -10.67
CA THR A 358 -18.45 4.50 -10.68
C THR A 358 -19.48 3.42 -11.00
N ASN A 359 -20.63 3.46 -10.33
CA ASN A 359 -21.68 2.47 -10.55
C ASN A 359 -22.19 2.57 -11.98
N ILE A 360 -22.35 3.80 -12.45
CA ILE A 360 -22.84 4.03 -13.80
C ILE A 360 -21.83 3.56 -14.84
N ALA A 361 -20.54 3.80 -14.59
CA ALA A 361 -19.51 3.37 -15.51
C ALA A 361 -19.56 1.84 -15.63
N GLU A 362 -19.48 1.18 -14.47
CA GLU A 362 -19.51 -0.28 -14.43
C GLU A 362 -20.71 -0.86 -15.17
N ASN A 363 -21.87 -0.21 -15.00
CA ASN A 363 -23.13 -0.63 -15.62
C ASN A 363 -23.17 -0.44 -17.14
N TYR A 364 -22.62 0.66 -17.64
CA TYR A 364 -22.60 0.90 -19.07
C TYR A 364 -21.28 0.44 -19.71
N LYS A 365 -20.53 -0.37 -18.97
CA LYS A 365 -19.27 -0.91 -19.44
C LYS A 365 -18.36 0.18 -19.98
N ILE A 366 -18.45 1.35 -19.37
CA ILE A 366 -17.67 2.49 -19.76
C ILE A 366 -16.49 2.54 -18.81
N LYS A 367 -15.31 2.93 -19.31
CA LYS A 367 -14.14 3.01 -18.45
C LYS A 367 -13.99 4.44 -17.93
N THR A 368 -13.45 4.58 -16.71
CA THR A 368 -13.26 5.90 -16.11
C THR A 368 -12.02 5.90 -15.22
N ARG A 369 -11.69 7.07 -14.65
CA ARG A 369 -10.53 7.20 -13.77
C ARG A 369 -10.73 6.39 -12.50
N ALA A 370 -9.64 5.97 -11.88
CA ALA A 370 -9.69 5.14 -10.70
C ALA A 370 -9.84 5.84 -9.36
N SER A 371 -9.96 7.17 -9.36
CA SER A 371 -10.10 7.89 -8.11
C SER A 371 -10.26 9.38 -8.34
N TYR A 372 -10.92 10.05 -7.41
CA TYR A 372 -11.13 11.48 -7.53
C TYR A 372 -9.76 12.16 -7.62
N PHE A 373 -8.82 11.70 -6.82
CA PHE A 373 -7.47 12.25 -6.79
C PHE A 373 -6.56 11.46 -7.71
N SER A 374 -6.50 11.86 -8.96
CA SER A 374 -5.66 11.20 -9.93
C SER A 374 -5.30 12.25 -10.97
N ASP A 375 -3.99 12.45 -11.14
CA ASP A 375 -3.47 13.44 -12.07
C ASP A 375 -4.36 13.64 -13.29
N SER A 376 -4.71 14.90 -13.56
CA SER A 376 -5.53 15.23 -14.71
C SER A 376 -4.63 15.48 -15.92
N LEU A 377 -5.11 15.08 -17.09
CA LEU A 377 -4.35 15.23 -18.33
C LEU A 377 -5.00 16.17 -19.34
N PRO A 378 -4.30 16.44 -20.46
CA PRO A 378 -4.82 17.32 -21.51
C PRO A 378 -6.04 16.66 -22.15
N PRO A 379 -7.13 17.41 -22.33
CA PRO A 379 -8.31 16.80 -22.95
C PRO A 379 -8.05 16.55 -24.43
N VAL A 380 -8.88 15.74 -25.06
CA VAL A 380 -8.74 15.46 -26.49
C VAL A 380 -10.05 15.84 -27.14
N LYS A 381 -10.05 16.10 -28.43
CA LYS A 381 -11.27 16.45 -29.12
C LYS A 381 -11.85 15.21 -29.82
N ILE A 382 -13.15 14.99 -29.66
CA ILE A 382 -13.78 13.83 -30.28
C ILE A 382 -14.22 14.24 -31.68
N LYS A 383 -13.67 13.56 -32.68
CA LYS A 383 -13.95 13.86 -34.08
C LYS A 383 -15.44 13.97 -34.42
N ASN A 384 -16.17 12.87 -34.34
CA ASN A 384 -17.59 12.96 -34.66
C ASN A 384 -18.45 11.95 -33.92
N LEU A 385 -19.07 12.41 -32.84
CA LEU A 385 -19.93 11.57 -32.02
C LEU A 385 -21.19 11.23 -32.79
N LEU A 386 -21.46 11.99 -33.85
CA LEU A 386 -22.66 11.76 -34.65
C LEU A 386 -22.50 10.67 -35.72
N ASP A 387 -21.29 10.13 -35.87
CA ASP A 387 -21.04 9.07 -36.84
C ASP A 387 -21.10 7.72 -36.14
N ASN A 388 -22.19 6.97 -36.39
CA ASN A 388 -22.38 5.67 -35.76
C ASN A 388 -21.24 4.69 -35.97
N GLU A 389 -20.21 5.14 -36.68
CA GLU A 389 -19.05 4.32 -36.96
C GLU A 389 -17.97 4.53 -35.88
N ILE A 390 -18.13 5.60 -35.10
CA ILE A 390 -17.17 5.92 -34.05
C ILE A 390 -17.79 5.88 -32.66
N TYR A 391 -19.06 6.25 -32.58
CA TYR A 391 -19.80 6.33 -31.32
C TYR A 391 -21.27 5.93 -31.54
N THR A 392 -21.74 4.92 -30.82
CA THR A 392 -23.13 4.48 -30.96
C THR A 392 -23.90 4.68 -29.65
N ILE A 393 -25.21 4.81 -29.77
CA ILE A 393 -26.11 4.99 -28.64
C ILE A 393 -26.09 3.78 -27.71
N GLU A 394 -25.88 2.61 -28.29
CA GLU A 394 -25.87 1.35 -27.56
C GLU A 394 -24.57 1.00 -26.84
N GLU A 395 -23.42 1.33 -27.43
CA GLU A 395 -22.14 0.97 -26.83
C GLU A 395 -21.13 2.08 -26.70
N GLY A 396 -21.43 3.26 -27.23
CA GLY A 396 -20.48 4.36 -27.15
C GLY A 396 -19.34 4.09 -28.13
N PHE A 397 -18.10 4.21 -27.65
CA PHE A 397 -16.92 3.97 -28.48
C PHE A 397 -16.59 2.46 -28.56
N ASN A 398 -16.95 1.73 -27.50
CA ASN A 398 -16.69 0.30 -27.44
C ASN A 398 -17.68 -0.54 -28.22
N ILE A 399 -17.66 -0.33 -29.53
CA ILE A 399 -18.52 -1.02 -30.45
C ILE A 399 -17.93 -2.40 -30.73
N SER A 400 -18.65 -3.43 -30.32
CA SER A 400 -18.21 -4.81 -30.50
C SER A 400 -17.97 -5.17 -31.98
N ASP A 401 -18.75 -4.57 -32.88
CA ASP A 401 -18.64 -4.83 -34.29
C ASP A 401 -17.37 -4.27 -34.86
N LYS A 402 -16.39 -3.98 -34.01
CA LYS A 402 -15.09 -3.44 -34.43
C LYS A 402 -14.04 -3.94 -33.44
N ASP A 403 -14.40 -4.95 -32.66
CA ASP A 403 -13.51 -5.52 -31.66
C ASP A 403 -12.99 -4.36 -30.81
N MET A 404 -13.93 -3.55 -30.33
CA MET A 404 -13.62 -2.40 -29.52
C MET A 404 -14.41 -2.47 -28.22
N GLU A 405 -15.04 -3.60 -27.98
CA GLU A 405 -15.83 -3.78 -26.79
C GLU A 405 -14.95 -4.25 -25.64
N LYS A 406 -14.16 -5.30 -25.89
CA LYS A 406 -13.28 -5.86 -24.88
C LYS A 406 -12.19 -4.90 -24.43
N GLU A 407 -11.96 -4.86 -23.12
CA GLU A 407 -10.92 -4.03 -22.51
C GLU A 407 -11.04 -2.52 -22.72
N TYR A 408 -12.23 -2.06 -23.09
CA TYR A 408 -12.47 -0.64 -23.31
C TYR A 408 -11.57 -0.14 -24.43
N ARG A 409 -11.33 -0.99 -25.42
CA ARG A 409 -10.49 -0.66 -26.56
C ARG A 409 -10.95 0.62 -27.25
N GLY A 410 -12.26 0.80 -27.39
CA GLY A 410 -12.77 1.99 -28.04
C GLY A 410 -12.35 3.32 -27.41
N GLN A 411 -12.01 3.31 -26.12
CA GLN A 411 -11.59 4.52 -25.41
C GLN A 411 -10.09 4.56 -25.25
N ASN A 412 -9.43 3.49 -25.66
CA ASN A 412 -7.99 3.45 -25.56
C ASN A 412 -7.41 4.36 -26.63
N LYS A 413 -6.62 5.35 -26.21
CA LYS A 413 -6.04 6.31 -27.15
C LYS A 413 -5.09 5.67 -28.15
N ALA A 414 -4.25 4.76 -27.68
CA ALA A 414 -3.29 4.09 -28.54
C ALA A 414 -3.98 3.15 -29.51
N ILE A 415 -5.28 2.98 -29.37
CA ILE A 415 -5.99 2.08 -30.26
C ILE A 415 -7.00 2.78 -31.17
N ASN A 416 -7.90 3.55 -30.59
CA ASN A 416 -8.93 4.23 -31.35
C ASN A 416 -8.56 5.65 -31.75
N LYS A 417 -7.52 5.77 -32.57
CA LYS A 417 -7.04 7.08 -33.00
C LYS A 417 -7.96 7.82 -33.99
N GLN A 418 -8.70 7.08 -34.79
CA GLN A 418 -9.59 7.72 -35.75
C GLN A 418 -10.81 8.31 -35.05
N ALA A 419 -10.83 8.23 -33.72
CA ALA A 419 -11.97 8.75 -32.95
C ALA A 419 -11.68 10.07 -32.24
N TYR A 420 -10.42 10.51 -32.23
CA TYR A 420 -10.06 11.73 -31.54
C TYR A 420 -8.83 12.45 -32.11
N GLU A 421 -8.58 13.65 -31.60
CA GLU A 421 -7.43 14.45 -31.99
C GLU A 421 -6.82 15.10 -30.76
N GLU A 422 -5.50 15.27 -30.76
CA GLU A 422 -4.84 15.93 -29.65
C GLU A 422 -5.15 17.41 -29.84
N ILE A 423 -4.82 18.22 -28.84
CA ILE A 423 -5.10 19.66 -28.91
C ILE A 423 -3.86 20.54 -28.88
N SER A 424 -3.96 21.68 -29.55
CA SER A 424 -2.86 22.63 -29.62
C SER A 424 -2.56 23.08 -28.18
N LYS A 425 -1.37 22.74 -27.69
CA LYS A 425 -1.00 23.12 -26.34
C LYS A 425 -0.99 24.64 -26.23
N GLU A 426 -1.09 25.31 -27.38
CA GLU A 426 -1.09 26.76 -27.42
C GLU A 426 -2.43 27.31 -26.94
N HIS A 427 -3.42 26.44 -26.84
CA HIS A 427 -4.74 26.83 -26.38
C HIS A 427 -5.02 26.28 -24.99
N LEU A 428 -4.04 25.54 -24.46
CA LEU A 428 -4.16 24.95 -23.12
C LEU A 428 -3.49 25.84 -22.08
N ALA A 429 -4.03 25.83 -20.88
CA ALA A 429 -3.48 26.63 -19.79
C ALA A 429 -3.40 25.73 -18.57
N VAL A 430 -2.22 25.72 -17.96
CA VAL A 430 -1.99 24.88 -16.80
C VAL A 430 -1.34 25.63 -15.66
N TYR A 431 -1.92 25.51 -14.48
CA TYR A 431 -1.37 26.18 -13.32
C TYR A 431 -0.05 25.50 -12.97
N LYS A 432 1.02 26.28 -12.97
CA LYS A 432 2.35 25.75 -12.67
C LYS A 432 2.95 26.37 -11.40
N ILE A 433 3.92 25.67 -10.83
CA ILE A 433 4.64 26.15 -9.67
C ILE A 433 6.06 26.26 -10.19
N GLN A 434 6.64 27.43 -10.06
CA GLN A 434 8.00 27.65 -10.53
C GLN A 434 8.90 27.54 -9.32
N MET A 435 9.62 26.42 -9.22
CA MET A 435 10.50 26.21 -8.08
C MET A 435 11.88 26.82 -8.36
N CYS A 436 12.15 27.93 -7.69
CA CYS A 436 13.40 28.66 -7.88
C CYS A 436 14.36 28.52 -6.71
N LYS A 437 15.66 28.46 -7.04
CA LYS A 437 16.68 28.36 -6.02
C LYS A 437 17.25 29.77 -5.86
N SER A 438 17.64 30.12 -4.63
CA SER A 438 18.19 31.45 -4.37
C SER A 438 19.50 31.65 -5.14
N VAL A 439 19.40 32.08 -6.39
CA VAL A 439 20.57 32.33 -7.22
C VAL A 439 20.31 33.47 -8.21
N GLY A 443 19.62 32.36 -10.92
CA GLY A 443 18.74 31.45 -10.22
C GLY A 443 18.09 30.45 -11.17
N ILE A 444 18.45 29.18 -11.04
CA ILE A 444 17.87 28.15 -11.90
C ILE A 444 16.45 27.84 -11.42
N CYS A 445 15.51 27.79 -12.35
CA CYS A 445 14.11 27.52 -12.01
C CYS A 445 13.51 26.42 -12.87
N ILE A 446 12.58 25.69 -12.28
CA ILE A 446 11.91 24.61 -12.99
C ILE A 446 10.42 24.79 -12.81
N ASP A 447 9.67 24.39 -13.83
CA ASP A 447 8.23 24.48 -13.77
C ASP A 447 7.66 23.11 -13.46
N VAL A 448 6.72 23.06 -12.51
CA VAL A 448 6.09 21.83 -12.12
C VAL A 448 4.59 22.09 -12.11
N ASP A 449 3.84 21.28 -12.84
CA ASP A 449 2.41 21.44 -12.90
C ASP A 449 1.78 21.04 -11.59
N ASN A 450 0.95 21.91 -11.04
CA ASN A 450 0.29 21.68 -9.76
C ASN A 450 -0.20 20.23 -9.62
N GLU A 451 -0.57 19.63 -10.73
CA GLU A 451 -1.05 18.25 -10.76
C GLU A 451 0.03 17.25 -10.35
N ASP A 452 1.28 17.65 -10.51
CA ASP A 452 2.40 16.77 -10.17
C ASP A 452 2.69 16.70 -8.68
N LEU A 453 2.40 17.77 -7.95
CA LEU A 453 2.66 17.83 -6.50
C LEU A 453 1.86 16.84 -5.66
N PHE A 454 2.16 16.81 -4.37
CA PHE A 454 1.48 15.94 -3.43
C PHE A 454 0.20 16.56 -2.85
N PHE A 455 -0.89 15.80 -2.91
CA PHE A 455 -2.15 16.24 -2.33
C PHE A 455 -2.12 15.69 -0.91
N ILE A 456 -2.02 16.58 0.06
CA ILE A 456 -2.00 16.14 1.44
C ILE A 456 -3.16 16.84 2.16
N ALA A 457 -4.21 16.09 2.48
CA ALA A 457 -5.37 16.64 3.16
C ALA A 457 -4.96 17.31 4.46
N ASP A 458 -5.60 18.43 4.80
CA ASP A 458 -5.28 19.14 6.02
C ASP A 458 -6.02 18.49 7.20
N LYS A 459 -5.43 18.59 8.38
CA LYS A 459 -6.04 18.01 9.57
C LYS A 459 -7.48 18.52 9.76
N ASN A 460 -7.73 19.76 9.40
CA ASN A 460 -9.07 20.36 9.53
C ASN A 460 -10.11 19.54 8.79
N SER A 461 -9.70 18.90 7.70
CA SER A 461 -10.61 18.10 6.90
C SER A 461 -11.43 17.08 7.68
N PHE A 462 -10.96 16.71 8.87
CA PHE A 462 -11.67 15.68 9.62
C PHE A 462 -12.45 16.11 10.85
N SER A 463 -13.60 15.47 11.04
CA SER A 463 -14.51 15.76 12.13
C SER A 463 -14.00 15.32 13.50
N ASP A 464 -14.34 16.10 14.52
CA ASP A 464 -13.91 15.79 15.87
C ASP A 464 -15.09 15.30 16.71
N ASP A 465 -16.21 14.98 16.04
CA ASP A 465 -17.42 14.52 16.73
C ASP A 465 -17.24 13.32 17.65
N LEU A 466 -16.11 12.62 17.53
CA LEU A 466 -15.86 11.46 18.38
C LEU A 466 -15.55 11.90 19.79
N SER A 467 -14.89 13.05 19.90
CA SER A 467 -14.50 13.60 21.20
C SER A 467 -15.66 14.18 22.01
N LYS A 468 -16.89 13.91 21.60
CA LYS A 468 -18.02 14.45 22.33
C LYS A 468 -18.76 13.40 23.16
N ASN A 469 -19.36 13.86 24.26
CA ASN A 469 -20.11 13.01 25.19
C ASN A 469 -21.37 12.47 24.54
N GLU A 470 -21.81 11.29 24.97
CA GLU A 470 -23.02 10.70 24.42
C GLU A 470 -23.93 10.09 25.48
N ARG A 471 -25.17 10.59 25.53
CA ARG A 471 -26.17 10.11 26.48
C ARG A 471 -26.75 8.75 26.08
N ILE A 472 -26.48 7.74 26.90
CA ILE A 472 -26.98 6.40 26.63
C ILE A 472 -28.29 6.19 27.40
N GLU A 473 -29.30 5.70 26.69
CA GLU A 473 -30.61 5.47 27.27
C GLU A 473 -31.18 4.14 26.78
N TYR A 474 -32.25 3.68 27.42
CA TYR A 474 -32.88 2.41 27.03
C TYR A 474 -33.28 2.44 25.56
N ASN A 475 -33.28 3.64 24.99
CA ASN A 475 -33.62 3.84 23.58
C ASN A 475 -32.37 3.81 22.72
N THR A 476 -31.50 4.80 22.94
CA THR A 476 -30.23 4.95 22.21
C THR A 476 -29.84 3.71 21.41
N GLN A 477 -29.67 3.89 20.09
CA GLN A 477 -29.31 2.78 19.21
C GLN A 477 -28.09 3.08 18.33
N SER A 478 -27.61 2.06 17.63
CA SER A 478 -26.45 2.19 16.74
C SER A 478 -26.79 3.00 15.49
N ASN A 479 -25.84 3.79 15.03
CA ASN A 479 -26.04 4.63 13.86
C ASN A 479 -24.97 4.38 12.80
N TYR A 480 -25.26 3.46 11.89
CA TYR A 480 -24.32 3.13 10.83
C TYR A 480 -24.87 3.46 9.45
N ILE A 481 -24.16 4.32 8.73
CA ILE A 481 -24.54 4.71 7.38
C ILE A 481 -23.72 3.88 6.40
N GLU A 482 -24.41 3.18 5.50
CA GLU A 482 -23.72 2.36 4.51
C GLU A 482 -23.34 3.17 3.27
N ASN A 483 -22.06 3.52 3.17
CA ASN A 483 -21.56 4.27 2.01
C ASN A 483 -21.54 3.29 0.84
N ASP A 484 -22.58 2.48 0.75
CA ASP A 484 -22.70 1.48 -0.30
C ASP A 484 -24.17 1.23 -0.62
N PHE A 485 -24.44 0.71 -1.81
CA PHE A 485 -25.81 0.43 -2.25
C PHE A 485 -25.83 -0.70 -3.31
N PRO A 486 -26.89 -1.52 -3.32
CA PRO A 486 -27.03 -2.62 -4.28
C PRO A 486 -27.67 -2.13 -5.59
N ILE A 487 -26.83 -1.74 -6.54
CA ILE A 487 -27.29 -1.21 -7.80
C ILE A 487 -28.35 -2.07 -8.49
N ASN A 488 -28.33 -3.37 -8.23
CA ASN A 488 -29.31 -4.25 -8.86
C ASN A 488 -30.73 -3.92 -8.43
N GLU A 489 -30.97 -3.92 -7.11
CA GLU A 489 -32.29 -3.61 -6.60
C GLU A 489 -32.77 -2.27 -7.14
N LEU A 490 -31.87 -1.29 -7.17
CA LEU A 490 -32.20 0.05 -7.67
C LEU A 490 -32.75 -0.05 -9.10
N ILE A 491 -32.09 -0.86 -9.90
CA ILE A 491 -32.46 -1.08 -11.29
C ILE A 491 -33.74 -1.91 -11.38
N LEU A 492 -34.01 -2.68 -10.34
CA LEU A 492 -35.18 -3.54 -10.28
C LEU A 492 -36.23 -3.01 -9.29
N ASP A 493 -36.05 -1.78 -8.85
CA ASP A 493 -36.98 -1.19 -7.89
C ASP A 493 -38.32 -0.86 -8.54
N THR A 494 -39.40 -1.39 -7.97
CA THR A 494 -40.74 -1.15 -8.50
C THR A 494 -41.24 0.26 -8.20
N ASP A 495 -41.19 0.67 -6.94
CA ASP A 495 -41.67 2.00 -6.57
C ASP A 495 -40.61 3.08 -6.32
N LEU A 496 -39.51 3.01 -7.07
CA LEU A 496 -38.46 4.01 -6.96
C LEU A 496 -38.91 5.19 -7.84
N ILE A 497 -39.33 4.85 -9.05
CA ILE A 497 -39.78 5.84 -10.02
C ILE A 497 -41.27 6.15 -9.89
N SER A 498 -41.56 7.37 -9.46
CA SER A 498 -42.92 7.84 -9.27
C SER A 498 -43.83 7.52 -10.45
N LYS A 499 -45.12 7.39 -10.14
CA LYS A 499 -46.12 7.11 -11.16
C LYS A 499 -47.26 8.13 -11.02
N ILE A 500 -46.94 9.27 -10.40
CA ILE A 500 -47.89 10.35 -10.22
C ILE A 500 -47.68 11.31 -11.38
N GLU A 501 -48.78 11.79 -11.97
CA GLU A 501 -48.71 12.70 -13.10
C GLU A 501 -47.94 13.98 -12.74
N LEU A 502 -47.14 14.43 -13.70
CA LEU A 502 -46.33 15.63 -13.55
C LEU A 502 -47.19 16.85 -13.84
N PRO A 503 -47.16 17.87 -12.96
CA PRO A 503 -47.94 19.09 -13.13
C PRO A 503 -47.59 19.83 -14.43
N SER A 504 -48.53 20.64 -14.92
CA SER A 504 -48.29 21.39 -16.15
C SER A 504 -47.25 22.44 -15.86
N GLU A 505 -46.33 22.64 -16.81
CA GLU A 505 -45.27 23.62 -16.62
C GLU A 505 -45.66 25.07 -16.82
N ASN A 506 -46.82 25.33 -17.40
CA ASN A 506 -47.21 26.73 -17.59
C ASN A 506 -47.75 27.30 -16.28
N THR A 507 -47.41 28.55 -16.02
CA THR A 507 -47.82 29.23 -14.79
C THR A 507 -47.57 30.74 -14.89
N GLU A 508 -47.78 31.45 -13.79
CA GLU A 508 -47.57 32.89 -13.77
C GLU A 508 -46.12 33.26 -14.04
N SER A 509 -45.94 34.37 -14.76
CA SER A 509 -44.62 34.87 -15.10
C SER A 509 -43.88 35.30 -13.84
N LEU A 510 -42.56 35.25 -13.89
CA LEU A 510 -41.76 35.65 -12.75
C LEU A 510 -41.57 37.16 -12.78
N THR A 511 -41.78 37.82 -11.64
CA THR A 511 -41.60 39.27 -11.56
C THR A 511 -40.47 39.58 -10.59
N ASP A 512 -40.23 38.66 -9.66
CA ASP A 512 -39.17 38.82 -8.67
C ASP A 512 -37.93 38.11 -9.21
N PHE A 513 -37.08 38.85 -9.92
CA PHE A 513 -35.88 38.23 -10.50
C PHE A 513 -34.68 38.26 -9.56
N ASN A 514 -34.92 38.50 -8.28
CA ASN A 514 -33.84 38.53 -7.32
C ASN A 514 -33.08 37.21 -7.34
N VAL A 515 -31.76 37.31 -7.42
CA VAL A 515 -30.91 36.12 -7.47
C VAL A 515 -29.45 36.53 -7.32
N ASP A 516 -28.63 35.64 -6.76
CA ASP A 516 -27.21 35.90 -6.61
C ASP A 516 -26.50 35.31 -7.81
N VAL A 517 -25.74 36.13 -8.52
CA VAL A 517 -25.01 35.63 -9.68
C VAL A 517 -23.52 35.56 -9.33
N PRO A 518 -22.90 34.37 -9.51
CA PRO A 518 -21.48 34.20 -9.21
C PRO A 518 -20.62 35.05 -10.15
N VAL A 519 -19.48 35.51 -9.64
CA VAL A 519 -18.55 36.29 -10.45
C VAL A 519 -17.25 35.49 -10.44
N TYR A 520 -16.78 35.11 -11.63
CA TYR A 520 -15.56 34.33 -11.74
C TYR A 520 -14.44 35.13 -12.36
N GLU A 521 -13.20 34.71 -12.09
CA GLU A 521 -12.04 35.37 -12.68
C GLU A 521 -10.74 34.59 -12.57
N LYS A 522 -9.97 34.68 -13.64
CA LYS A 522 -8.71 33.99 -13.74
C LYS A 522 -7.72 34.45 -12.69
N GLN A 523 -6.80 33.57 -12.35
CA GLN A 523 -5.75 33.88 -11.40
C GLN A 523 -4.47 33.44 -12.10
N PRO A 524 -3.31 33.93 -11.65
CA PRO A 524 -2.03 33.56 -12.26
C PRO A 524 -1.89 32.06 -12.50
N ALA A 525 -1.40 31.70 -13.68
CA ALA A 525 -1.20 30.29 -14.04
C ALA A 525 0.19 29.82 -13.59
N ILE A 526 0.95 30.74 -12.99
CA ILE A 526 2.28 30.45 -12.52
C ILE A 526 2.53 31.10 -11.15
N LYS A 527 2.96 30.29 -10.19
CA LYS A 527 3.26 30.79 -8.85
C LYS A 527 4.73 30.46 -8.59
N LYS A 528 5.53 31.49 -8.44
CA LYS A 528 6.96 31.31 -8.20
C LYS A 528 7.28 31.18 -6.72
N ILE A 529 7.94 30.08 -6.36
CA ILE A 529 8.35 29.85 -4.97
C ILE A 529 9.87 29.70 -4.93
N PHE A 530 10.44 29.85 -3.73
CA PHE A 530 11.87 29.71 -3.55
C PHE A 530 12.20 28.56 -2.60
N THR A 531 13.17 27.75 -3.00
CA THR A 531 13.60 26.59 -2.23
C THR A 531 14.88 26.06 -2.84
N ASP A 532 15.80 25.61 -1.99
CA ASP A 532 17.06 25.06 -2.49
C ASP A 532 16.98 23.55 -2.42
N GLU A 533 15.79 23.05 -2.14
CA GLU A 533 15.57 21.61 -2.06
C GLU A 533 15.75 20.97 -3.40
N ASN A 534 16.19 19.72 -3.37
CA ASN A 534 16.37 18.91 -4.57
C ASN A 534 15.63 17.63 -4.26
N THR A 535 14.32 17.64 -4.51
CA THR A 535 13.50 16.49 -4.25
C THR A 535 12.96 15.87 -5.54
N ILE A 536 11.87 15.12 -5.45
CA ILE A 536 11.29 14.45 -6.61
C ILE A 536 11.23 15.28 -7.89
N PHE A 537 10.74 16.52 -7.80
CA PHE A 537 10.63 17.40 -8.96
C PHE A 537 11.99 17.69 -9.57
N GLN A 538 12.97 18.07 -8.74
CA GLN A 538 14.30 18.34 -9.26
C GLN A 538 14.98 17.10 -9.84
N TYR A 539 14.84 15.97 -9.16
CA TYR A 539 15.43 14.72 -9.63
C TYR A 539 14.81 14.23 -10.93
N LEU A 540 13.49 14.39 -11.06
CA LEU A 540 12.85 13.97 -12.31
C LEU A 540 13.35 14.88 -13.42
N TYR A 541 13.41 16.17 -13.11
CA TYR A 541 13.87 17.17 -14.08
C TYR A 541 15.29 16.91 -14.58
N SER A 542 16.17 16.46 -13.70
CA SER A 542 17.57 16.21 -14.07
C SER A 542 17.69 15.06 -15.06
N GLN A 543 16.59 14.33 -15.25
CA GLN A 543 16.58 13.21 -16.18
C GLN A 543 16.03 13.57 -17.56
N THR A 544 15.75 14.86 -17.77
CA THR A 544 15.24 15.31 -19.08
C THR A 544 16.32 16.09 -19.84
N PHE A 545 15.99 16.49 -21.06
CA PHE A 545 16.91 17.28 -21.90
C PHE A 545 16.13 18.05 -22.94
N PRO A 546 16.61 19.23 -23.34
CA PRO A 546 16.02 20.13 -24.33
C PRO A 546 15.74 19.53 -25.70
N LEU A 547 14.73 20.07 -26.36
CA LEU A 547 14.35 19.61 -27.69
C LEU A 547 15.40 19.95 -28.73
N ASP A 548 16.09 21.09 -28.55
CA ASP A 548 17.12 21.50 -29.51
C ASP A 548 18.43 20.76 -29.35
N ILE A 549 18.47 19.79 -28.44
CA ILE A 549 19.67 19.01 -28.18
C ILE A 549 19.48 17.56 -28.60
N ARG A 550 20.45 16.98 -29.30
CA ARG A 550 20.32 15.59 -29.73
C ARG A 550 21.49 14.71 -29.28
N ASP A 551 22.54 15.35 -28.75
CA ASP A 551 23.70 14.59 -28.26
C ASP A 551 23.82 14.70 -26.74
N ILE A 552 23.51 13.61 -26.05
CA ILE A 552 23.58 13.58 -24.59
C ILE A 552 24.41 12.41 -24.13
N SER A 553 24.79 12.46 -22.86
CA SER A 553 25.55 11.39 -22.22
C SER A 553 24.97 11.20 -20.82
N LEU A 554 24.96 9.96 -20.35
CA LEU A 554 24.41 9.67 -19.03
C LEU A 554 25.42 9.94 -17.94
N THR A 555 24.91 10.22 -16.75
CA THR A 555 25.78 10.45 -15.61
C THR A 555 25.08 10.10 -14.32
N SER A 556 25.84 9.59 -13.37
CA SER A 556 25.31 9.21 -12.07
C SER A 556 25.35 10.41 -11.16
N SER A 557 25.96 11.49 -11.64
CA SER A 557 26.06 12.73 -10.87
C SER A 557 24.89 13.66 -11.10
N PHE A 558 24.00 13.71 -10.11
CA PHE A 558 22.82 14.55 -10.17
C PHE A 558 23.15 16.03 -10.40
N ASP A 559 24.24 16.49 -9.80
CA ASP A 559 24.61 17.89 -9.96
C ASP A 559 25.14 18.25 -11.33
N ASP A 560 25.79 17.31 -12.00
CA ASP A 560 26.31 17.59 -13.34
C ASP A 560 25.15 17.57 -14.33
N ALA A 561 24.20 16.68 -14.08
CA ALA A 561 23.03 16.54 -14.93
C ALA A 561 22.22 17.84 -14.95
N LEU A 562 22.15 18.52 -13.81
CA LEU A 562 21.39 19.76 -13.71
C LEU A 562 22.15 20.91 -14.34
N LEU A 563 23.47 20.81 -14.31
CA LEU A 563 24.30 21.88 -14.84
C LEU A 563 24.39 21.86 -16.36
N PHE A 564 24.96 20.79 -16.89
CA PHE A 564 25.15 20.65 -18.31
C PHE A 564 23.96 20.03 -19.02
N SER A 565 23.45 20.78 -20.00
CA SER A 565 22.28 20.39 -20.79
C SER A 565 22.47 19.08 -21.52
N ASN A 566 23.71 18.79 -21.90
CA ASN A 566 24.00 17.54 -22.61
C ASN A 566 24.24 16.36 -21.65
N LYS A 567 23.96 16.58 -20.38
CA LYS A 567 24.13 15.53 -19.36
C LYS A 567 22.75 15.14 -18.85
N VAL A 568 22.50 13.85 -18.72
CA VAL A 568 21.22 13.38 -18.22
C VAL A 568 21.45 12.43 -17.05
N TYR A 569 20.72 12.65 -15.96
CA TYR A 569 20.88 11.81 -14.78
C TYR A 569 20.33 10.41 -14.96
N SER A 570 21.02 9.44 -14.36
CA SER A 570 20.58 8.06 -14.44
C SER A 570 20.77 7.42 -13.07
N PHE A 571 19.75 6.72 -12.59
CA PHE A 571 19.80 6.05 -11.30
C PHE A 571 20.16 4.57 -11.46
N PHE A 572 20.49 4.18 -12.69
CA PHE A 572 20.87 2.80 -12.97
C PHE A 572 22.36 2.60 -12.66
N SER A 573 22.82 1.36 -12.71
CA SER A 573 24.22 1.02 -12.38
C SER A 573 25.30 1.86 -13.05
N MET A 574 26.52 1.73 -12.54
CA MET A 574 27.66 2.46 -13.07
C MET A 574 28.13 1.82 -14.37
N ASP A 575 27.99 0.50 -14.44
CA ASP A 575 28.40 -0.25 -15.62
C ASP A 575 27.41 0.08 -16.75
N TYR A 576 26.13 0.14 -16.42
CA TYR A 576 25.11 0.46 -17.39
C TYR A 576 25.41 1.80 -18.02
N ILE A 577 25.68 2.79 -17.18
CA ILE A 577 25.97 4.14 -17.63
C ILE A 577 27.19 4.23 -18.55
N LYS A 578 28.25 3.47 -18.25
CA LYS A 578 29.44 3.48 -19.09
C LYS A 578 29.13 2.87 -20.45
N THR A 579 28.47 1.72 -20.46
CA THR A 579 28.11 1.05 -21.70
C THR A 579 27.18 1.90 -22.59
N ALA A 580 26.31 2.69 -21.98
CA ALA A 580 25.39 3.54 -22.72
C ALA A 580 26.11 4.70 -23.41
N ASN A 581 27.20 5.15 -22.80
CA ASN A 581 27.95 6.27 -23.35
C ASN A 581 29.07 5.81 -24.29
N LYS A 582 29.24 4.51 -24.38
CA LYS A 582 30.28 3.89 -25.22
C LYS A 582 30.02 4.03 -26.74
N VAL A 583 31.04 4.44 -27.48
CA VAL A 583 30.95 4.60 -28.94
C VAL A 583 31.72 3.48 -29.64
N VAL A 584 31.08 2.80 -30.58
CA VAL A 584 31.71 1.69 -31.30
C VAL A 584 31.72 1.76 -32.82
N GLU A 585 32.44 0.83 -33.43
CA GLU A 585 32.54 0.74 -34.88
C GLU A 585 31.20 0.26 -35.48
N ALA A 586 30.85 0.80 -36.63
CA ALA A 586 29.60 0.42 -37.30
C ALA A 586 29.40 -1.08 -37.27
N GLY A 587 30.48 -1.83 -37.50
CA GLY A 587 30.40 -3.27 -37.49
C GLY A 587 30.11 -3.88 -36.13
N LEU A 588 30.20 -3.07 -35.09
CA LEU A 588 29.94 -3.56 -33.75
C LEU A 588 28.74 -2.81 -33.16
N PHE A 589 28.07 -2.00 -33.98
CA PHE A 589 26.94 -1.25 -33.45
C PHE A 589 25.75 -2.13 -33.10
N ALA A 590 25.42 -3.06 -33.98
CA ALA A 590 24.30 -3.94 -33.74
C ALA A 590 24.50 -4.65 -32.41
N GLY A 591 25.70 -5.20 -32.21
CA GLY A 591 26.00 -5.91 -30.98
C GLY A 591 25.87 -5.05 -29.75
N TRP A 592 26.29 -3.79 -29.85
CA TRP A 592 26.22 -2.86 -28.73
C TRP A 592 24.76 -2.53 -28.42
N VAL A 593 23.95 -2.41 -29.47
CA VAL A 593 22.54 -2.10 -29.28
C VAL A 593 21.87 -3.22 -28.49
N LYS A 594 22.13 -4.45 -28.88
CA LYS A 594 21.58 -5.62 -28.21
C LYS A 594 21.99 -5.64 -26.74
N GLN A 595 23.24 -5.30 -26.50
CA GLN A 595 23.82 -5.27 -25.17
C GLN A 595 23.29 -4.17 -24.26
N ILE A 596 23.37 -2.92 -24.71
CA ILE A 596 22.90 -1.82 -23.88
C ILE A 596 21.39 -1.93 -23.63
N VAL A 597 20.66 -2.52 -24.57
CA VAL A 597 19.23 -2.68 -24.40
C VAL A 597 19.01 -3.74 -23.33
N ASN A 598 19.60 -4.92 -23.55
CA ASN A 598 19.49 -6.02 -22.61
C ASN A 598 19.82 -5.53 -21.20
N ASP A 599 20.89 -4.73 -21.10
CA ASP A 599 21.33 -4.16 -19.83
C ASP A 599 20.24 -3.32 -19.17
N PHE A 600 19.55 -2.50 -19.96
CA PHE A 600 18.48 -1.65 -19.46
C PHE A 600 17.43 -2.48 -18.78
N VAL A 601 17.09 -3.61 -19.40
CA VAL A 601 16.06 -4.51 -18.87
C VAL A 601 16.51 -5.14 -17.57
N ILE A 602 17.78 -5.49 -17.51
CA ILE A 602 18.35 -6.08 -16.32
C ILE A 602 18.28 -5.07 -15.18
N GLU A 603 18.74 -3.86 -15.44
CA GLU A 603 18.72 -2.80 -14.43
C GLU A 603 17.31 -2.54 -13.92
N ALA A 604 16.38 -2.33 -14.85
CA ALA A 604 14.99 -2.06 -14.49
C ALA A 604 14.40 -3.21 -13.69
N ASN A 605 14.82 -4.43 -14.03
CA ASN A 605 14.33 -5.62 -13.36
C ASN A 605 14.88 -5.83 -11.95
N LYS A 606 15.80 -4.96 -11.52
CA LYS A 606 16.33 -5.10 -10.17
C LYS A 606 15.23 -4.70 -9.19
N SER A 607 14.10 -4.27 -9.74
CA SER A 607 12.94 -3.88 -8.96
C SER A 607 12.29 -5.10 -8.31
N ASN A 608 12.76 -6.29 -8.61
CA ASN A 608 12.19 -7.48 -8.01
C ASN A 608 13.12 -8.06 -6.94
N THR A 609 14.07 -7.26 -6.49
CA THR A 609 15.02 -7.71 -5.49
C THR A 609 14.34 -8.14 -4.19
N MET A 610 14.81 -9.26 -3.63
CA MET A 610 14.27 -9.78 -2.38
C MET A 610 15.27 -9.46 -1.29
N ASP A 611 14.82 -9.45 -0.03
CA ASP A 611 15.69 -9.15 1.10
C ASP A 611 15.21 -9.98 2.30
N LYS A 612 14.95 -11.25 2.05
CA LYS A 612 14.44 -12.16 3.06
C LYS A 612 15.18 -12.21 4.38
N ILE A 613 16.51 -12.10 4.37
CA ILE A 613 17.26 -12.15 5.63
C ILE A 613 16.83 -11.02 6.58
N ALA A 614 16.51 -9.86 6.01
CA ALA A 614 16.08 -8.72 6.81
C ALA A 614 14.56 -8.74 6.93
N ASP A 615 13.97 -9.88 6.64
CA ASP A 615 12.52 -10.05 6.72
C ASP A 615 11.73 -9.08 5.83
N ILE A 616 12.22 -8.86 4.62
CA ILE A 616 11.58 -7.98 3.64
C ILE A 616 11.56 -8.70 2.29
N SER A 617 10.39 -9.18 1.90
CA SER A 617 10.24 -9.93 0.66
C SER A 617 10.44 -9.20 -0.66
N LEU A 618 10.28 -7.88 -0.68
CA LEU A 618 10.43 -7.12 -1.91
C LEU A 618 10.95 -5.74 -1.62
N ILE A 619 11.91 -5.31 -2.42
CA ILE A 619 12.51 -4.00 -2.23
C ILE A 619 12.97 -3.48 -3.60
N VAL A 620 12.63 -2.24 -3.90
CA VAL A 620 13.04 -1.63 -5.15
C VAL A 620 14.23 -0.75 -4.77
N PRO A 621 15.46 -1.30 -4.89
CA PRO A 621 16.70 -0.60 -4.55
C PRO A 621 16.98 0.76 -5.17
N TYR A 622 16.58 0.96 -6.42
CA TYR A 622 16.87 2.24 -7.04
C TYR A 622 15.85 3.36 -6.84
N ILE A 623 14.75 3.11 -6.13
CA ILE A 623 13.74 4.16 -5.92
C ILE A 623 14.30 5.45 -5.32
N GLY A 624 15.18 5.33 -4.33
CA GLY A 624 15.76 6.52 -3.70
C GLY A 624 16.68 7.30 -4.62
N LEU A 625 17.42 6.60 -5.47
CA LEU A 625 18.33 7.27 -6.40
C LEU A 625 17.58 7.95 -7.53
N ALA A 626 16.42 7.39 -7.87
CA ALA A 626 15.60 7.89 -8.96
C ALA A 626 14.83 9.17 -8.63
N LEU A 627 14.23 9.21 -7.44
CA LEU A 627 13.42 10.34 -7.03
C LEU A 627 13.93 11.19 -5.88
N ASN A 628 14.70 10.58 -4.99
CA ASN A 628 15.19 11.27 -3.81
C ASN A 628 14.00 11.87 -3.06
N VAL A 629 12.91 11.09 -3.02
CA VAL A 629 11.68 11.51 -2.37
C VAL A 629 11.82 11.24 -0.87
N GLY A 630 10.99 11.88 -0.05
CA GLY A 630 11.05 11.65 1.38
C GLY A 630 12.28 12.20 2.09
N ASN A 631 12.74 11.46 3.09
CA ASN A 631 13.91 11.87 3.88
C ASN A 631 15.19 11.48 3.15
N GLU A 632 15.71 12.41 2.34
CA GLU A 632 16.93 12.23 1.55
C GLU A 632 17.29 10.80 1.18
N THR A 633 16.37 10.12 0.48
CA THR A 633 16.56 8.74 0.10
C THR A 633 17.59 8.47 -1.00
N ALA A 634 18.08 9.51 -1.65
CA ALA A 634 19.09 9.31 -2.69
C ALA A 634 20.50 9.12 -2.08
N LYS A 635 20.63 9.42 -0.79
CA LYS A 635 21.92 9.26 -0.13
C LYS A 635 22.02 7.94 0.62
N GLY A 636 23.24 7.39 0.67
CA GLY A 636 23.46 6.13 1.35
C GLY A 636 22.81 4.99 0.59
N ASN A 637 22.67 3.85 1.26
CA ASN A 637 22.06 2.67 0.64
C ASN A 637 20.57 2.69 0.98
N PHE A 638 19.73 2.75 -0.05
CA PHE A 638 18.30 2.80 0.18
C PHE A 638 17.81 1.58 0.92
N GLU A 639 18.24 0.39 0.50
CA GLU A 639 17.80 -0.84 1.15
C GLU A 639 18.08 -0.81 2.65
N ASN A 640 19.29 -0.45 3.06
CA ASN A 640 19.59 -0.40 4.48
C ASN A 640 18.66 0.58 5.16
N ALA A 641 18.56 1.78 4.61
CA ALA A 641 17.69 2.83 5.16
C ALA A 641 16.24 2.34 5.30
N PHE A 642 15.77 1.57 4.34
CA PHE A 642 14.41 1.05 4.38
C PHE A 642 14.27 -0.01 5.49
N GLU A 643 15.30 -0.83 5.65
CA GLU A 643 15.29 -1.87 6.67
C GLU A 643 15.12 -1.25 8.05
N ILE A 644 15.80 -0.13 8.26
CA ILE A 644 15.76 0.60 9.53
C ILE A 644 14.46 1.34 9.82
N ALA A 645 14.07 2.25 8.93
CA ALA A 645 12.87 3.05 9.14
C ALA A 645 11.62 2.71 8.34
N GLY A 646 11.73 1.84 7.35
CA GLY A 646 10.56 1.47 6.57
C GLY A 646 9.93 2.51 5.64
N ALA A 647 8.66 2.29 5.33
CA ALA A 647 7.89 3.15 4.44
C ALA A 647 7.94 4.64 4.80
N SER A 648 8.00 4.92 6.10
CA SER A 648 8.03 6.30 6.55
C SER A 648 9.09 7.13 5.86
N ILE A 649 10.15 6.50 5.37
CA ILE A 649 11.22 7.25 4.73
C ILE A 649 10.89 7.73 3.33
N LEU A 650 9.93 7.07 2.69
CA LEU A 650 9.54 7.47 1.35
C LEU A 650 8.55 8.61 1.31
N LEU A 651 7.82 8.83 2.42
CA LEU A 651 6.84 9.90 2.48
C LEU A 651 7.47 11.27 2.41
N GLU A 652 6.88 12.14 1.60
CA GLU A 652 7.38 13.50 1.45
C GLU A 652 7.04 14.31 2.68
N PHE A 653 6.05 13.84 3.44
CA PHE A 653 5.59 14.56 4.61
C PHE A 653 4.91 13.59 5.56
N ILE A 654 5.14 13.71 6.86
CA ILE A 654 4.47 12.81 7.81
C ILE A 654 3.26 13.55 8.35
N PRO A 655 2.04 13.10 8.01
CA PRO A 655 0.85 13.80 8.51
C PRO A 655 0.79 13.88 10.04
N GLU A 656 -0.11 14.72 10.53
CA GLU A 656 -0.37 14.87 11.95
C GLU A 656 -1.80 14.42 12.05
N LEU A 657 -2.01 13.21 12.53
CA LEU A 657 -3.35 12.64 12.60
C LEU A 657 -4.31 13.22 13.63
N LEU A 658 -5.60 13.01 13.35
CA LEU A 658 -6.65 13.45 14.25
C LEU A 658 -7.13 12.16 14.89
N ILE A 659 -6.77 11.97 16.15
CA ILE A 659 -7.18 10.79 16.88
C ILE A 659 -7.65 11.34 18.22
N PRO A 660 -8.88 11.87 18.26
CA PRO A 660 -9.50 12.46 19.44
C PRO A 660 -9.73 11.49 20.59
N VAL A 661 -9.73 12.03 21.81
CA VAL A 661 -9.98 11.21 22.97
C VAL A 661 -11.49 11.00 22.91
N VAL A 662 -11.91 9.76 22.72
CA VAL A 662 -13.34 9.48 22.64
C VAL A 662 -14.07 10.08 23.84
N GLY A 663 -15.04 10.95 23.56
CA GLY A 663 -15.80 11.59 24.64
C GLY A 663 -16.43 10.58 25.58
N ALA A 664 -16.79 11.05 26.78
CA ALA A 664 -17.40 10.22 27.81
C ALA A 664 -18.85 9.82 27.54
N PHE A 665 -19.32 8.85 28.32
CA PHE A 665 -20.69 8.36 28.21
C PHE A 665 -21.53 8.78 29.41
N LEU A 666 -22.79 9.16 29.14
CA LEU A 666 -23.73 9.57 30.17
C LEU A 666 -24.88 8.57 30.21
N LEU A 667 -24.83 7.68 31.19
CA LEU A 667 -25.86 6.66 31.36
C LEU A 667 -27.00 7.23 32.20
N GLU A 668 -28.22 7.14 31.68
CA GLU A 668 -29.39 7.64 32.38
C GLU A 668 -29.96 6.55 33.29
N SER A 669 -30.11 6.86 34.57
CA SER A 669 -30.64 5.89 35.53
C SER A 669 -32.16 5.92 35.64
N TYR A 670 -32.75 4.73 35.74
CA TYR A 670 -34.19 4.56 35.89
C TYR A 670 -34.48 3.81 37.19
N ILE A 671 -34.58 4.57 38.28
CA ILE A 671 -34.85 4.02 39.61
C ILE A 671 -36.07 3.10 39.59
N ASP A 672 -35.94 1.92 40.23
CA ASP A 672 -37.00 0.96 40.22
C ASP A 672 -37.46 0.63 38.82
N ASN A 673 -36.55 -0.01 38.08
CA ASN A 673 -36.79 -0.35 36.70
C ASN A 673 -35.73 -1.36 36.26
N LYS A 674 -36.14 -2.59 35.98
CA LYS A 674 -35.18 -3.61 35.57
C LYS A 674 -34.79 -3.50 34.11
N ASN A 675 -35.75 -3.16 33.25
CA ASN A 675 -35.52 -3.03 31.81
C ASN A 675 -34.74 -1.79 31.37
N LYS A 676 -35.37 -0.62 31.47
CA LYS A 676 -34.72 0.63 31.07
C LYS A 676 -33.29 0.76 31.58
N ILE A 677 -32.94 0.01 32.62
CA ILE A 677 -31.60 0.02 33.19
C ILE A 677 -30.68 -0.97 32.45
N ILE A 678 -31.15 -2.20 32.30
CA ILE A 678 -30.38 -3.23 31.59
C ILE A 678 -30.12 -2.74 30.16
N LYS A 679 -31.14 -2.13 29.57
CA LYS A 679 -31.03 -1.60 28.21
C LYS A 679 -29.90 -0.60 28.14
N THR A 680 -29.97 0.44 28.97
CA THR A 680 -28.93 1.48 29.01
C THR A 680 -27.53 0.85 29.02
N ILE A 681 -27.44 -0.34 29.61
CA ILE A 681 -26.17 -1.04 29.69
C ILE A 681 -25.82 -1.63 28.33
N ASP A 682 -26.67 -2.53 27.84
CA ASP A 682 -26.45 -3.17 26.55
C ASP A 682 -26.22 -2.17 25.43
N ASN A 683 -27.00 -1.10 25.42
CA ASN A 683 -26.88 -0.06 24.39
C ASN A 683 -25.55 0.70 24.46
N ALA A 684 -25.03 0.88 25.67
CA ALA A 684 -23.76 1.58 25.84
C ALA A 684 -22.65 0.66 25.35
N LEU A 685 -22.88 -0.65 25.47
CA LEU A 685 -21.91 -1.65 25.03
C LEU A 685 -21.83 -1.66 23.52
N THR A 686 -22.99 -1.67 22.86
CA THR A 686 -23.02 -1.67 21.42
C THR A 686 -22.59 -0.32 20.87
N LYS A 687 -22.89 0.76 21.61
CA LYS A 687 -22.49 2.10 21.20
C LYS A 687 -20.97 2.18 21.23
N ARG A 688 -20.39 1.48 22.20
CA ARG A 688 -18.95 1.43 22.34
C ARG A 688 -18.38 0.89 21.04
N ASN A 689 -18.96 -0.20 20.55
CA ASN A 689 -18.52 -0.82 19.30
C ASN A 689 -18.62 0.13 18.12
N GLU A 690 -19.59 1.04 18.16
CA GLU A 690 -19.76 2.00 17.09
C GLU A 690 -18.62 3.00 17.16
N LYS A 691 -18.17 3.30 18.37
CA LYS A 691 -17.07 4.24 18.54
C LYS A 691 -15.81 3.62 17.95
N TRP A 692 -15.70 2.30 18.10
CA TRP A 692 -14.55 1.57 17.55
C TRP A 692 -14.59 1.62 16.02
N SER A 693 -15.70 1.16 15.45
CA SER A 693 -15.85 1.16 14.01
C SER A 693 -15.63 2.57 13.47
N ASP A 694 -16.28 3.54 14.11
CA ASP A 694 -16.16 4.93 13.70
C ASP A 694 -14.74 5.49 13.75
N MET A 695 -13.97 5.12 14.78
CA MET A 695 -12.58 5.60 14.92
C MET A 695 -11.71 5.04 13.79
N TYR A 696 -12.01 3.81 13.37
CA TYR A 696 -11.25 3.18 12.29
C TYR A 696 -11.58 3.91 10.99
N GLY A 697 -12.85 4.29 10.84
CA GLY A 697 -13.26 5.01 9.64
C GLY A 697 -12.47 6.29 9.53
N LEU A 698 -12.29 6.98 10.65
CA LEU A 698 -11.55 8.23 10.67
C LEU A 698 -10.10 7.98 10.23
N ILE A 699 -9.53 6.85 10.68
CA ILE A 699 -8.16 6.50 10.31
C ILE A 699 -8.09 6.26 8.80
N VAL A 700 -8.92 5.36 8.30
CA VAL A 700 -8.95 5.06 6.88
C VAL A 700 -9.13 6.30 6.02
N ALA A 701 -10.06 7.16 6.41
CA ALA A 701 -10.31 8.38 5.65
C ALA A 701 -9.05 9.24 5.58
N GLN A 702 -8.28 9.24 6.67
CA GLN A 702 -7.06 10.03 6.72
C GLN A 702 -5.93 9.35 5.94
N TRP A 703 -5.85 8.03 6.05
CA TRP A 703 -4.83 7.29 5.35
C TRP A 703 -4.94 7.58 3.84
N LEU A 704 -6.14 7.36 3.31
CA LEU A 704 -6.48 7.57 1.89
C LEU A 704 -6.27 8.96 1.33
N SER A 705 -6.25 9.99 2.18
CA SER A 705 -6.09 11.35 1.69
C SER A 705 -4.85 12.12 2.13
N THR A 706 -3.99 11.48 2.94
CA THR A 706 -2.75 12.12 3.40
C THR A 706 -1.53 11.21 3.20
N VAL A 707 -1.75 9.91 3.16
CA VAL A 707 -0.67 8.95 3.01
C VAL A 707 -0.68 8.23 1.67
N ASN A 708 -1.74 7.48 1.41
CA ASN A 708 -1.88 6.75 0.15
C ASN A 708 -1.83 7.67 -1.07
N THR A 709 -2.10 8.95 -0.89
CA THR A 709 -2.02 9.88 -2.00
C THR A 709 -0.54 10.16 -2.28
N GLN A 710 0.26 10.26 -1.23
CA GLN A 710 1.68 10.50 -1.43
C GLN A 710 2.31 9.31 -2.14
N PHE A 711 1.99 8.11 -1.71
CA PHE A 711 2.53 6.94 -2.37
C PHE A 711 2.05 6.86 -3.82
N TYR A 712 0.88 7.42 -4.11
CA TYR A 712 0.39 7.44 -5.47
C TYR A 712 1.37 8.25 -6.31
N THR A 713 1.71 9.43 -5.80
CA THR A 713 2.63 10.34 -6.48
C THR A 713 3.98 9.68 -6.73
N ILE A 714 4.41 8.89 -5.76
CA ILE A 714 5.68 8.19 -5.89
C ILE A 714 5.59 7.17 -7.01
N LYS A 715 4.50 6.42 -7.08
CA LYS A 715 4.32 5.45 -8.15
C LYS A 715 4.36 6.13 -9.53
N GLU A 716 3.69 7.27 -9.65
CA GLU A 716 3.67 8.02 -10.90
C GLU A 716 5.06 8.61 -11.19
N GLY A 717 5.79 8.92 -10.13
CA GLY A 717 7.12 9.48 -10.32
C GLY A 717 8.04 8.43 -10.89
N MET A 718 7.84 7.19 -10.45
CA MET A 718 8.68 6.09 -10.94
C MET A 718 8.36 5.72 -12.37
N TYR A 719 7.09 5.85 -12.74
CA TYR A 719 6.67 5.55 -14.10
C TYR A 719 7.39 6.54 -15.01
N LYS A 720 7.45 7.79 -14.56
CA LYS A 720 8.12 8.86 -15.30
C LYS A 720 9.61 8.62 -15.39
N ALA A 721 10.23 8.44 -14.23
CA ALA A 721 11.67 8.20 -14.13
C ALA A 721 12.10 7.12 -15.11
N LEU A 722 11.43 5.99 -15.03
CA LEU A 722 11.75 4.88 -15.91
C LEU A 722 11.60 5.31 -17.38
N ASN A 723 10.52 6.00 -17.71
CA ASN A 723 10.30 6.44 -19.10
C ASN A 723 11.39 7.36 -19.59
N TYR A 724 11.80 8.31 -18.76
CA TYR A 724 12.87 9.23 -19.12
C TYR A 724 14.15 8.46 -19.46
N GLN A 725 14.50 7.49 -18.63
CA GLN A 725 15.70 6.71 -18.86
C GLN A 725 15.58 6.05 -20.22
N ALA A 726 14.43 5.45 -20.48
CA ALA A 726 14.19 4.78 -21.76
C ALA A 726 14.31 5.77 -22.93
N GLN A 727 13.91 7.01 -22.68
CA GLN A 727 13.97 8.04 -23.71
C GLN A 727 15.41 8.50 -23.96
N ALA A 728 16.21 8.60 -22.91
CA ALA A 728 17.62 9.00 -23.07
C ALA A 728 18.39 7.93 -23.87
N LEU A 729 18.22 6.67 -23.50
CA LEU A 729 18.92 5.58 -24.20
C LEU A 729 18.46 5.55 -25.66
N GLU A 730 17.21 5.91 -25.86
CA GLU A 730 16.62 5.95 -27.18
C GLU A 730 17.37 7.05 -27.94
N GLU A 731 17.46 8.22 -27.33
CA GLU A 731 18.14 9.36 -27.93
C GLU A 731 19.59 9.09 -28.31
N ILE A 732 20.30 8.35 -27.45
CA ILE A 732 21.69 8.03 -27.69
C ILE A 732 21.84 7.02 -28.83
N ILE A 733 21.01 5.98 -28.82
CA ILE A 733 21.06 4.99 -29.89
C ILE A 733 20.85 5.68 -31.26
N LYS A 734 19.83 6.55 -31.36
CA LYS A 734 19.56 7.27 -32.61
C LYS A 734 20.77 8.12 -32.98
N TYR A 735 21.34 8.81 -32.00
CA TYR A 735 22.49 9.63 -32.28
C TYR A 735 23.69 8.85 -32.84
N ARG A 736 24.12 7.81 -32.14
CA ARG A 736 25.27 7.01 -32.61
C ARG A 736 25.02 6.42 -33.99
N TYR A 737 23.80 5.97 -34.23
CA TYR A 737 23.45 5.38 -35.51
C TYR A 737 23.55 6.40 -36.64
N ASN A 738 23.02 7.60 -36.40
CA ASN A 738 23.02 8.63 -37.42
C ASN A 738 24.35 9.32 -37.67
N ILE A 739 25.36 8.91 -36.93
CA ILE A 739 26.70 9.47 -37.11
C ILE A 739 27.39 8.75 -38.27
N TYR A 740 26.95 7.52 -38.54
CA TYR A 740 27.51 6.75 -39.63
C TYR A 740 26.93 7.27 -40.96
N SER A 741 27.54 6.87 -42.06
CA SER A 741 27.08 7.29 -43.38
C SER A 741 25.97 6.35 -43.84
N GLU A 742 25.28 6.72 -44.91
CA GLU A 742 24.19 5.90 -45.45
C GLU A 742 24.68 4.53 -45.89
N LYS A 743 25.91 4.48 -46.38
CA LYS A 743 26.50 3.23 -46.85
C LYS A 743 26.63 2.25 -45.69
N GLU A 744 27.15 2.73 -44.56
CA GLU A 744 27.33 1.89 -43.37
C GLU A 744 25.97 1.51 -42.78
N LYS A 745 25.08 2.50 -42.69
CA LYS A 745 23.74 2.27 -42.16
C LYS A 745 23.04 1.12 -42.88
N SER A 746 23.30 0.98 -44.18
CA SER A 746 22.69 -0.07 -44.96
C SER A 746 23.13 -1.45 -44.51
N ASN A 747 24.33 -1.54 -43.94
CA ASN A 747 24.80 -2.84 -43.48
C ASN A 747 24.71 -3.07 -41.99
N ILE A 748 23.99 -2.18 -41.31
CA ILE A 748 23.74 -2.27 -39.87
C ILE A 748 22.31 -2.78 -39.76
N ASN A 749 22.15 -3.91 -39.09
CA ASN A 749 20.83 -4.51 -38.91
C ASN A 749 20.20 -4.03 -37.60
N ILE A 750 19.29 -3.05 -37.72
CA ILE A 750 18.61 -2.47 -36.55
C ILE A 750 17.12 -2.20 -36.76
N ASP A 751 16.35 -2.38 -35.69
CA ASP A 751 14.90 -2.17 -35.73
C ASP A 751 14.45 -1.40 -34.50
N PHE A 752 14.20 -0.10 -34.68
CA PHE A 752 13.79 0.74 -33.57
C PHE A 752 12.46 0.38 -32.90
N ASN A 753 11.49 -0.11 -33.65
CA ASN A 753 10.23 -0.48 -33.03
C ASN A 753 10.56 -1.55 -31.99
N ASP A 754 11.45 -2.45 -32.37
CA ASP A 754 11.87 -3.54 -31.49
C ASP A 754 12.58 -3.01 -30.24
N ILE A 755 13.59 -2.18 -30.43
CA ILE A 755 14.32 -1.60 -29.32
C ILE A 755 13.30 -1.03 -28.31
N ASN A 756 12.38 -0.23 -28.82
CA ASN A 756 11.35 0.37 -28.00
C ASN A 756 10.49 -0.68 -27.31
N SER A 757 10.24 -1.77 -28.01
CA SER A 757 9.45 -2.85 -27.45
C SER A 757 10.15 -3.48 -26.25
N LYS A 758 11.42 -3.85 -26.42
CA LYS A 758 12.15 -4.46 -25.32
C LYS A 758 12.24 -3.51 -24.15
N LEU A 759 12.43 -2.23 -24.46
CA LEU A 759 12.55 -1.20 -23.43
C LEU A 759 11.25 -0.98 -22.68
N ASN A 760 10.18 -0.74 -23.42
CA ASN A 760 8.89 -0.52 -22.78
C ASN A 760 8.44 -1.77 -22.02
N GLU A 761 8.95 -2.93 -22.42
CA GLU A 761 8.58 -4.18 -21.77
C GLU A 761 9.22 -4.23 -20.39
N GLY A 762 10.51 -3.95 -20.35
CA GLY A 762 11.22 -3.93 -19.09
C GLY A 762 10.60 -2.91 -18.18
N ILE A 763 10.13 -1.81 -18.76
CA ILE A 763 9.50 -0.76 -17.98
C ILE A 763 8.24 -1.29 -17.33
N ASN A 764 7.45 -2.03 -18.09
CA ASN A 764 6.21 -2.58 -17.57
C ASN A 764 6.41 -3.61 -16.45
N GLN A 765 7.47 -4.42 -16.55
CA GLN A 765 7.75 -5.41 -15.51
C GLN A 765 8.12 -4.73 -14.21
N ALA A 766 8.89 -3.65 -14.33
CA ALA A 766 9.33 -2.88 -13.18
C ALA A 766 8.16 -2.10 -12.59
N ILE A 767 7.26 -1.64 -13.43
CA ILE A 767 6.10 -0.87 -12.95
C ILE A 767 5.26 -1.73 -12.02
N ASP A 768 5.02 -2.99 -12.41
CA ASP A 768 4.25 -3.91 -11.59
C ASP A 768 4.94 -4.20 -10.27
N ASN A 769 6.27 -4.32 -10.29
CA ASN A 769 7.04 -4.56 -9.07
C ASN A 769 6.87 -3.35 -8.18
N ILE A 770 7.16 -2.18 -8.75
CA ILE A 770 7.08 -0.93 -8.03
C ILE A 770 5.72 -0.68 -7.39
N ASN A 771 4.65 -1.01 -8.11
CA ASN A 771 3.30 -0.83 -7.58
C ASN A 771 3.05 -1.79 -6.44
N ASN A 772 3.46 -3.04 -6.59
CA ASN A 772 3.26 -4.02 -5.53
C ASN A 772 4.05 -3.58 -4.31
N PHE A 773 5.25 -3.08 -4.54
CA PHE A 773 6.09 -2.61 -3.46
C PHE A 773 5.49 -1.39 -2.75
N ILE A 774 5.15 -0.35 -3.51
CA ILE A 774 4.58 0.85 -2.91
C ILE A 774 3.25 0.63 -2.20
N ASN A 775 2.36 -0.19 -2.76
CA ASN A 775 1.10 -0.45 -2.09
C ASN A 775 1.42 -1.13 -0.75
N GLY A 776 2.41 -2.01 -0.79
CA GLY A 776 2.82 -2.70 0.42
C GLY A 776 3.21 -1.72 1.50
N CYS A 777 3.94 -0.67 1.11
CA CYS A 777 4.39 0.37 2.02
C CYS A 777 3.24 1.21 2.55
N SER A 778 2.23 1.40 1.71
CA SER A 778 1.08 2.18 2.10
C SER A 778 0.24 1.44 3.13
N VAL A 779 0.02 0.15 2.91
CA VAL A 779 -0.77 -0.65 3.82
C VAL A 779 0.00 -0.84 5.13
N SER A 780 1.32 -0.91 5.02
CA SER A 780 2.19 -1.08 6.18
C SER A 780 2.11 0.16 7.06
N TYR A 781 2.11 1.32 6.44
CA TYR A 781 2.04 2.54 7.20
C TYR A 781 0.71 2.66 7.92
N LEU A 782 -0.34 2.21 7.27
CA LEU A 782 -1.68 2.26 7.85
C LEU A 782 -1.72 1.39 9.11
N MET A 783 -1.30 0.15 8.94
CA MET A 783 -1.31 -0.83 10.02
C MET A 783 -0.34 -0.60 11.17
N LYS A 784 0.87 -0.16 10.87
CA LYS A 784 1.85 0.01 11.92
C LYS A 784 1.98 1.40 12.47
N LYS A 785 1.80 2.40 11.61
CA LYS A 785 1.92 3.78 12.03
C LYS A 785 0.61 4.55 12.30
N MET A 786 -0.53 3.95 12.00
CA MET A 786 -1.81 4.65 12.20
C MET A 786 -2.81 3.90 13.06
N ILE A 787 -3.18 2.70 12.64
CA ILE A 787 -4.12 1.87 13.39
C ILE A 787 -3.72 1.74 14.86
N PRO A 788 -2.42 1.56 15.14
CA PRO A 788 -1.98 1.43 16.54
C PRO A 788 -2.24 2.67 17.38
N LEU A 789 -2.09 3.86 16.79
CA LEU A 789 -2.32 5.10 17.52
C LEU A 789 -3.80 5.29 17.82
N ALA A 790 -4.66 4.64 17.04
CA ALA A 790 -6.09 4.73 17.27
C ALA A 790 -6.44 3.73 18.35
N VAL A 791 -5.93 2.52 18.20
CA VAL A 791 -6.19 1.46 19.18
C VAL A 791 -5.89 1.95 20.59
N GLU A 792 -4.80 2.70 20.73
CA GLU A 792 -4.44 3.22 22.04
C GLU A 792 -5.63 3.97 22.64
N LYS A 793 -6.05 5.04 21.98
CA LYS A 793 -7.17 5.83 22.45
C LYS A 793 -8.42 4.97 22.67
N LEU A 794 -8.73 4.09 21.73
CA LEU A 794 -9.91 3.23 21.86
C LEU A 794 -9.84 2.36 23.11
N LEU A 795 -8.62 2.00 23.52
CA LEU A 795 -8.43 1.17 24.71
C LEU A 795 -8.62 2.08 25.93
N ASP A 796 -8.01 3.27 25.86
CA ASP A 796 -8.11 4.27 26.91
C ASP A 796 -9.59 4.53 27.18
N PHE A 797 -10.37 4.63 26.10
CA PHE A 797 -11.81 4.84 26.17
C PHE A 797 -12.47 3.67 26.88
N ASP A 798 -12.11 2.46 26.47
CA ASP A 798 -12.68 1.27 27.07
C ASP A 798 -12.59 1.28 28.59
N ASN A 799 -11.37 1.35 29.11
CA ASN A 799 -11.16 1.35 30.55
C ASN A 799 -12.12 2.34 31.22
N THR A 800 -12.10 3.59 30.76
CA THR A 800 -12.97 4.62 31.32
C THR A 800 -14.40 4.13 31.36
N LEU A 801 -14.90 3.64 30.22
CA LEU A 801 -16.26 3.12 30.12
C LEU A 801 -16.47 1.90 31.01
N LYS A 802 -15.40 1.18 31.31
CA LYS A 802 -15.48 -0.02 32.14
C LYS A 802 -15.93 0.32 33.56
N LYS A 803 -15.17 1.19 34.22
CA LYS A 803 -15.50 1.62 35.57
C LYS A 803 -16.80 2.42 35.57
N ASN A 804 -17.12 3.00 34.42
CA ASN A 804 -18.32 3.80 34.26
C ASN A 804 -19.55 2.88 34.32
N LEU A 805 -19.45 1.73 33.67
CA LEU A 805 -20.56 0.78 33.66
C LEU A 805 -20.62 -0.01 34.96
N LEU A 806 -19.47 -0.26 35.56
CA LEU A 806 -19.42 -0.98 36.82
C LEU A 806 -20.04 -0.06 37.90
N ASN A 807 -19.59 1.19 37.92
CA ASN A 807 -20.10 2.16 38.89
C ASN A 807 -21.59 2.41 38.68
N TYR A 808 -22.09 2.04 37.50
CA TYR A 808 -23.50 2.20 37.20
C TYR A 808 -24.24 0.95 37.69
N ILE A 809 -23.70 -0.22 37.36
CA ILE A 809 -24.30 -1.49 37.77
C ILE A 809 -24.29 -1.55 39.30
N ASP A 810 -23.59 -0.60 39.92
CA ASP A 810 -23.49 -0.54 41.37
C ASP A 810 -24.56 0.41 41.94
N GLU A 811 -24.55 1.66 41.52
CA GLU A 811 -25.52 2.64 41.99
C GLU A 811 -26.95 2.11 41.87
N ASN A 812 -27.16 1.12 40.99
CA ASN A 812 -28.48 0.54 40.81
C ASN A 812 -28.56 -0.88 41.32
N LYS A 813 -27.50 -1.33 42.00
CA LYS A 813 -27.42 -2.69 42.54
C LYS A 813 -28.77 -3.22 42.99
N LEU A 814 -29.52 -2.37 43.71
CA LEU A 814 -30.83 -2.72 44.23
C LEU A 814 -31.80 -3.16 43.14
N TYR A 815 -32.02 -2.25 42.20
CA TYR A 815 -32.94 -2.46 41.08
C TYR A 815 -32.48 -3.55 40.11
N LEU A 816 -31.30 -4.12 40.37
CA LEU A 816 -30.75 -5.17 39.52
C LEU A 816 -30.87 -6.48 40.29
N ILE A 817 -30.88 -6.37 41.61
CA ILE A 817 -31.01 -7.50 42.52
C ILE A 817 -30.06 -8.67 42.19
N GLY A 818 -30.65 -9.81 41.84
CA GLY A 818 -29.87 -11.00 41.52
C GLY A 818 -29.36 -11.07 40.09
N SER A 819 -28.58 -10.08 39.70
CA SER A 819 -28.01 -10.02 38.37
C SER A 819 -26.97 -8.92 38.34
N ALA A 820 -26.97 -8.09 39.39
CA ALA A 820 -26.01 -6.99 39.51
C ALA A 820 -24.60 -7.57 39.32
N GLU A 821 -24.48 -8.87 39.54
CA GLU A 821 -23.20 -9.57 39.40
C GLU A 821 -23.14 -10.35 38.08
N TYR A 822 -24.30 -10.60 37.47
CA TYR A 822 -24.35 -11.31 36.20
C TYR A 822 -23.93 -10.39 35.07
N GLU A 823 -24.53 -9.21 35.04
CA GLU A 823 -24.20 -8.23 34.02
C GLU A 823 -23.00 -7.40 34.49
N LYS A 824 -22.33 -7.91 35.52
CA LYS A 824 -21.16 -7.27 36.08
C LYS A 824 -20.02 -7.81 35.22
N SER A 825 -20.11 -9.10 34.95
CA SER A 825 -19.13 -9.81 34.12
C SER A 825 -19.48 -9.60 32.66
N LYS A 826 -20.78 -9.62 32.38
CA LYS A 826 -21.29 -9.43 31.03
C LYS A 826 -20.64 -8.18 30.43
N VAL A 827 -20.20 -7.29 31.31
CA VAL A 827 -19.55 -6.05 30.91
C VAL A 827 -18.05 -6.29 30.71
N ASN A 828 -17.45 -7.06 31.60
CA ASN A 828 -16.02 -7.34 31.49
C ASN A 828 -15.73 -8.27 30.31
N LYS A 829 -16.70 -9.10 29.96
CA LYS A 829 -16.54 -10.05 28.87
C LYS A 829 -16.75 -9.41 27.49
N TYR A 830 -17.37 -8.22 27.48
CA TYR A 830 -17.62 -7.50 26.24
C TYR A 830 -16.47 -6.53 25.98
N LEU A 831 -16.12 -5.75 27.01
CA LEU A 831 -15.04 -4.78 26.90
C LEU A 831 -13.68 -5.47 26.91
N LYS A 832 -13.68 -6.78 26.73
CA LYS A 832 -12.44 -7.54 26.71
C LYS A 832 -11.96 -7.73 25.29
N THR A 833 -12.82 -8.31 24.45
CA THR A 833 -12.47 -8.53 23.05
C THR A 833 -12.67 -7.26 22.23
N ILE A 834 -11.57 -6.76 21.66
CA ILE A 834 -11.59 -5.55 20.85
C ILE A 834 -11.88 -5.86 19.38
N MET A 835 -12.54 -4.91 18.71
CA MET A 835 -12.91 -5.04 17.31
C MET A 835 -11.68 -5.03 16.40
N PRO A 836 -11.47 -6.13 15.64
CA PRO A 836 -10.32 -6.23 14.74
C PRO A 836 -10.52 -5.28 13.58
N PHE A 837 -9.46 -4.59 13.15
CA PHE A 837 -9.62 -3.69 12.02
C PHE A 837 -9.76 -4.47 10.72
N ASP A 838 -10.76 -4.09 9.93
CA ASP A 838 -11.00 -4.73 8.64
C ASP A 838 -11.40 -3.64 7.65
N LEU A 839 -10.52 -3.38 6.70
CA LEU A 839 -10.72 -2.35 5.69
C LEU A 839 -11.99 -2.52 4.84
N SER A 840 -12.35 -3.77 4.54
CA SER A 840 -13.53 -4.02 3.71
C SER A 840 -14.81 -3.40 4.30
N ILE A 841 -14.74 -3.01 5.56
CA ILE A 841 -15.86 -2.39 6.24
C ILE A 841 -16.01 -0.93 5.82
N TYR A 842 -14.87 -0.23 5.76
CA TYR A 842 -14.84 1.19 5.42
C TYR A 842 -14.77 1.53 3.94
N THR A 843 -14.75 0.50 3.10
CA THR A 843 -14.68 0.70 1.66
C THR A 843 -14.94 -0.61 0.96
N ASN A 844 -15.23 -0.55 -0.33
CA ASN A 844 -15.49 -1.78 -1.08
C ASN A 844 -14.70 -1.75 -2.39
N ASP A 845 -13.75 -0.83 -2.47
CA ASP A 845 -12.90 -0.69 -3.64
C ASP A 845 -12.05 -1.94 -3.79
N THR A 846 -12.22 -2.64 -4.91
CA THR A 846 -11.49 -3.87 -5.19
C THR A 846 -9.98 -3.74 -5.01
N ILE A 847 -9.39 -2.69 -5.57
CA ILE A 847 -7.96 -2.47 -5.50
C ILE A 847 -7.45 -2.39 -4.07
N LEU A 848 -8.14 -1.59 -3.24
CA LEU A 848 -7.76 -1.41 -1.84
C LEU A 848 -7.95 -2.67 -1.01
N ILE A 849 -9.02 -3.41 -1.28
CA ILE A 849 -9.25 -4.62 -0.53
C ILE A 849 -8.13 -5.60 -0.83
N GLU A 850 -7.72 -5.65 -2.09
CA GLU A 850 -6.64 -6.55 -2.49
C GLU A 850 -5.33 -6.19 -1.81
N MET A 851 -5.05 -4.90 -1.72
CA MET A 851 -3.83 -4.42 -1.06
C MET A 851 -3.83 -4.98 0.37
N PHE A 852 -4.97 -4.84 1.02
CA PHE A 852 -5.17 -5.26 2.39
C PHE A 852 -5.04 -6.76 2.58
N ASN A 853 -5.64 -7.52 1.67
CA ASN A 853 -5.60 -8.96 1.79
C ASN A 853 -4.22 -9.50 1.52
N LYS A 854 -3.53 -8.87 0.58
CA LYS A 854 -2.18 -9.30 0.26
C LYS A 854 -1.31 -9.08 1.51
N TYR A 855 -1.38 -7.88 2.07
CA TYR A 855 -0.61 -7.54 3.27
C TYR A 855 -0.78 -8.58 4.37
N ASN A 856 -2.03 -8.90 4.64
CA ASN A 856 -2.36 -9.86 5.69
C ASN A 856 -2.08 -11.30 5.39
N SER A 857 -1.70 -11.61 4.16
CA SER A 857 -1.41 -12.98 3.81
C SER A 857 0.07 -13.23 4.01
N GLU A 858 0.87 -12.18 3.94
CA GLU A 858 2.32 -12.27 4.11
C GLU A 858 2.73 -12.39 5.59
N ILE A 859 3.12 -13.59 5.98
CA ILE A 859 3.52 -13.90 7.35
C ILE A 859 4.49 -12.91 7.97
N LEU A 860 5.41 -12.37 7.17
CA LEU A 860 6.37 -11.41 7.70
C LEU A 860 5.73 -10.16 8.31
N ASN A 861 4.49 -9.88 7.94
CA ASN A 861 3.79 -8.72 8.50
C ASN A 861 3.26 -9.03 9.89
N ASN A 862 3.35 -10.30 10.29
CA ASN A 862 2.92 -10.74 11.61
C ASN A 862 4.05 -10.62 12.63
N ILE A 863 5.15 -10.01 12.21
CA ILE A 863 6.29 -9.82 13.11
C ILE A 863 6.04 -8.58 13.95
N ILE A 864 5.99 -8.76 15.27
CA ILE A 864 5.76 -7.64 16.17
C ILE A 864 6.97 -7.28 17.02
N LEU A 865 8.11 -7.92 16.73
CA LEU A 865 9.37 -7.65 17.41
C LEU A 865 10.48 -8.34 16.63
N ASN A 866 11.53 -7.60 16.30
CA ASN A 866 12.64 -8.14 15.53
C ASN A 866 13.91 -7.42 15.93
N LEU A 867 14.63 -7.97 16.90
CA LEU A 867 15.86 -7.34 17.37
C LEU A 867 17.04 -7.60 16.43
N ARG A 868 17.56 -6.53 15.84
CA ARG A 868 18.69 -6.63 14.93
C ARG A 868 19.74 -5.62 15.30
N TYR A 869 20.98 -5.92 14.95
CA TYR A 869 22.11 -5.05 15.23
C TYR A 869 22.21 -3.93 14.20
N LYS A 870 22.54 -2.74 14.69
CA LYS A 870 22.72 -1.54 13.87
C LYS A 870 23.51 -0.55 14.70
N ASP A 871 24.69 -0.18 14.21
CA ASP A 871 25.56 0.77 14.90
C ASP A 871 25.67 0.40 16.38
N ASN A 872 26.59 -0.53 16.65
CA ASN A 872 26.85 -1.02 17.99
C ASN A 872 25.65 -1.01 18.94
N ASN A 873 24.50 -1.46 18.45
CA ASN A 873 23.30 -1.50 19.28
C ASN A 873 22.26 -2.46 18.70
N LEU A 874 21.27 -2.78 19.52
CA LEU A 874 20.18 -3.65 19.10
C LEU A 874 18.95 -2.78 19.03
N ILE A 875 18.15 -2.93 17.97
CA ILE A 875 16.93 -2.15 17.83
C ILE A 875 15.83 -3.02 17.21
N ASP A 876 14.59 -2.65 17.48
CA ASP A 876 13.44 -3.37 16.95
C ASP A 876 13.23 -2.83 15.55
N LEU A 877 13.17 -3.72 14.57
CA LEU A 877 12.97 -3.29 13.21
C LEU A 877 11.64 -3.75 12.67
N SER A 878 10.80 -4.28 13.56
CA SER A 878 9.47 -4.75 13.18
C SER A 878 8.62 -3.58 12.71
N GLY A 879 8.99 -2.38 13.10
CA GLY A 879 8.22 -1.22 12.70
C GLY A 879 7.12 -0.87 13.69
N TYR A 880 7.11 -1.53 14.86
CA TYR A 880 6.09 -1.22 15.86
C TYR A 880 6.64 -0.34 16.98
N GLY A 881 7.86 0.15 16.81
CA GLY A 881 8.47 1.04 17.78
C GLY A 881 8.91 0.56 19.15
N ALA A 882 9.05 -0.76 19.33
CA ALA A 882 9.48 -1.29 20.63
C ALA A 882 10.74 -0.52 21.06
N LYS A 883 10.79 -0.10 22.32
CA LYS A 883 11.95 0.63 22.85
C LYS A 883 12.89 -0.42 23.39
N VAL A 884 14.14 -0.42 22.92
CA VAL A 884 15.12 -1.39 23.37
C VAL A 884 16.28 -0.80 24.19
N GLU A 885 16.44 -1.27 25.42
CA GLU A 885 17.50 -0.82 26.32
C GLU A 885 18.58 -1.88 26.51
N VAL A 886 19.76 -1.66 25.93
CA VAL A 886 20.86 -2.60 26.04
C VAL A 886 21.86 -2.10 27.06
N TYR A 887 21.99 -2.79 28.18
CA TYR A 887 22.90 -2.38 29.23
C TYR A 887 24.36 -2.81 29.02
N ASP A 888 25.26 -2.13 29.71
CA ASP A 888 26.70 -2.36 29.60
C ASP A 888 27.26 -3.77 29.65
N GLY A 889 26.51 -4.70 30.22
CA GLY A 889 27.00 -6.06 30.33
C GLY A 889 26.73 -6.98 29.16
N VAL A 890 25.99 -6.48 28.18
CA VAL A 890 25.67 -7.27 26.98
C VAL A 890 26.71 -7.04 25.90
N GLU A 891 27.30 -8.12 25.40
CA GLU A 891 28.31 -8.03 24.36
C GLU A 891 27.61 -8.15 23.00
N LEU A 892 27.96 -7.27 22.07
CA LEU A 892 27.34 -7.26 20.74
C LEU A 892 28.34 -7.21 19.58
N ASN A 893 27.97 -7.83 18.45
CA ASN A 893 28.82 -7.83 17.25
C ASN A 893 27.95 -7.72 15.99
N ASP A 894 28.57 -7.42 14.84
CA ASP A 894 27.86 -7.25 13.56
C ASP A 894 27.37 -8.53 12.92
N LYS A 895 27.55 -9.65 13.61
CA LYS A 895 27.10 -10.93 13.11
C LYS A 895 25.75 -11.17 13.80
N ASN A 896 25.26 -10.10 14.41
CA ASN A 896 24.00 -10.09 15.13
C ASN A 896 23.96 -11.05 16.29
N GLN A 897 25.11 -11.25 16.91
CA GLN A 897 25.16 -12.15 18.03
C GLN A 897 25.31 -11.34 19.32
N PHE A 898 24.56 -11.71 20.34
CA PHE A 898 24.70 -11.01 21.60
C PHE A 898 24.87 -12.02 22.73
N LYS A 899 25.71 -11.66 23.69
CA LYS A 899 26.02 -12.55 24.81
C LYS A 899 25.49 -12.07 26.15
N LEU A 900 24.86 -12.98 26.87
CA LEU A 900 24.34 -12.67 28.19
C LEU A 900 25.26 -13.35 29.20
N THR A 901 25.88 -12.56 30.08
CA THR A 901 26.78 -13.10 31.09
C THR A 901 26.13 -13.13 32.47
N SER A 902 26.91 -13.52 33.47
CA SER A 902 26.41 -13.61 34.84
C SER A 902 26.35 -12.26 35.56
N SER A 903 26.92 -11.22 34.94
CA SER A 903 26.90 -9.89 35.54
C SER A 903 25.49 -9.30 35.58
N ALA A 904 25.21 -8.56 36.64
CA ALA A 904 23.90 -7.94 36.82
C ALA A 904 23.56 -6.94 35.71
N ASN A 905 24.57 -6.34 35.10
CA ASN A 905 24.34 -5.37 34.04
C ASN A 905 24.29 -5.99 32.63
N SER A 906 24.22 -7.31 32.57
CA SER A 906 24.15 -8.01 31.29
C SER A 906 22.69 -8.32 31.02
N LYS A 907 21.93 -7.28 30.69
CA LYS A 907 20.53 -7.46 30.43
C LYS A 907 20.05 -6.52 29.34
N ILE A 908 18.92 -6.87 28.76
CA ILE A 908 18.30 -6.07 27.72
C ILE A 908 16.87 -5.89 28.16
N ARG A 909 16.38 -4.66 28.04
CA ARG A 909 14.99 -4.36 28.42
C ARG A 909 14.20 -3.99 27.17
N VAL A 910 13.11 -4.68 26.92
CA VAL A 910 12.32 -4.35 25.76
C VAL A 910 10.91 -4.00 26.20
N THR A 911 10.53 -2.75 25.92
CA THR A 911 9.17 -2.32 26.26
C THR A 911 8.36 -2.50 24.99
N GLN A 912 7.43 -3.45 25.01
CA GLN A 912 6.60 -3.73 23.83
C GLN A 912 5.53 -2.69 23.56
N ASN A 913 4.96 -2.76 22.37
CA ASN A 913 3.90 -1.84 21.94
C ASN A 913 2.59 -2.44 22.45
N GLN A 914 1.92 -1.68 23.32
CA GLN A 914 0.68 -2.13 23.92
C GLN A 914 -0.50 -2.05 22.99
N ASN A 915 -0.30 -1.42 21.83
CA ASN A 915 -1.39 -1.22 20.89
C ASN A 915 -1.53 -2.16 19.70
N ILE A 916 -1.19 -3.43 19.88
CA ILE A 916 -1.33 -4.42 18.82
C ILE A 916 -2.37 -5.46 19.26
N ILE A 917 -3.23 -5.89 18.33
CA ILE A 917 -4.25 -6.89 18.68
C ILE A 917 -3.55 -8.21 19.01
N PHE A 918 -2.83 -8.19 20.13
CA PHE A 918 -2.05 -9.32 20.62
C PHE A 918 -2.93 -10.29 21.41
N ASN A 919 -3.60 -9.77 22.43
CA ASN A 919 -4.47 -10.55 23.30
C ASN A 919 -5.71 -11.16 22.62
N SER A 920 -5.50 -11.80 21.48
CA SER A 920 -6.60 -12.42 20.71
C SER A 920 -7.47 -13.39 21.55
N VAL A 921 -7.11 -13.54 22.83
CA VAL A 921 -7.84 -14.41 23.78
C VAL A 921 -7.82 -15.93 23.55
N PHE A 922 -6.64 -16.52 23.73
CA PHE A 922 -6.38 -17.97 23.59
C PHE A 922 -4.92 -18.17 23.23
N LEU A 923 -4.14 -17.09 23.36
CA LEU A 923 -2.70 -17.07 23.05
C LEU A 923 -2.37 -17.64 21.68
N ASP A 924 -2.08 -16.73 20.75
CA ASP A 924 -1.74 -17.12 19.40
C ASP A 924 -0.53 -16.33 18.97
N PHE A 925 0.65 -16.91 19.17
CA PHE A 925 1.88 -16.22 18.79
C PHE A 925 3.12 -17.11 18.82
N SER A 926 4.19 -16.62 18.19
CA SER A 926 5.42 -17.38 18.09
C SER A 926 6.67 -16.58 18.44
N VAL A 927 7.70 -17.31 18.84
CA VAL A 927 8.99 -16.72 19.18
C VAL A 927 10.03 -17.60 18.51
N SER A 928 10.99 -16.98 17.83
CA SER A 928 12.06 -17.72 17.16
C SER A 928 13.36 -16.99 17.42
N PHE A 929 14.44 -17.76 17.51
CA PHE A 929 15.73 -17.18 17.78
C PHE A 929 16.80 -18.27 17.71
N TRP A 930 18.05 -17.85 17.56
CA TRP A 930 19.19 -18.75 17.54
C TRP A 930 19.91 -18.64 18.87
N ILE A 931 20.47 -19.76 19.33
CA ILE A 931 21.15 -19.77 20.61
C ILE A 931 22.34 -20.73 20.66
N ARG A 932 23.39 -20.32 21.37
CA ARG A 932 24.58 -21.16 21.55
C ARG A 932 24.77 -21.31 23.07
N ILE A 933 24.52 -22.50 23.59
CA ILE A 933 24.63 -22.76 25.03
C ILE A 933 25.91 -23.52 25.33
N PRO A 934 26.81 -22.93 26.13
CA PRO A 934 28.08 -23.58 26.47
C PRO A 934 27.99 -24.96 27.10
N LYS A 935 29.10 -25.69 26.98
CA LYS A 935 29.22 -27.04 27.55
C LYS A 935 29.30 -26.92 29.07
N TYR A 936 28.95 -27.99 29.77
CA TYR A 936 29.00 -28.05 31.23
C TYR A 936 30.44 -28.21 31.71
N LYS A 937 30.82 -27.57 32.80
CA LYS A 937 32.17 -27.76 33.33
C LYS A 937 32.10 -29.17 33.94
N ASN A 938 33.03 -30.05 33.58
CA ASN A 938 33.00 -31.41 34.11
C ASN A 938 32.89 -31.47 35.64
N ASP A 939 33.54 -30.56 36.36
CA ASP A 939 33.44 -30.58 37.81
C ASP A 939 32.17 -29.91 38.34
N GLY A 940 31.45 -29.22 37.46
CA GLY A 940 30.22 -28.55 37.90
C GLY A 940 28.98 -29.24 37.36
N ILE A 941 29.10 -30.52 37.06
CA ILE A 941 27.99 -31.25 36.48
C ILE A 941 26.73 -31.36 37.34
N GLN A 942 26.91 -31.37 38.66
CA GLN A 942 25.77 -31.48 39.58
C GLN A 942 24.87 -30.26 39.51
N ASN A 943 25.49 -29.09 39.58
CA ASN A 943 24.76 -27.83 39.55
C ASN A 943 24.21 -27.53 38.14
N TYR A 944 24.89 -28.02 37.13
CA TYR A 944 24.47 -27.82 35.73
C TYR A 944 23.13 -28.52 35.53
N ILE A 945 23.02 -29.74 36.01
CA ILE A 945 21.78 -30.48 35.85
C ILE A 945 20.73 -30.11 36.88
N HIS A 946 21.11 -29.32 37.88
CA HIS A 946 20.16 -28.97 38.93
C HIS A 946 19.60 -27.56 38.89
N ASN A 947 20.46 -26.57 38.61
CA ASN A 947 20.00 -25.18 38.60
C ASN A 947 19.34 -24.71 37.32
N GLU A 948 18.08 -24.33 37.42
CA GLU A 948 17.32 -23.81 36.30
C GLU A 948 17.44 -22.30 36.43
N TYR A 949 17.75 -21.62 35.35
CA TYR A 949 17.86 -20.19 35.39
C TYR A 949 17.14 -19.55 34.20
N THR A 950 16.36 -18.51 34.47
CA THR A 950 15.63 -17.82 33.43
C THR A 950 16.61 -17.06 32.54
N ILE A 951 16.28 -16.91 31.27
CA ILE A 951 17.16 -16.15 30.39
C ILE A 951 16.35 -15.02 29.74
N ILE A 952 15.07 -15.28 29.50
CA ILE A 952 14.19 -14.28 28.90
C ILE A 952 12.87 -14.33 29.65
N ASN A 953 12.52 -13.22 30.29
CA ASN A 953 11.26 -13.18 31.06
C ASN A 953 10.34 -12.07 30.58
N CYS A 954 9.07 -12.41 30.37
CA CYS A 954 8.09 -11.42 29.91
C CYS A 954 6.81 -11.55 30.73
N MET A 955 6.72 -10.79 31.82
CA MET A 955 5.56 -10.87 32.68
C MET A 955 4.87 -9.52 32.86
N LYS A 956 3.58 -9.58 33.14
CA LYS A 956 2.75 -8.42 33.41
C LYS A 956 1.59 -8.91 34.26
N ASN A 957 1.51 -8.40 35.49
CA ASN A 957 0.45 -8.80 36.41
C ASN A 957 0.52 -10.30 36.66
N ASN A 958 1.72 -10.78 36.97
CA ASN A 958 1.96 -12.20 37.27
C ASN A 958 1.48 -13.14 36.19
N SER A 959 1.44 -12.67 34.95
CA SER A 959 1.02 -13.52 33.84
C SER A 959 1.98 -13.30 32.70
N GLY A 960 2.11 -14.31 31.83
CA GLY A 960 3.00 -14.16 30.70
C GLY A 960 3.82 -15.39 30.36
N TRP A 961 4.92 -15.15 29.65
CA TRP A 961 5.79 -16.24 29.23
C TRP A 961 7.23 -16.05 29.70
N LYS A 962 7.95 -17.16 29.65
CA LYS A 962 9.33 -17.18 30.08
C LYS A 962 10.10 -18.29 29.38
N ILE A 963 11.38 -18.03 29.12
CA ILE A 963 12.26 -19.02 28.52
C ILE A 963 13.39 -19.20 29.53
N SER A 964 13.62 -20.42 29.97
CA SER A 964 14.70 -20.64 30.92
C SER A 964 15.53 -21.88 30.58
N ILE A 965 16.63 -22.05 31.30
CA ILE A 965 17.52 -23.17 31.04
C ILE A 965 17.97 -23.94 32.28
N ARG A 966 17.85 -25.25 32.24
CA ARG A 966 18.32 -26.09 33.33
C ARG A 966 19.25 -27.10 32.69
N GLY A 967 20.54 -26.81 32.72
CA GLY A 967 21.51 -27.70 32.12
C GLY A 967 21.35 -27.83 30.62
N ASN A 968 21.09 -29.05 30.17
CA ASN A 968 20.94 -29.39 28.75
C ASN A 968 19.47 -29.34 28.30
N ARG A 969 18.69 -28.53 29.01
CA ARG A 969 17.29 -28.42 28.69
C ARG A 969 16.86 -26.97 28.58
N ILE A 970 16.06 -26.67 27.56
CA ILE A 970 15.54 -25.32 27.41
C ILE A 970 14.02 -25.45 27.58
N ILE A 971 13.47 -24.60 28.44
CA ILE A 971 12.08 -24.64 28.82
C ILE A 971 11.27 -23.38 28.49
N TRP A 972 10.03 -23.61 28.02
CA TRP A 972 9.09 -22.55 27.66
C TRP A 972 7.96 -22.59 28.70
N THR A 973 7.78 -21.50 29.44
CA THR A 973 6.74 -21.48 30.46
C THR A 973 5.70 -20.37 30.29
N LEU A 974 4.43 -20.77 30.41
CA LEU A 974 3.29 -19.87 30.29
C LEU A 974 2.55 -19.82 31.62
N ILE A 975 2.07 -18.63 31.99
CA ILE A 975 1.32 -18.41 33.23
C ILE A 975 0.10 -17.54 32.93
N ASP A 976 -1.09 -18.13 32.79
CA ASP A 976 -2.29 -17.35 32.50
C ASP A 976 -2.68 -16.47 33.71
N ILE A 977 -3.66 -15.60 33.50
CA ILE A 977 -4.12 -14.68 34.55
C ILE A 977 -4.51 -15.37 35.85
N ASN A 978 -4.96 -16.62 35.75
CA ASN A 978 -5.38 -17.38 36.91
C ASN A 978 -4.17 -18.00 37.61
N GLY A 979 -2.97 -17.68 37.14
CA GLY A 979 -1.76 -18.20 37.73
C GLY A 979 -1.45 -19.65 37.38
N LYS A 980 -2.27 -20.25 36.51
CA LYS A 980 -2.08 -21.63 36.09
C LYS A 980 -0.87 -21.74 35.17
N THR A 981 0.12 -22.52 35.59
CA THR A 981 1.37 -22.71 34.86
C THR A 981 1.46 -23.98 34.04
N LYS A 982 2.05 -23.86 32.86
CA LYS A 982 2.25 -24.99 31.94
C LYS A 982 3.61 -24.81 31.27
N SER A 983 4.22 -25.93 30.89
CA SER A 983 5.51 -25.89 30.24
C SER A 983 5.69 -26.93 29.16
N VAL A 984 6.72 -26.71 28.35
CA VAL A 984 7.09 -27.62 27.27
C VAL A 984 8.60 -27.40 27.23
N PHE A 985 9.37 -28.41 26.84
CA PHE A 985 10.81 -28.23 26.84
C PHE A 985 11.54 -29.11 25.83
N PHE A 986 12.77 -28.72 25.53
CA PHE A 986 13.61 -29.49 24.63
C PHE A 986 14.89 -29.77 25.39
N GLU A 987 15.21 -31.04 25.51
CA GLU A 987 16.41 -31.44 26.22
C GLU A 987 17.31 -32.22 25.29
N TYR A 988 18.58 -31.84 25.19
CA TYR A 988 19.50 -32.57 24.33
C TYR A 988 20.40 -33.49 25.15
N ASN A 989 20.73 -34.62 24.53
CA ASN A 989 21.54 -35.64 25.17
C ASN A 989 22.94 -35.18 25.47
N ILE A 990 23.42 -35.45 26.68
CA ILE A 990 24.78 -35.05 27.02
C ILE A 990 25.72 -36.24 27.28
N ARG A 991 25.43 -37.36 26.63
CA ARG A 991 26.28 -38.54 26.73
C ARG A 991 26.65 -39.00 25.32
N GLU A 992 26.43 -38.12 24.34
CA GLU A 992 26.75 -38.39 22.94
C GLU A 992 28.25 -38.20 22.70
N ASP A 993 28.86 -39.08 21.92
CA ASP A 993 30.29 -38.92 21.60
C ASP A 993 30.47 -37.58 20.93
N ILE A 994 29.54 -37.27 20.02
CA ILE A 994 29.57 -36.00 19.29
C ILE A 994 28.13 -35.48 19.27
N SER A 995 27.92 -34.33 19.90
CA SER A 995 26.62 -33.69 20.00
C SER A 995 26.37 -32.66 18.92
N GLU A 996 25.17 -32.62 18.36
CA GLU A 996 24.87 -31.64 17.34
C GLU A 996 24.42 -30.34 18.00
N TYR A 997 24.36 -30.32 19.33
CA TYR A 997 23.88 -29.13 20.03
C TYR A 997 24.77 -28.41 21.07
N ILE A 998 25.50 -29.18 21.88
CA ILE A 998 26.32 -28.59 22.93
C ILE A 998 27.36 -27.59 22.43
N ASN A 999 27.19 -26.33 22.83
CA ASN A 999 28.07 -25.23 22.45
C ASN A 999 28.01 -24.89 20.95
N ARG A 1000 27.02 -25.42 20.26
CA ARG A 1000 26.89 -25.08 18.83
C ARG A 1000 25.60 -24.31 18.56
N TRP A 1001 25.70 -23.29 17.71
CA TRP A 1001 24.54 -22.48 17.34
C TRP A 1001 23.40 -23.35 16.79
N PHE A 1002 22.19 -23.16 17.30
CA PHE A 1002 21.05 -23.87 16.76
C PHE A 1002 19.80 -22.98 16.79
N PHE A 1003 18.81 -23.34 15.98
CA PHE A 1003 17.59 -22.53 15.81
C PHE A 1003 16.39 -23.03 16.58
N VAL A 1004 15.86 -22.18 17.45
CA VAL A 1004 14.68 -22.53 18.25
C VAL A 1004 13.48 -21.74 17.78
N THR A 1005 12.31 -22.38 17.79
CA THR A 1005 11.08 -21.71 17.44
C THR A 1005 9.97 -22.33 18.29
N ILE A 1006 9.19 -21.48 18.94
CA ILE A 1006 8.10 -21.94 19.81
C ILE A 1006 6.78 -21.36 19.30
N THR A 1007 5.79 -22.22 19.03
CA THR A 1007 4.51 -21.74 18.55
C THR A 1007 3.42 -22.03 19.57
N ASN A 1008 2.49 -21.09 19.69
CA ASN A 1008 1.41 -21.18 20.65
C ASN A 1008 0.02 -20.94 20.01
N ASN A 1009 -0.85 -21.92 20.09
CA ASN A 1009 -2.21 -21.76 19.58
C ASN A 1009 -3.12 -22.12 20.74
N LEU A 1010 -4.43 -22.15 20.52
CA LEU A 1010 -5.38 -22.48 21.60
C LEU A 1010 -5.18 -23.85 22.26
N ASN A 1011 -4.72 -24.83 21.48
CA ASN A 1011 -4.54 -26.18 22.00
C ASN A 1011 -3.15 -26.51 22.49
N ASN A 1012 -2.15 -26.28 21.64
CA ASN A 1012 -0.78 -26.65 21.97
C ASN A 1012 0.29 -25.58 22.13
N ALA A 1013 1.45 -26.08 22.55
CA ALA A 1013 2.66 -25.32 22.74
C ALA A 1013 3.67 -26.26 22.08
N LYS A 1014 4.28 -25.82 20.98
CA LYS A 1014 5.24 -26.65 20.27
C LYS A 1014 6.62 -26.03 20.20
N ILE A 1015 7.65 -26.85 20.37
CA ILE A 1015 9.02 -26.38 20.28
C ILE A 1015 9.66 -27.01 19.06
N TYR A 1016 10.22 -26.18 18.19
CA TYR A 1016 10.91 -26.63 17.00
C TYR A 1016 12.41 -26.34 17.14
N ILE A 1017 13.22 -27.29 16.70
CA ILE A 1017 14.66 -27.14 16.76
C ILE A 1017 15.17 -27.33 15.34
N ASN A 1018 15.78 -26.30 14.78
CA ASN A 1018 16.32 -26.36 13.43
C ASN A 1018 15.26 -26.79 12.42
N GLY A 1019 14.04 -26.31 12.62
CA GLY A 1019 12.94 -26.64 11.72
C GLY A 1019 12.19 -27.91 12.05
N LYS A 1020 12.81 -28.80 12.83
CA LYS A 1020 12.19 -30.07 13.19
C LYS A 1020 11.34 -29.96 14.46
N LEU A 1021 10.14 -30.53 14.46
CA LEU A 1021 9.31 -30.47 15.65
C LEU A 1021 9.86 -31.47 16.65
N GLU A 1022 10.13 -30.99 17.86
CA GLU A 1022 10.72 -31.80 18.92
C GLU A 1022 9.82 -32.04 20.14
N SER A 1023 8.97 -31.07 20.46
CA SER A 1023 8.12 -31.22 21.63
C SER A 1023 6.77 -30.55 21.49
N ASN A 1024 5.78 -31.12 22.17
CA ASN A 1024 4.43 -30.60 22.13
C ASN A 1024 3.79 -30.65 23.52
N THR A 1025 2.94 -29.67 23.81
CA THR A 1025 2.27 -29.62 25.11
C THR A 1025 0.84 -29.13 25.00
N ASP A 1026 -0.11 -29.97 25.42
CA ASP A 1026 -1.51 -29.61 25.38
C ASP A 1026 -1.74 -28.48 26.38
N ILE A 1027 -2.26 -27.36 25.90
CA ILE A 1027 -2.50 -26.23 26.78
C ILE A 1027 -3.93 -25.72 26.70
N LYS A 1028 -4.90 -26.63 26.79
CA LYS A 1028 -6.31 -26.24 26.77
C LYS A 1028 -6.55 -25.34 27.98
N ASP A 1029 -6.29 -25.89 29.17
CA ASP A 1029 -6.44 -25.20 30.44
C ASP A 1029 -6.05 -23.73 30.37
N ILE A 1030 -4.74 -23.50 30.35
CA ILE A 1030 -4.18 -22.15 30.30
C ILE A 1030 -5.13 -21.15 29.64
N ARG A 1031 -5.58 -20.17 30.41
CA ARG A 1031 -6.50 -19.15 29.92
C ARG A 1031 -5.78 -17.98 29.29
N GLU A 1032 -6.28 -16.77 29.51
CA GLU A 1032 -5.65 -15.61 28.93
C GLU A 1032 -4.24 -15.46 29.45
N VAL A 1033 -3.33 -15.17 28.54
CA VAL A 1033 -1.93 -14.99 28.88
C VAL A 1033 -1.48 -13.63 28.39
N ILE A 1034 -1.16 -12.75 29.33
CA ILE A 1034 -0.70 -11.40 28.97
C ILE A 1034 0.70 -11.50 28.38
N ALA A 1035 0.79 -11.46 27.06
CA ALA A 1035 2.07 -11.60 26.37
C ALA A 1035 2.82 -10.32 26.00
N ASN A 1036 2.23 -9.14 26.20
CA ASN A 1036 2.93 -7.92 25.84
C ASN A 1036 3.55 -7.12 26.98
N GLY A 1037 3.94 -7.80 28.05
CA GLY A 1037 4.56 -7.10 29.16
C GLY A 1037 5.97 -6.69 28.77
N GLU A 1038 6.77 -6.29 29.75
CA GLU A 1038 8.14 -5.89 29.46
C GLU A 1038 8.95 -7.19 29.27
N ILE A 1039 9.90 -7.19 28.34
CA ILE A 1039 10.72 -8.37 28.11
C ILE A 1039 12.12 -8.17 28.69
N ILE A 1040 12.50 -9.02 29.64
CA ILE A 1040 13.82 -8.92 30.25
C ILE A 1040 14.74 -10.06 29.77
N PHE A 1041 15.85 -9.69 29.13
CA PHE A 1041 16.84 -10.65 28.64
C PHE A 1041 17.98 -10.62 29.66
N LYS A 1042 18.04 -11.62 30.54
CA LYS A 1042 19.06 -11.66 31.57
C LYS A 1042 19.11 -13.02 32.24
N LEU A 1043 20.32 -13.51 32.53
CA LEU A 1043 20.42 -14.80 33.20
C LEU A 1043 19.94 -14.58 34.63
N ASP A 1044 18.92 -15.31 35.05
CA ASP A 1044 18.37 -15.14 36.39
C ASP A 1044 18.15 -16.46 37.13
N GLY A 1045 19.03 -16.73 38.09
CA GLY A 1045 18.93 -17.95 38.88
C GLY A 1045 20.24 -18.28 39.55
N ASP A 1046 20.32 -19.46 40.16
CA ASP A 1046 21.55 -19.86 40.83
C ASP A 1046 22.55 -20.32 39.79
N ILE A 1047 23.25 -19.38 39.17
CA ILE A 1047 24.21 -19.73 38.13
C ILE A 1047 25.66 -19.64 38.60
N ASP A 1048 26.55 -20.22 37.80
CA ASP A 1048 27.97 -20.21 38.06
C ASP A 1048 28.44 -18.86 37.50
N ARG A 1049 29.41 -18.23 38.16
CA ARG A 1049 29.91 -16.93 37.70
C ARG A 1049 30.29 -16.98 36.22
N THR A 1050 30.71 -18.15 35.76
CA THR A 1050 31.14 -18.33 34.38
C THR A 1050 30.03 -18.64 33.37
N GLN A 1051 28.80 -18.81 33.85
CA GLN A 1051 27.72 -19.12 32.95
C GLN A 1051 27.46 -17.97 31.97
N PHE A 1052 27.17 -18.33 30.73
CA PHE A 1052 26.85 -17.36 29.70
C PHE A 1052 26.02 -18.04 28.62
N ILE A 1053 25.40 -17.22 27.78
CA ILE A 1053 24.55 -17.67 26.68
C ILE A 1053 24.67 -16.68 25.53
N TRP A 1054 24.87 -17.17 24.32
CA TRP A 1054 24.91 -16.32 23.13
C TRP A 1054 23.55 -16.49 22.43
N MET A 1055 23.06 -15.40 21.85
CA MET A 1055 21.77 -15.38 21.17
C MET A 1055 21.87 -14.61 19.86
N LYS A 1056 20.93 -14.87 18.96
CA LYS A 1056 20.91 -14.21 17.66
C LYS A 1056 19.51 -14.22 17.04
N TYR A 1057 19.20 -13.14 16.33
CA TYR A 1057 17.92 -13.06 15.63
C TYR A 1057 16.67 -13.29 16.48
N PHE A 1058 16.56 -12.60 17.60
CA PHE A 1058 15.37 -12.80 18.40
C PHE A 1058 14.22 -12.05 17.79
N SER A 1059 13.11 -12.74 17.57
CA SER A 1059 11.94 -12.09 17.01
C SER A 1059 10.65 -12.78 17.47
N ILE A 1060 9.54 -12.04 17.40
CA ILE A 1060 8.22 -12.55 17.83
C ILE A 1060 7.13 -12.30 16.77
N PHE A 1061 6.23 -13.26 16.59
CA PHE A 1061 5.13 -13.16 15.64
C PHE A 1061 3.84 -13.28 16.44
N ASN A 1062 2.81 -12.51 16.07
CA ASN A 1062 1.53 -12.59 16.78
C ASN A 1062 0.60 -13.62 16.14
N THR A 1063 1.20 -14.69 15.65
CA THR A 1063 0.46 -15.78 15.04
C THR A 1063 1.28 -17.06 15.17
N GLU A 1064 0.66 -18.19 14.88
CA GLU A 1064 1.37 -19.46 14.95
C GLU A 1064 2.05 -19.75 13.62
N LEU A 1065 3.38 -19.90 13.66
CA LEU A 1065 4.13 -20.20 12.46
C LEU A 1065 3.91 -21.67 12.11
N SER A 1066 3.85 -21.98 10.82
CA SER A 1066 3.68 -23.38 10.41
C SER A 1066 5.04 -24.05 10.34
N GLN A 1067 5.05 -25.38 10.25
CA GLN A 1067 6.31 -26.11 10.15
C GLN A 1067 6.98 -25.55 8.92
N SER A 1068 6.16 -25.27 7.91
CA SER A 1068 6.63 -24.72 6.65
C SER A 1068 7.31 -23.36 6.81
N ASN A 1069 6.67 -22.44 7.52
CA ASN A 1069 7.21 -21.11 7.75
C ASN A 1069 8.55 -21.19 8.47
N ILE A 1070 8.57 -22.05 9.49
CA ILE A 1070 9.72 -22.27 10.33
C ILE A 1070 10.90 -22.86 9.57
N GLU A 1071 10.61 -23.88 8.74
CA GLU A 1071 11.66 -24.49 7.94
C GLU A 1071 12.31 -23.40 7.08
N GLU A 1072 11.48 -22.59 6.44
CA GLU A 1072 11.95 -21.51 5.58
C GLU A 1072 12.80 -20.51 6.36
N ARG A 1073 12.33 -20.12 7.55
CA ARG A 1073 13.07 -19.15 8.36
C ARG A 1073 14.44 -19.70 8.68
N TYR A 1074 14.49 -20.99 9.02
CA TYR A 1074 15.74 -21.67 9.37
C TYR A 1074 16.71 -21.59 8.19
N LYS A 1075 16.20 -21.89 7.00
CA LYS A 1075 17.02 -21.85 5.78
C LYS A 1075 17.44 -20.43 5.43
N ILE A 1076 16.56 -19.45 5.64
CA ILE A 1076 16.91 -18.08 5.34
C ILE A 1076 17.95 -17.55 6.33
N GLN A 1077 17.81 -17.92 7.59
CA GLN A 1077 18.79 -17.43 8.57
C GLN A 1077 20.10 -18.24 8.61
N SER A 1078 20.10 -19.43 8.04
CA SER A 1078 21.31 -20.26 7.99
C SER A 1078 22.20 -19.81 6.83
N TYR A 1079 21.58 -19.18 5.84
CA TYR A 1079 22.30 -18.76 4.66
C TYR A 1079 23.47 -17.80 4.82
N SER A 1080 24.58 -18.13 4.19
CA SER A 1080 25.75 -17.26 4.19
C SER A 1080 26.63 -17.56 2.97
N GLU A 1081 27.45 -16.60 2.59
CA GLU A 1081 28.35 -16.76 1.45
C GLU A 1081 29.63 -17.39 1.95
N TYR A 1082 29.82 -17.38 3.27
CA TYR A 1082 30.99 -17.97 3.86
C TYR A 1082 30.66 -19.32 4.47
N LEU A 1083 31.69 -20.12 4.73
CA LEU A 1083 31.48 -21.41 5.36
C LEU A 1083 31.49 -21.14 6.87
N LYS A 1084 31.19 -22.16 7.65
CA LYS A 1084 31.16 -22.01 9.09
C LYS A 1084 32.11 -22.98 9.77
N ASP A 1085 32.40 -22.76 11.04
CA ASP A 1085 33.26 -23.70 11.73
C ASP A 1085 32.33 -24.66 12.48
N PHE A 1086 32.92 -25.56 13.26
CA PHE A 1086 32.18 -26.56 14.03
C PHE A 1086 31.08 -26.01 14.94
N TRP A 1087 31.36 -24.85 15.53
CA TRP A 1087 30.43 -24.21 16.45
C TRP A 1087 29.33 -23.46 15.69
N GLY A 1088 29.59 -23.18 14.42
CA GLY A 1088 28.59 -22.51 13.59
C GLY A 1088 28.89 -21.06 13.28
N ASN A 1089 30.06 -20.61 13.69
CA ASN A 1089 30.50 -19.25 13.47
C ASN A 1089 31.20 -19.22 12.13
N PRO A 1090 31.42 -18.03 11.57
CA PRO A 1090 32.10 -17.90 10.27
C PRO A 1090 33.48 -18.54 10.26
N LEU A 1091 33.84 -19.19 9.16
CA LEU A 1091 35.15 -19.81 9.06
C LEU A 1091 36.16 -18.68 8.81
N MET A 1092 37.31 -18.72 9.48
CA MET A 1092 38.32 -17.67 9.31
C MET A 1092 39.65 -18.17 8.77
N TYR A 1093 40.41 -17.24 8.19
CA TYR A 1093 41.75 -17.53 7.67
C TYR A 1093 42.69 -17.23 8.81
N ASN A 1094 43.84 -17.90 8.85
CA ASN A 1094 44.84 -17.68 9.88
C ASN A 1094 44.35 -17.92 11.30
N LYS A 1095 43.44 -18.87 11.44
CA LYS A 1095 42.88 -19.23 12.75
C LYS A 1095 43.16 -20.71 12.94
N GLU A 1096 43.66 -21.08 14.10
CA GLU A 1096 43.97 -22.47 14.36
C GLU A 1096 42.70 -23.31 14.54
N TYR A 1097 42.64 -24.46 13.86
CA TYR A 1097 41.49 -25.36 13.94
C TYR A 1097 41.93 -26.82 13.96
N TYR A 1098 41.20 -27.65 14.68
CA TYR A 1098 41.46 -29.08 14.71
C TYR A 1098 40.41 -29.55 13.73
N MET A 1099 40.64 -30.69 13.07
CA MET A 1099 39.67 -31.14 12.09
C MET A 1099 38.76 -32.27 12.52
N PHE A 1100 37.51 -32.17 12.10
CA PHE A 1100 36.48 -33.15 12.43
C PHE A 1100 35.95 -33.73 11.12
N ASN A 1101 35.60 -35.01 11.13
CA ASN A 1101 35.10 -35.66 9.92
C ASN A 1101 33.72 -36.23 10.13
N ALA A 1102 32.72 -35.65 9.47
CA ALA A 1102 31.33 -36.09 9.62
C ALA A 1102 31.12 -37.54 9.25
N GLY A 1103 32.04 -38.10 8.47
CA GLY A 1103 31.93 -39.49 8.08
C GLY A 1103 32.57 -40.43 9.09
N ASN A 1104 33.48 -39.91 9.91
CA ASN A 1104 34.18 -40.69 10.93
C ASN A 1104 34.30 -39.85 12.19
N LYS A 1105 33.16 -39.61 12.83
CA LYS A 1105 33.06 -38.79 14.04
C LYS A 1105 34.16 -38.98 15.08
N ASN A 1106 34.43 -40.22 15.41
CA ASN A 1106 35.41 -40.51 16.44
C ASN A 1106 36.85 -40.62 15.95
N SER A 1107 37.12 -40.02 14.80
CA SER A 1107 38.45 -40.07 14.22
C SER A 1107 39.09 -38.70 14.13
N TYR A 1108 40.41 -38.68 14.07
CA TYR A 1108 41.14 -37.44 13.98
C TYR A 1108 42.46 -37.71 13.28
N ILE A 1109 43.06 -36.66 12.74
CA ILE A 1109 44.29 -36.77 11.97
C ILE A 1109 45.57 -36.46 12.75
N LYS A 1110 46.54 -37.35 12.61
CA LYS A 1110 47.83 -37.17 13.26
C LYS A 1110 48.91 -37.43 12.22
N LEU A 1111 49.94 -36.59 12.21
CA LEU A 1111 51.06 -36.79 11.29
C LEU A 1111 51.82 -38.03 11.77
N LYS A 1112 51.84 -39.06 10.93
CA LYS A 1112 52.55 -40.30 11.28
C LYS A 1112 54.03 -40.02 11.51
N LYS A 1113 54.59 -40.63 12.54
CA LYS A 1113 55.98 -40.40 12.90
C LYS A 1113 56.97 -40.64 11.77
N ASP A 1114 56.94 -41.83 11.18
CA ASP A 1114 57.88 -42.17 10.12
C ASP A 1114 57.64 -41.56 8.74
N SER A 1115 56.37 -41.45 8.33
CA SER A 1115 56.04 -40.95 7.00
C SER A 1115 55.28 -39.63 6.90
N PRO A 1116 55.36 -38.98 5.73
CA PRO A 1116 54.70 -37.71 5.45
C PRO A 1116 53.20 -37.91 5.20
N VAL A 1117 52.61 -38.83 5.94
CA VAL A 1117 51.19 -39.12 5.82
C VAL A 1117 50.44 -38.80 7.12
N GLY A 1118 49.14 -38.61 7.00
CA GLY A 1118 48.35 -38.33 8.18
C GLY A 1118 47.56 -39.58 8.49
N GLU A 1119 47.84 -40.19 9.64
CA GLU A 1119 47.13 -41.40 10.03
C GLU A 1119 45.85 -41.00 10.76
N ILE A 1120 44.85 -41.87 10.76
CA ILE A 1120 43.58 -41.58 11.41
C ILE A 1120 43.48 -42.35 12.71
N LEU A 1121 43.45 -41.64 13.84
CA LEU A 1121 43.36 -42.28 15.15
C LEU A 1121 42.03 -42.00 15.83
N THR A 1122 41.69 -42.84 16.81
CA THR A 1122 40.45 -42.72 17.57
C THR A 1122 40.51 -41.63 18.62
N ARG A 1123 39.45 -40.83 18.69
CA ARG A 1123 39.40 -39.76 19.69
C ARG A 1123 39.37 -40.35 21.09
N SER A 1124 40.09 -39.71 22.00
CA SER A 1124 40.08 -40.16 23.38
C SER A 1124 38.76 -39.62 23.96
N LYS A 1125 38.29 -40.21 25.04
CA LYS A 1125 37.01 -39.79 25.62
C LYS A 1125 37.06 -39.24 27.04
N TYR A 1126 35.89 -38.78 27.51
CA TYR A 1126 35.72 -38.26 28.87
C TYR A 1126 36.32 -39.29 29.81
N ASN A 1127 37.29 -38.86 30.62
CA ASN A 1127 37.99 -39.75 31.55
C ASN A 1127 37.38 -39.96 32.93
N GLN A 1128 36.81 -38.93 33.53
CA GLN A 1128 36.22 -39.06 34.85
C GLN A 1128 35.11 -40.11 34.89
N ASN A 1129 34.46 -40.24 36.04
CA ASN A 1129 33.43 -41.26 36.21
C ASN A 1129 31.98 -40.84 36.30
N SER A 1130 31.66 -39.57 36.03
CA SER A 1130 30.27 -39.14 36.13
C SER A 1130 29.33 -40.00 35.28
N LYS A 1131 28.17 -40.34 35.84
CA LYS A 1131 27.19 -41.15 35.12
C LYS A 1131 26.35 -40.26 34.19
N TYR A 1132 26.44 -38.96 34.40
CA TYR A 1132 25.67 -38.00 33.62
C TYR A 1132 26.28 -37.57 32.31
N ILE A 1133 27.58 -37.76 32.14
CA ILE A 1133 28.21 -37.30 30.91
C ILE A 1133 29.21 -38.18 30.17
N ASN A 1134 29.22 -37.99 28.85
CA ASN A 1134 30.14 -38.68 27.97
C ASN A 1134 30.30 -37.87 26.69
N TYR A 1135 31.51 -37.87 26.16
CA TYR A 1135 31.83 -37.14 24.95
C TYR A 1135 33.23 -37.55 24.48
N ARG A 1136 33.60 -37.11 23.29
CA ARG A 1136 34.93 -37.39 22.74
C ARG A 1136 35.68 -36.08 22.74
N ASP A 1137 36.99 -36.14 22.86
CA ASP A 1137 37.79 -34.94 22.87
C ASP A 1137 37.81 -34.32 21.50
N LEU A 1138 37.73 -32.98 21.47
CA LEU A 1138 37.69 -32.26 20.21
C LEU A 1138 39.01 -31.55 19.97
N TYR A 1139 39.70 -31.24 21.05
CA TYR A 1139 40.98 -30.54 20.94
C TYR A 1139 42.11 -31.56 20.85
N ILE A 1140 42.22 -32.22 19.71
CA ILE A 1140 43.23 -33.24 19.51
C ILE A 1140 43.60 -33.31 18.02
N GLY A 1141 44.66 -34.03 17.70
CA GLY A 1141 45.10 -34.14 16.32
C GLY A 1141 45.90 -32.90 15.95
N GLU A 1142 46.33 -32.80 14.69
CA GLU A 1142 47.11 -31.65 14.30
C GLU A 1142 46.31 -30.36 14.40
N LYS A 1143 47.02 -29.25 14.53
CA LYS A 1143 46.36 -27.94 14.58
C LYS A 1143 46.54 -27.35 13.19
N PHE A 1144 45.46 -27.28 12.43
CA PHE A 1144 45.54 -26.72 11.08
C PHE A 1144 45.28 -25.24 11.08
N ILE A 1145 45.54 -24.63 9.93
CA ILE A 1145 45.29 -23.21 9.80
C ILE A 1145 45.13 -22.96 8.31
N ILE A 1146 44.04 -22.32 7.95
CA ILE A 1146 43.74 -22.04 6.56
C ILE A 1146 44.38 -20.75 6.11
N ARG A 1147 45.18 -20.83 5.04
CA ARG A 1147 45.88 -19.69 4.46
C ARG A 1147 45.28 -19.33 3.11
N ARG A 1148 45.20 -18.04 2.84
CA ARG A 1148 44.63 -17.54 1.60
C ARG A 1148 45.61 -17.76 0.45
N LYS A 1149 45.08 -17.92 -0.77
CA LYS A 1149 45.92 -18.12 -1.94
C LYS A 1149 46.27 -16.82 -2.67
N SER A 1150 45.25 -16.13 -3.19
CA SER A 1150 45.47 -14.88 -3.94
C SER A 1150 45.90 -13.68 -3.10
N ASN A 1151 45.83 -12.51 -3.73
CA ASN A 1151 46.20 -11.21 -3.14
C ASN A 1151 46.99 -11.29 -1.83
N SER A 1152 48.27 -10.93 -1.93
CA SER A 1152 49.17 -10.96 -0.77
C SER A 1152 49.04 -9.72 0.13
N GLN A 1153 47.97 -9.71 0.93
CA GLN A 1153 47.72 -8.62 1.88
C GLN A 1153 48.03 -9.15 3.28
N SER A 1154 49.23 -9.71 3.42
CA SER A 1154 49.74 -10.29 4.68
C SER A 1154 48.88 -11.44 5.24
N ILE A 1155 49.24 -11.93 6.42
CA ILE A 1155 48.51 -13.02 7.06
C ILE A 1155 47.95 -12.63 8.43
N ASN A 1156 47.02 -11.68 8.42
CA ASN A 1156 46.36 -11.19 9.64
C ASN A 1156 45.17 -12.06 10.05
N ASP A 1157 44.08 -11.96 9.29
CA ASP A 1157 42.85 -12.73 9.53
C ASP A 1157 41.75 -12.21 8.61
N ASP A 1158 40.82 -13.09 8.21
CA ASP A 1158 39.73 -12.69 7.33
C ASP A 1158 38.75 -13.87 7.18
N ILE A 1159 37.64 -13.66 6.47
CA ILE A 1159 36.63 -14.69 6.29
C ILE A 1159 36.80 -15.58 5.07
N VAL A 1160 36.52 -16.87 5.25
CA VAL A 1160 36.62 -17.86 4.19
C VAL A 1160 35.28 -18.03 3.45
N ARG A 1161 35.26 -17.71 2.16
CA ARG A 1161 34.03 -17.83 1.39
C ARG A 1161 34.01 -19.02 0.45
N LYS A 1162 32.81 -19.52 0.18
CA LYS A 1162 32.63 -20.65 -0.72
C LYS A 1162 33.37 -20.39 -2.02
N GLU A 1163 33.97 -21.44 -2.59
CA GLU A 1163 34.72 -21.35 -3.84
C GLU A 1163 36.09 -20.68 -3.72
N ASP A 1164 36.51 -20.33 -2.51
CA ASP A 1164 37.83 -19.72 -2.33
C ASP A 1164 38.98 -20.70 -2.54
N TYR A 1165 40.12 -20.19 -2.99
CA TYR A 1165 41.29 -21.03 -3.19
C TYR A 1165 42.16 -20.82 -1.99
N ILE A 1166 42.57 -21.92 -1.37
CA ILE A 1166 43.37 -21.85 -0.15
C ILE A 1166 44.46 -22.91 -0.08
N TYR A 1167 45.28 -22.77 0.95
CA TYR A 1167 46.32 -23.72 1.26
C TYR A 1167 45.83 -24.27 2.60
N LEU A 1168 45.92 -25.57 2.79
CA LEU A 1168 45.52 -26.18 4.05
C LEU A 1168 46.82 -26.60 4.72
N ASP A 1169 47.23 -25.83 5.72
CA ASP A 1169 48.46 -26.08 6.45
C ASP A 1169 48.19 -26.52 7.88
N PHE A 1170 49.26 -26.88 8.58
CA PHE A 1170 49.18 -27.30 9.97
C PHE A 1170 50.53 -27.07 10.64
N PHE A 1171 50.55 -27.10 11.97
CA PHE A 1171 51.78 -26.87 12.68
C PHE A 1171 52.43 -28.16 13.13
N ASN A 1172 53.71 -28.27 12.82
CA ASN A 1172 54.49 -29.43 13.22
C ASN A 1172 55.65 -28.79 13.97
N LEU A 1173 55.58 -28.87 15.29
CA LEU A 1173 56.61 -28.29 16.13
C LEU A 1173 56.56 -26.79 15.92
N ASN A 1174 57.71 -26.22 15.59
CA ASN A 1174 57.85 -24.78 15.37
C ASN A 1174 57.59 -24.39 13.91
N GLN A 1175 57.38 -25.38 13.06
CA GLN A 1175 57.15 -25.13 11.63
C GLN A 1175 55.70 -25.19 11.18
N GLU A 1176 55.45 -24.59 10.01
CA GLU A 1176 54.14 -24.60 9.42
C GLU A 1176 54.29 -25.47 8.18
N TRP A 1177 53.57 -26.58 8.15
CA TRP A 1177 53.61 -27.51 7.03
C TRP A 1177 52.39 -27.35 6.14
N ARG A 1178 52.30 -28.15 5.08
CA ARG A 1178 51.18 -28.03 4.15
C ARG A 1178 50.65 -29.38 3.70
N VAL A 1179 49.39 -29.37 3.23
CA VAL A 1179 48.75 -30.58 2.74
C VAL A 1179 48.89 -30.58 1.22
N TYR A 1180 49.38 -31.70 0.67
CA TYR A 1180 49.60 -31.82 -0.77
C TYR A 1180 49.09 -33.11 -1.37
N THR A 1181 48.97 -33.12 -2.70
CA THR A 1181 48.54 -34.30 -3.47
C THR A 1181 49.58 -34.57 -4.57
N TYR A 1182 50.17 -35.76 -4.58
CA TYR A 1182 51.13 -36.12 -5.62
C TYR A 1182 50.34 -36.10 -6.91
N LYS A 1183 50.75 -35.27 -7.85
CA LYS A 1183 50.08 -35.12 -9.14
C LYS A 1183 49.87 -36.37 -9.98
N TYR A 1184 50.78 -37.34 -9.89
CA TYR A 1184 50.68 -38.50 -10.75
C TYR A 1184 50.19 -39.85 -10.24
N PHE A 1185 48.96 -39.91 -9.75
CA PHE A 1185 48.43 -41.20 -9.30
C PHE A 1185 47.35 -41.64 -10.30
N LYS A 1186 47.17 -42.94 -10.45
CA LYS A 1186 46.20 -43.45 -11.42
C LYS A 1186 45.03 -44.25 -10.83
N LYS A 1187 45.05 -44.48 -9.52
CA LYS A 1187 43.96 -45.21 -8.87
C LYS A 1187 42.89 -44.22 -8.46
N GLU A 1188 41.75 -44.73 -8.02
CA GLU A 1188 40.64 -43.88 -7.61
C GLU A 1188 41.07 -42.94 -6.48
N GLU A 1189 42.03 -43.39 -5.67
CA GLU A 1189 42.51 -42.54 -4.58
C GLU A 1189 43.96 -42.79 -4.17
N GLU A 1190 44.42 -41.98 -3.24
CA GLU A 1190 45.77 -42.08 -2.70
C GLU A 1190 45.87 -41.25 -1.41
N LYS A 1191 46.93 -41.50 -0.65
CA LYS A 1191 47.18 -40.79 0.60
C LYS A 1191 47.73 -39.42 0.28
N LEU A 1192 47.40 -38.44 1.12
CA LEU A 1192 47.88 -37.07 0.94
C LEU A 1192 49.33 -36.97 1.39
N PHE A 1193 50.06 -36.00 0.86
CA PHE A 1193 51.46 -35.81 1.22
C PHE A 1193 51.57 -34.61 2.16
N LEU A 1194 52.07 -34.84 3.36
CA LEU A 1194 52.22 -33.77 4.36
C LEU A 1194 53.70 -33.44 4.57
N ALA A 1195 54.09 -32.21 4.31
CA ALA A 1195 55.48 -31.83 4.46
C ALA A 1195 55.62 -30.32 4.50
N PRO A 1196 56.83 -29.83 4.84
CA PRO A 1196 57.08 -28.40 4.90
C PRO A 1196 56.56 -27.68 3.67
N ILE A 1197 56.43 -26.36 3.78
CA ILE A 1197 55.95 -25.55 2.68
C ILE A 1197 57.03 -25.42 1.61
N SER A 1198 56.61 -25.64 0.36
CA SER A 1198 57.55 -25.57 -0.75
C SER A 1198 56.80 -25.62 -2.05
N ASP A 1199 57.49 -25.29 -3.14
CA ASP A 1199 56.85 -25.32 -4.45
C ASP A 1199 57.40 -26.48 -5.25
N SER A 1200 56.63 -27.57 -5.31
CA SER A 1200 57.07 -28.72 -6.07
C SER A 1200 56.29 -28.89 -7.36
N ASP A 1201 57.01 -29.34 -8.36
CA ASP A 1201 56.49 -29.57 -9.70
C ASP A 1201 55.59 -30.81 -9.69
N GLU A 1202 55.87 -31.75 -8.79
CA GLU A 1202 55.13 -33.01 -8.70
C GLU A 1202 53.94 -33.04 -7.74
N PHE A 1203 53.60 -31.91 -7.13
CA PHE A 1203 52.50 -31.88 -6.18
C PHE A 1203 51.51 -30.73 -6.36
N TYR A 1204 50.23 -31.02 -6.11
CA TYR A 1204 49.20 -30.00 -6.16
C TYR A 1204 49.18 -29.47 -4.72
N ASN A 1205 49.23 -28.15 -4.55
CA ASN A 1205 49.24 -27.56 -3.22
C ASN A 1205 48.09 -26.58 -3.00
N THR A 1206 47.26 -26.41 -4.02
CA THR A 1206 46.13 -25.49 -3.96
C THR A 1206 44.78 -26.18 -3.79
N ILE A 1207 44.00 -25.73 -2.82
CA ILE A 1207 42.68 -26.31 -2.56
C ILE A 1207 41.56 -25.29 -2.74
N GLN A 1208 40.40 -25.77 -3.17
CA GLN A 1208 39.26 -24.89 -3.31
C GLN A 1208 38.21 -25.38 -2.32
N ILE A 1209 37.82 -24.54 -1.38
CA ILE A 1209 36.85 -24.93 -0.39
C ILE A 1209 35.43 -24.87 -1.00
N LYS A 1210 34.71 -25.98 -0.89
CA LYS A 1210 33.38 -26.09 -1.48
C LYS A 1210 32.21 -26.19 -0.50
N GLU A 1211 31.01 -26.32 -1.06
CA GLU A 1211 29.77 -26.51 -0.31
C GLU A 1211 28.76 -27.09 -1.28
N TYR A 1212 28.69 -28.42 -1.32
CA TYR A 1212 27.80 -29.15 -2.19
C TYR A 1212 26.43 -29.39 -1.58
N ASP A 1213 26.28 -29.12 -0.29
CA ASP A 1213 24.99 -29.31 0.39
C ASP A 1213 24.13 -28.08 0.16
N GLU A 1214 22.90 -28.29 -0.30
CA GLU A 1214 21.99 -27.18 -0.53
C GLU A 1214 21.36 -26.74 0.79
N GLN A 1215 21.22 -27.70 1.72
CA GLN A 1215 20.63 -27.45 3.02
C GLN A 1215 21.67 -26.99 4.04
N PRO A 1216 21.21 -26.39 5.17
CA PRO A 1216 22.12 -25.91 6.21
C PRO A 1216 23.03 -27.00 6.74
N THR A 1217 24.29 -26.65 6.96
CA THR A 1217 25.27 -27.59 7.47
C THR A 1217 26.53 -26.82 7.85
N TYR A 1218 27.27 -27.34 8.80
CA TYR A 1218 28.52 -26.70 9.20
C TYR A 1218 29.68 -27.48 8.55
N SER A 1219 29.34 -28.56 7.85
CA SER A 1219 30.32 -29.37 7.13
C SER A 1219 30.69 -28.63 5.84
N CYS A 1220 31.89 -28.88 5.33
CA CYS A 1220 32.34 -28.29 4.07
C CYS A 1220 33.25 -29.31 3.39
N GLN A 1221 33.45 -29.18 2.08
CA GLN A 1221 34.32 -30.11 1.37
C GLN A 1221 35.55 -29.41 0.79
N LEU A 1222 36.63 -30.17 0.61
CA LEU A 1222 37.87 -29.62 0.09
C LEU A 1222 38.25 -30.30 -1.24
N LEU A 1223 38.30 -29.49 -2.29
CA LEU A 1223 38.59 -29.97 -3.64
C LEU A 1223 39.96 -29.61 -4.19
N PHE A 1224 40.56 -30.59 -4.86
CA PHE A 1224 41.85 -30.41 -5.51
C PHE A 1224 41.60 -30.37 -7.01
N LYS A 1225 42.01 -29.30 -7.67
CA LYS A 1225 41.86 -29.21 -9.11
C LYS A 1225 43.25 -29.03 -9.71
N LYS A 1226 43.36 -29.21 -11.03
CA LYS A 1226 44.65 -29.07 -11.71
C LYS A 1226 45.18 -27.66 -11.50
N ASP A 1227 44.26 -26.70 -11.45
CA ASP A 1227 44.56 -25.29 -11.24
C ASP A 1227 43.26 -24.52 -11.39
N GLU A 1228 43.11 -23.42 -10.65
CA GLU A 1228 41.91 -22.60 -10.68
C GLU A 1228 41.09 -22.64 -11.97
N GLU A 1229 41.67 -22.08 -13.04
CA GLU A 1229 41.00 -22.01 -14.33
C GLU A 1229 40.52 -23.36 -14.88
N SER A 1230 41.35 -24.39 -14.72
CA SER A 1230 41.02 -25.73 -15.20
C SER A 1230 39.64 -26.22 -14.79
N THR A 1231 39.24 -27.36 -15.34
CA THR A 1231 37.97 -28.00 -15.02
C THR A 1231 38.31 -29.44 -14.71
N ASP A 1232 39.59 -29.67 -14.49
CA ASP A 1232 40.12 -31.00 -14.18
C ASP A 1232 40.14 -31.18 -12.65
N GLU A 1233 39.18 -31.96 -12.17
CA GLU A 1233 39.05 -32.22 -10.73
C GLU A 1233 39.85 -33.42 -10.25
N ILE A 1234 40.95 -33.14 -9.55
CA ILE A 1234 41.83 -34.18 -9.04
C ILE A 1234 41.09 -35.05 -8.03
N GLY A 1235 40.29 -34.42 -7.17
CA GLY A 1235 39.55 -35.17 -6.16
C GLY A 1235 39.19 -34.36 -4.92
N LEU A 1236 38.57 -35.04 -3.96
CA LEU A 1236 38.15 -34.42 -2.70
C LEU A 1236 38.83 -35.09 -1.51
N ILE A 1237 39.30 -34.28 -0.56
CA ILE A 1237 39.95 -34.80 0.64
C ILE A 1237 38.97 -35.60 1.50
N GLY A 1238 39.41 -36.76 1.97
CA GLY A 1238 38.55 -37.60 2.79
C GLY A 1238 39.38 -38.58 3.61
N ILE A 1239 38.83 -39.77 3.86
CA ILE A 1239 39.51 -40.80 4.62
C ILE A 1239 39.27 -42.16 3.97
N HIS A 1240 40.34 -42.93 3.76
CA HIS A 1240 40.21 -44.23 3.14
C HIS A 1240 40.80 -45.34 3.99
N ARG A 1241 40.24 -46.54 3.86
CA ARG A 1241 40.71 -47.69 4.62
C ARG A 1241 41.67 -48.52 3.77
N PHE A 1242 42.85 -48.82 4.31
CA PHE A 1242 43.85 -49.62 3.62
C PHE A 1242 44.11 -50.89 4.38
N TYR A 1243 44.75 -51.85 3.73
CA TYR A 1243 45.07 -53.10 4.41
C TYR A 1243 46.57 -53.19 4.48
N GLU A 1244 47.07 -53.51 5.68
CA GLU A 1244 48.50 -53.63 5.87
C GLU A 1244 48.81 -55.01 6.41
N SER A 1245 49.74 -55.69 5.74
CA SER A 1245 50.13 -57.02 6.11
C SER A 1245 51.65 -57.10 6.13
N GLY A 1246 52.23 -56.77 7.27
CA GLY A 1246 53.68 -56.81 7.41
C GLY A 1246 54.21 -58.12 7.96
N ILE A 1247 55.51 -58.19 8.19
CA ILE A 1247 56.11 -59.43 8.72
C ILE A 1247 55.62 -59.70 10.14
N VAL A 1248 55.21 -58.65 10.83
CA VAL A 1248 54.74 -58.78 12.20
C VAL A 1248 53.26 -58.50 12.37
N PHE A 1249 52.80 -57.38 11.83
CA PHE A 1249 51.40 -57.02 11.97
C PHE A 1249 50.57 -57.26 10.72
N GLU A 1250 49.27 -57.41 10.93
CA GLU A 1250 48.29 -57.66 9.88
C GLU A 1250 46.99 -57.00 10.32
N GLU A 1251 46.65 -55.88 9.69
CA GLU A 1251 45.46 -55.13 10.07
C GLU A 1251 45.08 -54.07 9.04
N TYR A 1252 43.93 -53.43 9.26
CA TYR A 1252 43.44 -52.37 8.37
C TYR A 1252 43.72 -51.03 9.04
N LYS A 1253 44.04 -50.03 8.23
CA LYS A 1253 44.34 -48.69 8.75
C LYS A 1253 43.84 -47.57 7.84
N ASP A 1254 43.09 -46.63 8.40
CA ASP A 1254 42.55 -45.49 7.66
C ASP A 1254 43.54 -44.33 7.62
N TYR A 1255 43.68 -43.71 6.45
CA TYR A 1255 44.59 -42.58 6.31
C TYR A 1255 43.89 -41.36 5.72
N PHE A 1256 44.53 -40.20 5.87
CA PHE A 1256 44.05 -38.91 5.38
C PHE A 1256 44.34 -38.88 3.88
N CYS A 1257 43.29 -39.09 3.06
CA CYS A 1257 43.44 -39.16 1.60
C CYS A 1257 42.69 -38.15 0.75
N ILE A 1258 42.70 -38.44 -0.55
CA ILE A 1258 42.01 -37.66 -1.59
C ILE A 1258 41.42 -38.72 -2.53
N SER A 1259 40.16 -38.56 -2.90
CA SER A 1259 39.50 -39.54 -3.76
C SER A 1259 38.63 -38.89 -4.81
N LYS A 1260 38.61 -39.49 -5.99
CA LYS A 1260 37.80 -39.00 -7.09
C LYS A 1260 36.41 -39.57 -6.91
N TRP A 1261 36.32 -40.63 -6.13
CA TRP A 1261 35.06 -41.30 -5.87
C TRP A 1261 34.03 -40.34 -5.27
N TYR A 1262 34.49 -39.39 -4.47
CA TYR A 1262 33.60 -38.43 -3.84
C TYR A 1262 32.95 -37.50 -4.85
N LEU A 1263 33.70 -37.16 -5.91
CA LEU A 1263 33.20 -36.26 -6.93
C LEU A 1263 31.76 -36.55 -7.38
N LYS A 1264 31.38 -37.83 -7.49
CA LYS A 1264 30.03 -38.16 -7.92
C LYS A 1264 29.06 -38.40 -6.79
N GLU A 1265 29.57 -38.62 -5.57
CA GLU A 1265 28.68 -38.86 -4.44
C GLU A 1265 28.03 -37.58 -3.94
N VAL A 1266 28.78 -36.49 -3.97
CA VAL A 1266 28.30 -35.20 -3.49
C VAL A 1266 27.15 -34.62 -4.32
N LYS A 1267 26.92 -35.17 -5.51
CA LYS A 1267 25.84 -34.69 -6.37
C LYS A 1267 24.53 -35.35 -6.02
N ARG A 1268 24.59 -36.50 -5.37
CA ARG A 1268 23.37 -37.20 -5.01
C ARG A 1268 22.48 -36.36 -4.11
N LYS A 1269 21.18 -36.62 -4.20
CA LYS A 1269 20.18 -35.92 -3.40
C LYS A 1269 19.29 -36.99 -2.77
N PRO A 1270 18.96 -36.83 -1.48
CA PRO A 1270 19.38 -35.70 -0.64
C PRO A 1270 20.88 -35.81 -0.41
N TYR A 1271 21.50 -34.69 -0.03
CA TYR A 1271 22.94 -34.67 0.23
C TYR A 1271 23.29 -35.64 1.34
N ASN A 1272 24.26 -36.51 1.09
CA ASN A 1272 24.67 -37.49 2.09
C ASN A 1272 25.71 -36.92 3.05
N LEU A 1273 25.23 -36.46 4.19
CA LEU A 1273 26.06 -35.85 5.24
C LEU A 1273 27.12 -36.79 5.78
N LYS A 1274 26.90 -38.09 5.64
CA LYS A 1274 27.85 -39.06 6.16
C LYS A 1274 29.06 -39.33 5.27
N LEU A 1275 29.16 -38.65 4.14
CA LEU A 1275 30.30 -38.88 3.27
C LEU A 1275 31.58 -38.57 4.05
N GLY A 1276 32.66 -39.29 3.71
CA GLY A 1276 33.93 -39.08 4.37
C GLY A 1276 34.61 -37.81 3.92
N CYS A 1277 34.00 -37.13 2.94
CA CYS A 1277 34.59 -35.90 2.43
C CYS A 1277 34.04 -34.62 3.08
N ASN A 1278 33.14 -34.77 4.06
CA ASN A 1278 32.57 -33.66 4.81
C ASN A 1278 33.44 -33.36 6.03
N TRP A 1279 33.97 -32.15 6.11
CA TRP A 1279 34.82 -31.75 7.22
C TRP A 1279 34.28 -30.52 7.93
N GLN A 1280 34.72 -30.35 9.17
CA GLN A 1280 34.33 -29.22 9.99
C GLN A 1280 35.55 -28.79 10.78
N PHE A 1281 35.73 -27.50 10.95
CA PHE A 1281 36.90 -26.99 11.66
C PHE A 1281 36.54 -26.58 13.09
N ILE A 1282 37.26 -27.14 14.04
CA ILE A 1282 37.01 -26.91 15.45
C ILE A 1282 38.06 -26.08 16.16
N PRO A 1283 37.76 -24.81 16.45
CA PRO A 1283 38.77 -23.99 17.14
C PRO A 1283 38.48 -23.99 18.63
N LYS A 1284 39.49 -23.66 19.43
CA LYS A 1284 39.30 -23.57 20.88
C LYS A 1284 38.19 -22.56 21.18
N ASP A 1285 37.27 -22.94 22.07
CA ASP A 1285 36.16 -22.07 22.41
C ASP A 1285 35.87 -22.14 23.90
N GLU A 1286 35.81 -20.98 24.53
CA GLU A 1286 35.53 -20.91 25.96
C GLU A 1286 34.29 -21.71 26.32
N GLY A 1287 33.41 -21.90 25.34
CA GLY A 1287 32.20 -22.66 25.57
C GLY A 1287 32.38 -24.16 25.61
N TRP A 1288 33.59 -24.64 25.32
CA TRP A 1288 33.85 -26.06 25.35
C TRP A 1288 35.21 -26.35 25.98
N THR A 1289 35.18 -26.97 27.16
CA THR A 1289 36.41 -27.33 27.89
C THR A 1289 36.38 -28.83 28.13
N GLU A 1290 37.55 -29.46 28.09
CA GLU A 1290 37.66 -30.91 28.28
C GLU A 1290 38.92 -31.33 29.02
ZN ZN B . -18.61 16.59 -9.91
ZN ZN C . -5.41 15.71 -6.53
C1 BAB D . -9.92 16.44 -9.85
C2 BAB D . -9.67 17.19 -8.68
C3 BAB D . -8.35 17.40 -8.25
C4 BAB D . -7.34 16.84 -8.99
C5 BAB D . -7.59 16.11 -10.12
C6 BAB D . -8.86 15.89 -10.57
C7 BAB D . -11.34 16.22 -10.31
C8 BAB D . -5.25 16.15 -9.82
C9 BAB D . -3.77 15.92 -9.99
N1 BAB D . -11.98 17.16 -11.27
N2 BAB D . -12.10 15.04 -9.80
N3 BAB D . -5.89 16.91 -8.73
N4 BAB D . -6.31 15.64 -10.70
C1' BAB D . -1.45 13.23 -4.95
C2' BAB D . -2.39 12.22 -5.24
C3' BAB D . -3.23 12.34 -6.35
C4' BAB D . -3.10 13.46 -7.14
C5' BAB D . -2.19 14.42 -6.85
C6' BAB D . -1.35 14.35 -5.78
C7' BAB D . -0.55 13.13 -3.75
C8' BAB D . -3.31 15.12 -8.79
N1' BAB D . 0.91 13.00 -3.89
N2' BAB D . -1.13 13.21 -2.39
N3' BAB D . -3.85 13.82 -8.35
N4' BAB D . -2.26 15.50 -7.85
C1 BAB E . 0.47 11.92 -15.28
C2 BAB E . 0.14 13.30 -15.16
C3 BAB E . 0.74 14.08 -14.14
C4 BAB E . 1.63 13.45 -13.29
C5 BAB E . 1.94 12.12 -13.42
C6 BAB E . 1.39 11.33 -14.40
C7 BAB E . -0.14 11.06 -16.36
C8 BAB E . 3.20 12.94 -11.60
C9 BAB E . 4.17 13.06 -10.46
N1 BAB E . 0.20 11.29 -17.81
N2 BAB E . -1.09 9.96 -15.98
N3 BAB E . 2.39 14.04 -12.16
N4 BAB E . 2.94 11.72 -12.39
C1' BAB E . 8.25 17.05 -13.05
C2' BAB E . 8.47 17.39 -11.70
C3' BAB E . 7.76 16.74 -10.69
C4' BAB E . 6.86 15.78 -11.01
C5' BAB E . 6.62 15.42 -12.31
C6' BAB E . 7.29 16.03 -13.38
C7' BAB E . 9.05 17.78 -14.12
C8' BAB E . 5.21 14.08 -10.93
N1' BAB E . 9.95 17.01 -15.05
N2' BAB E . 8.97 19.29 -14.20
N3' BAB E . 6.01 14.98 -10.07
N4' BAB E . 5.59 14.35 -12.36
#